data_4RNL
#
_entry.id   4RNL
#
_cell.length_a   47.425
_cell.length_b   115.800
_cell.length_c   261.345
_cell.angle_alpha   90.00
_cell.angle_beta   90.00
_cell.angle_gamma   90.00
#
_symmetry.space_group_name_H-M   'P 21 21 21'
#
loop_
_entity.id
_entity.type
_entity.pdbx_description
1 polymer 'possible galactose mutarotase'
2 non-polymer GLYCEROL
3 non-polymer 'PHOSPHATE ION'
4 water water
#
_entity_poly.entity_id   1
_entity_poly.type   'polypeptide(L)'
_entity_poly.pdbx_seq_one_letter_code
;SNA(MSE)RTQVSREPFGTLDDGTRVDRWTLESGPAGLRVRVLTYGGIVQTVEAPDRDG(MSE)RGQLALGFADLASYAA
HGGSYFGALVGRYANRIAGASFVLDGRTDALTPNNGRHSLHGGPGGFSRVVWDAREVDGGVQLHRVSPDGEEGFPGALDV
RVTYTLSAGALRIVSCATTDAPTVVNLTNHTYLNLGGDGSGSAAGHELRLAASRYTPVDGTGIPVPGAPAEVTGTRFDFR
AARAVAGAYDHNFALDGGVREAPRTVAELYDPRSGRALALATTEPGLQLYTADHLDGTLTGTSGVPYGPAAGLALETQHF
PDSPNRPDFPSTVLRPGESYRSETVYAFSVR
;
_entity_poly.pdbx_strand_id   A,B,C,D
#
# COMPACT_ATOMS: atom_id res chain seq x y z
N ALA A 3 -23.37 17.03 -1.81
CA ALA A 3 -23.03 18.12 -2.70
C ALA A 3 -22.93 17.65 -4.15
N ARG A 5 -21.21 18.40 -8.07
CA ARG A 5 -19.97 18.95 -8.63
C ARG A 5 -20.20 20.36 -9.14
N THR A 6 -19.25 21.26 -8.91
CA THR A 6 -19.40 22.62 -9.40
C THR A 6 -19.28 22.69 -10.91
N GLN A 7 -20.28 23.29 -11.57
CA GLN A 7 -20.26 23.47 -13.02
CA GLN A 7 -20.26 23.46 -13.01
C GLN A 7 -19.73 24.84 -13.34
N VAL A 8 -18.75 24.92 -14.24
CA VAL A 8 -18.14 26.20 -14.59
C VAL A 8 -18.34 26.45 -16.09
N SER A 9 -18.82 27.64 -16.43
CA SER A 9 -19.13 28.02 -17.80
CA SER A 9 -19.01 28.00 -17.83
C SER A 9 -18.73 29.48 -18.06
N ARG A 10 -18.42 29.82 -19.30
CA ARG A 10 -18.05 31.19 -19.65
C ARG A 10 -18.77 31.62 -20.91
N GLU A 11 -19.27 32.85 -20.92
CA GLU A 11 -19.89 33.42 -22.12
CA GLU A 11 -19.89 33.42 -22.12
C GLU A 11 -19.51 34.90 -22.23
N PRO A 12 -19.55 35.45 -23.46
CA PRO A 12 -19.28 36.89 -23.57
C PRO A 12 -20.32 37.67 -22.79
N PHE A 13 -19.93 38.79 -22.19
CA PHE A 13 -20.84 39.62 -21.40
C PHE A 13 -20.98 41.03 -21.98
N GLY A 14 -20.15 41.33 -22.99
CA GLY A 14 -20.27 42.57 -23.74
C GLY A 14 -18.92 43.23 -23.95
N THR A 15 -18.92 44.50 -24.38
CA THR A 15 -17.66 45.23 -24.55
C THR A 15 -17.72 46.56 -23.82
N LEU A 16 -16.60 46.96 -23.24
CA LEU A 16 -16.47 48.30 -22.66
C LEU A 16 -16.51 49.32 -23.78
N ASP A 17 -16.65 50.59 -23.41
CA ASP A 17 -16.69 51.65 -24.40
C ASP A 17 -15.48 51.61 -25.35
N ASP A 18 -14.30 51.30 -24.81
CA ASP A 18 -13.09 51.25 -25.64
C ASP A 18 -12.97 49.99 -26.49
N GLY A 19 -13.95 49.10 -26.36
CA GLY A 19 -14.01 47.93 -27.22
C GLY A 19 -13.46 46.68 -26.56
N THR A 20 -12.96 46.82 -25.33
CA THR A 20 -12.39 45.67 -24.64
C THR A 20 -13.48 44.65 -24.31
N ARG A 21 -13.27 43.40 -24.73
CA ARG A 21 -14.26 42.36 -24.46
C ARG A 21 -14.27 41.91 -23.00
N VAL A 22 -15.45 41.67 -22.46
CA VAL A 22 -15.62 41.22 -21.10
C VAL A 22 -16.39 39.91 -21.12
N ASP A 23 -15.94 38.94 -20.33
CA ASP A 23 -16.61 37.64 -20.22
C ASP A 23 -17.30 37.50 -18.87
N ARG A 24 -18.36 36.70 -18.81
CA ARG A 24 -19.01 36.35 -17.55
C ARG A 24 -18.83 34.87 -17.26
N TRP A 25 -18.28 34.55 -16.09
CA TRP A 25 -18.08 33.16 -15.70
C TRP A 25 -19.16 32.77 -14.71
N THR A 26 -19.78 31.61 -14.95
CA THR A 26 -20.85 31.14 -14.07
C THR A 26 -20.39 29.91 -13.31
N LEU A 27 -20.47 29.99 -11.99
CA LEU A 27 -20.15 28.87 -11.12
C LEU A 27 -21.46 28.38 -10.54
N GLU A 28 -21.78 27.10 -10.73
CA GLU A 28 -23.06 26.55 -10.31
C GLU A 28 -22.89 25.26 -9.53
N SER A 29 -23.39 25.21 -8.29
CA SER A 29 -23.30 24.00 -7.49
C SER A 29 -24.66 23.36 -7.18
N GLY A 30 -25.69 23.75 -7.92
CA GLY A 30 -26.98 23.07 -7.84
C GLY A 30 -27.99 23.79 -6.95
N PRO A 31 -29.24 23.29 -6.92
CA PRO A 31 -30.30 23.98 -6.19
C PRO A 31 -30.02 24.10 -4.68
N ALA A 32 -29.32 23.14 -4.10
CA ALA A 32 -29.00 23.20 -2.68
C ALA A 32 -27.72 24.00 -2.44
N GLY A 33 -27.07 24.40 -3.53
CA GLY A 33 -25.85 25.17 -3.44
C GLY A 33 -26.04 26.59 -3.91
N LEU A 34 -25.07 27.10 -4.66
CA LEU A 34 -25.10 28.49 -5.09
C LEU A 34 -24.97 28.59 -6.59
N ARG A 35 -25.36 29.74 -7.11
CA ARG A 35 -24.91 30.16 -8.43
C ARG A 35 -24.23 31.51 -8.21
N VAL A 36 -22.99 31.60 -8.68
CA VAL A 36 -22.22 32.83 -8.58
C VAL A 36 -21.75 33.17 -9.98
N ARG A 37 -21.89 34.43 -10.37
CA ARG A 37 -21.37 34.87 -11.66
C ARG A 37 -20.31 35.93 -11.46
N VAL A 38 -19.19 35.80 -12.18
CA VAL A 38 -18.03 36.65 -12.01
C VAL A 38 -17.62 37.24 -13.36
N LEU A 39 -17.37 38.54 -13.40
CA LEU A 39 -17.00 39.21 -14.65
C LEU A 39 -15.50 39.41 -14.74
N THR A 40 -14.95 39.33 -15.95
CA THR A 40 -13.53 39.63 -16.11
C THR A 40 -13.26 41.13 -15.95
N TYR A 41 -14.33 41.93 -16.05
CA TYR A 41 -14.19 43.36 -15.76
C TYR A 41 -14.22 43.57 -14.25
N GLY A 42 -13.12 44.08 -13.71
CA GLY A 42 -13.04 44.44 -12.30
C GLY A 42 -13.26 43.28 -11.35
N GLY A 43 -13.12 42.06 -11.85
CA GLY A 43 -13.31 40.86 -11.05
C GLY A 43 -14.66 40.86 -10.35
N ILE A 44 -15.62 41.52 -10.98
CA ILE A 44 -16.90 41.82 -10.33
C ILE A 44 -17.73 40.56 -10.07
N VAL A 45 -18.16 40.38 -8.84
CA VAL A 45 -19.15 39.36 -8.54
C VAL A 45 -20.50 39.96 -8.90
N GLN A 46 -21.03 39.55 -10.04
CA GLN A 46 -22.25 40.16 -10.58
C GLN A 46 -23.49 39.67 -9.87
N THR A 47 -23.54 38.37 -9.61
CA THR A 47 -24.68 37.80 -8.88
C THR A 47 -24.28 36.67 -7.94
N VAL A 48 -25.03 36.54 -6.86
CA VAL A 48 -24.89 35.45 -5.90
C VAL A 48 -26.31 34.96 -5.59
N GLU A 49 -26.59 33.69 -5.85
CA GLU A 49 -27.91 33.12 -5.62
C GLU A 49 -27.82 31.96 -4.65
N ALA A 50 -28.72 31.95 -3.66
CA ALA A 50 -28.69 30.98 -2.57
C ALA A 50 -30.12 30.70 -2.12
N PRO A 51 -30.38 29.48 -1.61
CA PRO A 51 -31.75 29.13 -1.19
C PRO A 51 -32.15 29.76 0.14
N ASP A 52 -33.45 30.06 0.29
CA ASP A 52 -34.00 30.47 1.57
C ASP A 52 -34.37 29.23 2.38
N ARG A 53 -35.00 29.41 3.53
CA ARG A 53 -35.32 28.26 4.39
C ARG A 53 -36.35 27.30 3.77
N ASP A 54 -37.08 27.76 2.76
CA ASP A 54 -38.02 26.89 2.04
C ASP A 54 -37.35 26.25 0.82
N GLY A 55 -36.08 26.57 0.62
CA GLY A 55 -35.31 26.01 -0.47
C GLY A 55 -35.37 26.81 -1.75
N ARG A 57 -34.44 29.54 -4.43
CA ARG A 57 -33.28 30.34 -4.84
C ARG A 57 -33.63 31.82 -4.99
N GLY A 58 -32.73 32.70 -4.57
CA GLY A 58 -32.93 34.14 -4.74
C GLY A 58 -31.60 34.85 -4.91
N GLN A 59 -31.62 35.95 -5.67
CA GLN A 59 -30.38 36.69 -5.97
C GLN A 59 -30.14 37.70 -4.87
N LEU A 60 -28.92 37.70 -4.31
CA LEU A 60 -28.65 38.44 -3.08
C LEU A 60 -27.70 39.62 -3.23
N ALA A 61 -26.90 39.64 -4.29
CA ALA A 61 -25.86 40.69 -4.39
C ALA A 61 -26.38 41.97 -5.05
N LEU A 62 -25.98 43.13 -4.54
CA LEU A 62 -26.29 44.38 -5.25
C LEU A 62 -25.48 44.40 -6.53
N GLY A 63 -26.12 44.71 -7.64
CA GLY A 63 -25.42 44.71 -8.91
C GLY A 63 -26.31 45.16 -10.03
N PHE A 64 -25.87 44.93 -11.27
CA PHE A 64 -26.63 45.33 -12.44
C PHE A 64 -26.76 44.14 -13.39
N ALA A 65 -27.81 44.18 -14.19
CA ALA A 65 -28.07 43.13 -15.18
C ALA A 65 -27.09 43.22 -16.35
N ASP A 66 -26.54 44.41 -16.58
CA ASP A 66 -25.79 44.68 -17.80
C ASP A 66 -24.43 45.32 -17.56
N LEU A 67 -23.50 45.08 -18.48
CA LEU A 67 -22.15 45.62 -18.36
C LEU A 67 -22.12 47.15 -18.38
N ALA A 68 -22.92 47.74 -19.25
CA ALA A 68 -22.96 49.20 -19.43
C ALA A 68 -23.20 49.94 -18.11
N SER A 69 -24.06 49.36 -17.26
CA SER A 69 -24.37 49.95 -15.97
C SER A 69 -23.14 49.96 -15.06
N TYR A 70 -22.38 48.87 -15.06
CA TYR A 70 -21.14 48.80 -14.28
C TYR A 70 -20.11 49.80 -14.79
N ALA A 71 -20.01 49.91 -16.10
CA ALA A 71 -19.09 50.85 -16.74
C ALA A 71 -19.42 52.29 -16.37
N ALA A 72 -20.71 52.60 -16.33
CA ALA A 72 -21.19 53.97 -16.10
C ALA A 72 -21.31 54.31 -14.62
N HIS A 73 -21.48 53.30 -13.78
CA HIS A 73 -21.69 53.52 -12.35
C HIS A 73 -20.75 52.72 -11.47
N GLY A 74 -19.45 52.93 -11.65
CA GLY A 74 -18.46 52.19 -10.89
C GLY A 74 -18.26 52.75 -9.48
N GLY A 75 -18.89 53.90 -9.22
CA GLY A 75 -18.71 54.59 -7.94
C GLY A 75 -19.18 53.83 -6.72
N SER A 76 -20.08 52.87 -6.92
CA SER A 76 -20.59 52.05 -5.81
C SER A 76 -19.68 50.87 -5.53
N TYR A 77 -18.79 50.58 -6.47
CA TYR A 77 -17.93 49.40 -6.41
C TYR A 77 -18.71 48.09 -6.22
N PHE A 78 -19.90 47.99 -6.80
CA PHE A 78 -20.70 46.77 -6.68
C PHE A 78 -19.89 45.54 -7.09
N GLY A 79 -19.83 44.55 -6.20
CA GLY A 79 -19.20 43.26 -6.46
C GLY A 79 -17.70 43.23 -6.72
N ALA A 80 -17.03 44.36 -6.54
CA ALA A 80 -15.73 44.56 -7.18
C ALA A 80 -14.52 44.00 -6.45
N LEU A 81 -13.60 43.45 -7.24
CA LEU A 81 -12.24 43.20 -6.79
C LEU A 81 -11.59 44.58 -6.65
N VAL A 82 -11.15 44.93 -5.45
CA VAL A 82 -10.62 46.26 -5.21
C VAL A 82 -9.12 46.22 -4.96
N GLY A 83 -8.38 47.10 -5.61
CA GLY A 83 -6.93 47.19 -5.45
C GLY A 83 -6.42 48.37 -6.27
N ARG A 84 -5.13 48.70 -6.18
CA ARG A 84 -4.11 47.95 -5.46
C ARG A 84 -4.23 48.09 -3.94
N TYR A 85 -4.87 49.16 -3.51
CA TYR A 85 -5.03 49.41 -2.07
C TYR A 85 -6.50 49.72 -1.75
N ALA A 86 -7.14 48.81 -1.01
CA ALA A 86 -8.55 48.98 -0.69
C ALA A 86 -8.72 50.00 0.43
N ASN A 87 -9.79 50.77 0.32
CA ASN A 87 -10.05 51.90 1.23
C ASN A 87 -9.08 53.08 1.04
N ARG A 88 -8.89 53.87 2.09
CA ARG A 88 -8.31 55.20 1.93
C ARG A 88 -6.85 55.32 2.33
N ILE A 89 -6.12 56.13 1.57
CA ILE A 89 -4.78 56.57 1.96
C ILE A 89 -4.84 58.07 2.10
N ALA A 90 -4.57 58.55 3.31
CA ALA A 90 -4.73 59.97 3.61
C ALA A 90 -3.86 60.85 2.72
N GLY A 91 -4.47 61.89 2.16
CA GLY A 91 -3.74 62.90 1.38
C GLY A 91 -3.25 62.39 0.05
N ALA A 92 -3.70 61.20 -0.34
CA ALA A 92 -3.27 60.57 -1.60
C ALA A 92 -1.75 60.52 -1.67
N SER A 93 -1.12 60.19 -0.54
CA SER A 93 0.33 60.17 -0.46
C SER A 93 0.79 59.28 0.68
N PHE A 94 1.93 58.62 0.51
CA PHE A 94 2.56 57.87 1.59
C PHE A 94 4.06 57.73 1.36
N VAL A 95 4.79 57.36 2.40
CA VAL A 95 6.23 57.16 2.29
C VAL A 95 6.56 55.68 2.38
N LEU A 96 7.38 55.20 1.46
CA LEU A 96 7.85 53.81 1.51
C LEU A 96 9.33 53.80 1.20
N ASP A 97 10.10 53.23 2.13
CA ASP A 97 11.55 53.22 2.04
C ASP A 97 12.15 54.59 1.68
N GLY A 98 11.70 55.62 2.40
CA GLY A 98 12.30 56.95 2.28
C GLY A 98 11.81 57.75 1.09
N ARG A 99 10.98 57.12 0.27
CA ARG A 99 10.47 57.71 -0.95
C ARG A 99 8.99 58.08 -0.80
N THR A 100 8.64 59.30 -1.22
CA THR A 100 7.24 59.75 -1.18
C THR A 100 6.52 59.38 -2.47
N ASP A 101 5.42 58.65 -2.33
CA ASP A 101 4.61 58.23 -3.47
C ASP A 101 3.37 59.10 -3.59
N ALA A 102 3.16 59.68 -4.77
CA ALA A 102 2.00 60.53 -5.00
C ALA A 102 0.89 59.80 -5.74
N LEU A 103 -0.30 59.79 -5.17
CA LEU A 103 -1.44 59.11 -5.79
C LEU A 103 -2.44 60.15 -6.28
N THR A 104 -3.39 59.71 -7.11
CA THR A 104 -4.44 60.60 -7.61
C THR A 104 -5.49 60.79 -6.52
N PRO A 105 -5.79 62.06 -6.18
CA PRO A 105 -6.80 62.29 -5.14
C PRO A 105 -8.21 62.13 -5.71
N ASN A 106 -8.75 60.91 -5.66
CA ASN A 106 -10.07 60.65 -6.22
C ASN A 106 -11.19 60.68 -5.17
N ASN A 107 -10.83 60.96 -3.92
CA ASN A 107 -11.80 61.04 -2.84
C ASN A 107 -11.52 62.25 -1.97
N GLY A 108 -11.95 63.42 -2.44
CA GLY A 108 -11.51 64.67 -1.83
C GLY A 108 -10.00 64.74 -1.91
N ARG A 109 -9.34 64.91 -0.77
CA ARG A 109 -7.89 65.03 -0.76
C ARG A 109 -7.22 63.66 -0.76
N HIS A 110 -8.01 62.61 -0.57
CA HIS A 110 -7.48 61.28 -0.32
C HIS A 110 -7.52 60.39 -1.56
N SER A 111 -6.75 59.31 -1.51
CA SER A 111 -6.86 58.23 -2.50
C SER A 111 -7.78 57.14 -1.96
N LEU A 112 -8.71 56.67 -2.79
CA LEU A 112 -9.66 55.63 -2.38
C LEU A 112 -9.64 54.47 -3.35
N HIS A 113 -9.55 53.26 -2.81
CA HIS A 113 -9.74 52.02 -3.57
C HIS A 113 -8.84 51.92 -4.79
N GLY A 114 -7.60 52.40 -4.67
CA GLY A 114 -6.64 52.20 -5.74
C GLY A 114 -6.67 53.23 -6.85
N GLY A 115 -7.53 54.25 -6.74
CA GLY A 115 -7.52 55.33 -7.72
C GLY A 115 -8.57 55.16 -8.81
N PRO A 116 -8.70 56.15 -9.69
CA PRO A 116 -9.73 56.10 -10.73
C PRO A 116 -9.60 54.88 -11.62
N GLY A 117 -8.37 54.48 -11.93
CA GLY A 117 -8.14 53.26 -12.71
C GLY A 117 -7.71 52.08 -11.84
N GLY A 118 -8.29 51.97 -10.64
CA GLY A 118 -8.03 50.83 -9.77
C GLY A 118 -8.45 49.50 -10.36
N PHE A 119 -8.19 48.42 -9.60
CA PHE A 119 -8.40 47.05 -10.07
C PHE A 119 -9.85 46.77 -10.44
N SER A 120 -10.77 47.55 -9.88
CA SER A 120 -12.20 47.32 -10.11
CA SER A 120 -12.21 47.39 -10.10
C SER A 120 -12.65 47.88 -11.47
N ARG A 121 -11.76 48.58 -12.16
CA ARG A 121 -12.12 49.20 -13.44
C ARG A 121 -11.18 48.82 -14.57
N VAL A 122 -10.53 47.65 -14.42
CA VAL A 122 -9.69 47.13 -15.49
C VAL A 122 -10.11 45.69 -15.79
N VAL A 123 -9.75 45.20 -16.98
CA VAL A 123 -10.13 43.85 -17.39
C VAL A 123 -9.01 42.85 -17.06
N TRP A 124 -9.40 41.73 -16.45
CA TRP A 124 -8.48 40.67 -16.04
C TRP A 124 -8.49 39.49 -17.00
N ASP A 125 -7.33 38.84 -17.17
CA ASP A 125 -7.27 37.58 -17.91
C ASP A 125 -7.92 36.51 -17.04
N ALA A 126 -8.63 35.57 -17.66
CA ALA A 126 -9.31 34.54 -16.89
C ALA A 126 -9.01 33.16 -17.42
N ARG A 127 -8.94 32.18 -16.53
CA ARG A 127 -8.90 30.78 -16.97
C ARG A 127 -9.62 29.88 -16.00
N GLU A 128 -10.15 28.78 -16.51
CA GLU A 128 -10.88 27.84 -15.66
C GLU A 128 -9.91 27.09 -14.75
N VAL A 129 -10.30 26.93 -13.49
CA VAL A 129 -9.60 26.05 -12.56
C VAL A 129 -10.63 25.11 -11.97
N ASP A 130 -10.18 24.10 -11.24
CA ASP A 130 -11.12 23.20 -10.58
C ASP A 130 -12.05 23.98 -9.65
N GLY A 131 -13.36 23.87 -9.88
CA GLY A 131 -14.34 24.55 -9.03
C GLY A 131 -14.54 26.04 -9.28
N GLY A 132 -13.90 26.59 -10.30
CA GLY A 132 -14.11 28.00 -10.60
C GLY A 132 -13.24 28.67 -11.66
N VAL A 133 -12.91 29.93 -11.40
CA VAL A 133 -12.16 30.74 -12.34
C VAL A 133 -11.04 31.51 -11.63
N GLN A 134 -9.88 31.57 -12.27
CA GLN A 134 -8.76 32.36 -11.77
C GLN A 134 -8.53 33.58 -12.66
N LEU A 135 -8.57 34.77 -12.05
CA LEU A 135 -8.26 36.01 -12.77
C LEU A 135 -6.79 36.37 -12.55
N HIS A 136 -6.15 36.90 -13.59
CA HIS A 136 -4.73 37.23 -13.50
C HIS A 136 -4.46 38.54 -14.22
N ARG A 137 -3.70 39.42 -13.58
CA ARG A 137 -3.28 40.67 -14.23
C ARG A 137 -2.06 41.23 -13.54
N VAL A 138 -1.09 41.68 -14.32
CA VAL A 138 0.04 42.40 -13.77
C VAL A 138 -0.27 43.89 -13.77
N SER A 139 -0.20 44.51 -12.59
CA SER A 139 -0.34 45.96 -12.48
C SER A 139 1.07 46.54 -12.57
N PRO A 140 1.37 47.28 -13.65
CA PRO A 140 2.76 47.66 -13.85
C PRO A 140 3.27 48.68 -12.84
N ASP A 141 4.59 48.76 -12.72
CA ASP A 141 5.26 49.76 -11.89
C ASP A 141 4.70 51.15 -12.22
N GLY A 142 4.23 51.86 -11.20
CA GLY A 142 3.73 53.21 -11.39
C GLY A 142 2.24 53.31 -11.65
N GLU A 143 1.56 52.17 -11.81
CA GLU A 143 0.12 52.22 -12.07
C GLU A 143 -0.60 52.89 -10.91
N GLU A 144 -1.33 53.96 -11.23
CA GLU A 144 -1.99 54.79 -10.22
C GLU A 144 -1.04 55.31 -9.14
N GLY A 145 0.25 55.40 -9.48
CA GLY A 145 1.23 55.95 -8.56
C GLY A 145 1.90 54.94 -7.64
N PHE A 146 1.40 53.70 -7.61
CA PHE A 146 1.99 52.67 -6.74
C PHE A 146 3.26 52.11 -7.39
N PRO A 147 4.35 51.99 -6.61
CA PRO A 147 5.60 51.50 -7.17
C PRO A 147 5.62 49.98 -7.31
N GLY A 148 6.39 49.48 -8.28
CA GLY A 148 6.54 48.03 -8.43
C GLY A 148 5.49 47.41 -9.33
N ALA A 149 5.92 46.48 -10.18
CA ALA A 149 4.98 45.70 -10.96
C ALA A 149 4.42 44.60 -10.05
N LEU A 150 3.10 44.58 -9.89
CA LEU A 150 2.45 43.62 -9.00
C LEU A 150 1.74 42.55 -9.81
N ASP A 151 2.23 41.31 -9.70
CA ASP A 151 1.67 40.16 -10.41
C ASP A 151 0.56 39.57 -9.54
N VAL A 152 -0.70 39.73 -9.96
CA VAL A 152 -1.83 39.40 -9.09
C VAL A 152 -2.69 38.28 -9.65
N ARG A 153 -3.05 37.32 -8.79
CA ARG A 153 -3.99 36.28 -9.17
C ARG A 153 -5.08 36.19 -8.11
N VAL A 154 -6.33 36.18 -8.56
CA VAL A 154 -7.45 36.08 -7.65
C VAL A 154 -8.31 34.90 -8.12
N THR A 155 -8.50 33.94 -7.22
CA THR A 155 -9.14 32.70 -7.61
C THR A 155 -10.48 32.57 -6.90
N TYR A 156 -11.54 32.44 -7.68
CA TYR A 156 -12.90 32.33 -7.17
C TYR A 156 -13.35 30.88 -7.36
N THR A 157 -13.62 30.17 -6.28
CA THR A 157 -14.12 28.79 -6.41
C THR A 157 -15.36 28.55 -5.57
N LEU A 158 -16.13 27.56 -5.97
CA LEU A 158 -17.40 27.28 -5.32
C LEU A 158 -17.41 25.84 -4.90
N SER A 159 -17.81 25.59 -3.66
CA SER A 159 -18.00 24.23 -3.17
C SER A 159 -19.29 24.21 -2.36
N ALA A 160 -20.30 23.50 -2.85
CA ALA A 160 -21.61 23.47 -2.21
C ALA A 160 -22.14 24.88 -1.95
N GLY A 161 -22.30 25.25 -0.69
CA GLY A 161 -22.84 26.55 -0.36
C GLY A 161 -21.81 27.62 -0.06
N ALA A 162 -20.55 27.35 -0.35
CA ALA A 162 -19.48 28.29 0.03
C ALA A 162 -18.71 28.82 -1.17
N LEU A 163 -18.60 30.15 -1.26
CA LEU A 163 -17.77 30.79 -2.27
C LEU A 163 -16.44 31.18 -1.64
N ARG A 164 -15.34 30.72 -2.23
CA ARG A 164 -14.01 31.02 -1.70
CA ARG A 164 -14.00 30.99 -1.71
C ARG A 164 -13.26 31.95 -2.64
N ILE A 165 -12.66 33.01 -2.09
CA ILE A 165 -11.86 33.92 -2.92
C ILE A 165 -10.46 34.00 -2.33
N VAL A 166 -9.46 33.55 -3.08
CA VAL A 166 -8.07 33.60 -2.62
C VAL A 166 -7.31 34.59 -3.49
N SER A 167 -6.70 35.60 -2.88
CA SER A 167 -5.96 36.60 -3.64
C SER A 167 -4.47 36.42 -3.37
N CYS A 168 -3.67 36.31 -4.43
CA CYS A 168 -2.23 36.09 -4.30
C CYS A 168 -1.48 37.16 -5.09
N ALA A 169 -0.32 37.59 -4.59
CA ALA A 169 0.48 38.55 -5.36
C ALA A 169 1.96 38.45 -5.06
N THR A 170 2.77 38.82 -6.05
CA THR A 170 4.19 39.05 -5.84
C THR A 170 4.54 40.37 -6.52
N THR A 171 5.67 40.95 -6.15
CA THR A 171 6.06 42.27 -6.67
C THR A 171 7.53 42.28 -7.05
N ASP A 172 7.91 43.12 -8.01
CA ASP A 172 9.33 43.25 -8.35
C ASP A 172 10.02 44.41 -7.64
N ALA A 173 9.26 45.14 -6.82
CA ALA A 173 9.83 46.21 -6.01
C ALA A 173 8.90 46.46 -4.82
N PRO A 174 9.45 47.00 -3.71
CA PRO A 174 8.60 47.23 -2.53
C PRO A 174 7.38 48.07 -2.87
N THR A 175 6.23 47.66 -2.33
CA THR A 175 4.97 48.32 -2.62
C THR A 175 4.04 48.09 -1.45
N VAL A 176 2.83 48.63 -1.53
CA VAL A 176 1.79 48.30 -0.58
C VAL A 176 0.66 47.61 -1.34
N VAL A 177 0.01 46.65 -0.68
CA VAL A 177 -1.06 45.85 -1.28
C VAL A 177 -2.12 45.58 -0.23
N ASN A 178 -3.38 45.72 -0.60
CA ASN A 178 -4.51 45.44 0.28
C ASN A 178 -5.70 45.16 -0.62
N LEU A 179 -5.93 43.89 -0.95
CA LEU A 179 -6.99 43.53 -1.88
C LEU A 179 -8.23 43.02 -1.15
N THR A 180 -9.41 43.38 -1.65
CA THR A 180 -10.64 42.90 -1.02
C THR A 180 -11.69 42.72 -2.09
N ASN A 181 -12.81 42.14 -1.70
CA ASN A 181 -13.97 42.12 -2.60
C ASN A 181 -15.08 42.94 -1.98
N HIS A 182 -15.67 43.81 -2.79
CA HIS A 182 -16.61 44.82 -2.31
C HIS A 182 -18.06 44.39 -2.58
N THR A 183 -18.35 43.10 -2.50
CA THR A 183 -19.71 42.61 -2.63
C THR A 183 -20.61 43.22 -1.53
N TYR A 184 -21.79 43.71 -1.91
CA TYR A 184 -22.82 44.06 -0.94
C TYR A 184 -23.90 42.99 -1.02
N LEU A 185 -24.41 42.57 0.13
CA LEU A 185 -25.42 41.52 0.18
C LEU A 185 -26.70 41.99 0.85
N ASN A 186 -27.83 41.57 0.31
CA ASN A 186 -29.09 41.60 1.02
C ASN A 186 -29.60 40.17 1.04
N LEU A 187 -29.57 39.53 2.21
CA LEU A 187 -29.90 38.10 2.31
C LEU A 187 -31.37 37.82 2.07
N GLY A 188 -32.18 38.87 2.02
CA GLY A 188 -33.60 38.74 1.69
C GLY A 188 -33.85 38.95 0.21
N GLY A 189 -32.77 39.22 -0.53
CA GLY A 189 -32.87 39.52 -1.96
C GLY A 189 -32.53 40.98 -2.24
N ASP A 190 -31.82 41.25 -3.34
CA ASP A 190 -31.35 42.62 -3.61
C ASP A 190 -32.48 43.60 -3.83
N GLY A 191 -33.65 43.09 -4.19
CA GLY A 191 -34.79 43.95 -4.43
C GLY A 191 -35.73 44.06 -3.25
N SER A 192 -35.34 43.53 -2.10
CA SER A 192 -36.27 43.40 -0.96
C SER A 192 -36.36 44.63 -0.07
N GLY A 193 -35.63 45.69 -0.41
CA GLY A 193 -35.67 46.90 0.39
C GLY A 193 -34.45 46.98 1.28
N SER A 194 -34.61 47.53 2.49
CA SER A 194 -33.46 47.74 3.38
C SER A 194 -32.89 46.44 3.95
N ALA A 195 -31.57 46.42 4.12
CA ALA A 195 -30.92 45.31 4.80
C ALA A 195 -30.63 45.64 6.27
N ALA A 196 -31.17 46.76 6.76
CA ALA A 196 -30.80 47.21 8.12
C ALA A 196 -31.39 46.32 9.21
N GLY A 197 -32.39 45.52 8.83
CA GLY A 197 -32.98 44.56 9.75
C GLY A 197 -32.19 43.27 9.90
N HIS A 198 -31.17 43.08 9.05
CA HIS A 198 -30.29 41.90 9.19
C HIS A 198 -29.59 41.90 10.53
N GLU A 199 -29.40 40.71 11.10
CA GLU A 199 -28.67 40.59 12.35
C GLU A 199 -27.21 40.28 12.04
N LEU A 200 -26.31 41.04 12.65
CA LEU A 200 -24.88 40.87 12.42
C LEU A 200 -24.18 40.58 13.73
N ARG A 201 -23.31 39.57 13.73
CA ARG A 201 -22.37 39.36 14.82
C ARG A 201 -20.96 39.48 14.26
N LEU A 202 -20.08 40.21 14.95
CA LEU A 202 -18.68 40.33 14.52
C LEU A 202 -17.77 39.87 15.63
N ALA A 203 -16.74 39.12 15.27
CA ALA A 203 -15.73 38.74 16.25
C ALA A 203 -14.71 39.86 16.34
N ALA A 204 -15.15 41.00 16.87
CA ALA A 204 -14.33 42.22 16.93
C ALA A 204 -14.64 43.01 18.20
N SER A 205 -13.63 43.13 19.06
N SER A 205 -13.65 43.13 19.09
CA SER A 205 -13.77 43.87 20.31
CA SER A 205 -13.86 43.87 20.33
C SER A 205 -13.37 45.33 20.16
C SER A 205 -13.41 45.32 20.19
N ARG A 206 -12.73 45.64 19.03
N ARG A 206 -12.85 45.65 19.03
CA ARG A 206 -12.25 47.00 18.77
CA ARG A 206 -12.31 46.99 18.78
C ARG A 206 -12.61 47.47 17.37
C ARG A 206 -12.63 47.47 17.37
N TYR A 207 -12.59 48.79 17.16
CA TYR A 207 -12.84 49.37 15.83
C TYR A 207 -11.94 50.57 15.62
N THR A 208 -11.97 51.12 14.41
CA THR A 208 -11.09 52.22 14.02
C THR A 208 -11.89 53.51 13.85
N PRO A 209 -11.94 54.36 14.89
CA PRO A 209 -12.67 55.63 14.77
C PRO A 209 -12.01 56.52 13.71
N VAL A 210 -12.81 57.27 12.97
CA VAL A 210 -12.28 58.06 11.86
C VAL A 210 -12.74 59.53 11.94
N ASP A 211 -12.05 60.41 11.20
CA ASP A 211 -12.52 61.79 11.07
C ASP A 211 -13.66 61.83 10.06
N GLY A 212 -14.12 63.04 9.73
CA GLY A 212 -15.25 63.19 8.82
C GLY A 212 -15.01 62.69 7.41
N THR A 213 -13.74 62.52 7.03
CA THR A 213 -13.41 62.08 5.67
C THR A 213 -12.96 60.61 5.61
N GLY A 214 -13.09 59.90 6.72
CA GLY A 214 -12.81 58.47 6.76
C GLY A 214 -11.35 58.11 7.06
N ILE A 215 -10.58 59.07 7.56
CA ILE A 215 -9.21 58.77 7.95
C ILE A 215 -9.16 58.47 9.44
N PRO A 216 -8.58 57.32 9.80
CA PRO A 216 -8.48 56.98 11.23
C PRO A 216 -7.79 58.07 12.04
N VAL A 217 -8.38 58.40 13.18
CA VAL A 217 -7.77 59.37 14.09
C VAL A 217 -6.57 58.72 14.74
N PRO A 218 -5.63 59.54 15.24
CA PRO A 218 -4.48 58.99 15.96
C PRO A 218 -4.94 58.12 17.12
N GLY A 219 -4.20 57.06 17.38
CA GLY A 219 -4.52 56.19 18.49
C GLY A 219 -4.76 54.75 18.10
N ALA A 220 -4.60 53.87 19.07
CA ALA A 220 -4.85 52.43 18.89
C ALA A 220 -6.34 52.20 18.66
N PRO A 221 -6.71 51.06 18.05
CA PRO A 221 -8.13 50.76 17.84
C PRO A 221 -8.91 50.87 19.14
N ALA A 222 -10.09 51.51 19.10
CA ALA A 222 -10.87 51.77 20.30
C ALA A 222 -11.80 50.62 20.63
N GLU A 223 -12.06 50.39 21.93
CA GLU A 223 -13.00 49.33 22.33
C GLU A 223 -14.41 49.61 21.84
N VAL A 224 -15.14 48.56 21.45
CA VAL A 224 -16.50 48.75 20.96
C VAL A 224 -17.50 48.79 22.10
N THR A 225 -17.12 48.28 23.27
CA THR A 225 -18.06 48.20 24.39
C THR A 225 -18.66 49.56 24.73
N GLY A 226 -19.98 49.59 24.88
CA GLY A 226 -20.69 50.81 25.25
C GLY A 226 -20.97 51.74 24.08
N THR A 227 -20.53 51.36 22.88
CA THR A 227 -20.74 52.19 21.70
C THR A 227 -21.67 51.52 20.70
N ARG A 228 -22.05 52.27 19.68
CA ARG A 228 -22.91 51.74 18.61
C ARG A 228 -22.17 50.73 17.74
N PHE A 229 -20.88 50.53 17.99
CA PHE A 229 -20.09 49.62 17.16
C PHE A 229 -19.96 48.23 17.79
N ASP A 230 -20.66 48.00 18.89
CA ASP A 230 -20.62 46.69 19.55
C ASP A 230 -21.51 45.68 18.84
N PHE A 231 -20.88 44.77 18.09
CA PHE A 231 -21.58 43.66 17.42
C PHE A 231 -21.09 42.32 17.96
N ARG A 232 -20.58 42.32 19.19
CA ARG A 232 -20.03 41.09 19.74
C ARG A 232 -21.13 40.04 19.96
N ALA A 233 -22.35 40.53 20.22
CA ALA A 233 -23.55 39.68 20.25
C ALA A 233 -24.43 40.05 19.04
N ALA A 234 -24.99 39.04 18.36
CA ALA A 234 -25.77 39.28 17.15
C ALA A 234 -26.88 40.28 17.41
N ARG A 235 -27.02 41.27 16.52
CA ARG A 235 -28.06 42.28 16.66
C ARG A 235 -28.33 42.93 15.31
N ALA A 236 -29.50 43.55 15.16
CA ALA A 236 -29.83 44.25 13.92
C ALA A 236 -28.77 45.31 13.61
N VAL A 237 -28.38 45.42 12.34
CA VAL A 237 -27.41 46.44 11.93
C VAL A 237 -27.95 47.84 12.28
N ALA A 238 -29.18 48.09 11.82
CA ALA A 238 -30.00 49.23 12.28
C ALA A 238 -29.52 50.63 11.89
N GLY A 239 -28.24 50.92 12.07
CA GLY A 239 -27.73 52.25 11.79
C GLY A 239 -26.86 52.31 10.55
N ALA A 240 -26.32 53.50 10.28
CA ALA A 240 -25.39 53.69 9.17
C ALA A 240 -23.98 53.42 9.68
N TYR A 241 -23.20 52.71 8.87
CA TYR A 241 -21.79 52.44 9.18
C TYR A 241 -20.93 52.63 7.95
N ASP A 242 -19.69 53.06 8.17
CA ASP A 242 -18.66 53.04 7.15
C ASP A 242 -17.36 53.00 7.93
N HIS A 243 -17.15 51.87 8.61
CA HIS A 243 -16.12 51.76 9.64
C HIS A 243 -15.39 50.44 9.57
N ASN A 244 -14.10 50.48 9.89
CA ASN A 244 -13.28 49.28 9.98
C ASN A 244 -13.32 48.73 11.40
N PHE A 245 -13.52 47.42 11.51
CA PHE A 245 -13.42 46.71 12.78
C PHE A 245 -12.09 45.97 12.86
N ALA A 246 -11.44 46.03 14.02
CA ALA A 246 -10.23 45.26 14.28
C ALA A 246 -10.63 43.87 14.75
N LEU A 247 -10.53 42.90 13.86
CA LEU A 247 -10.97 41.54 14.17
C LEU A 247 -10.11 40.92 15.24
N ASP A 248 -10.73 40.24 16.19
CA ASP A 248 -9.97 39.57 17.25
C ASP A 248 -9.01 38.55 16.64
N GLY A 249 -7.76 38.57 17.08
CA GLY A 249 -6.76 37.64 16.58
C GLY A 249 -5.90 38.23 15.47
N GLY A 250 -6.31 39.36 14.92
CA GLY A 250 -5.53 40.04 13.89
C GLY A 250 -5.32 39.23 12.61
N VAL A 251 -4.11 39.31 12.05
CA VAL A 251 -3.81 38.57 10.83
C VAL A 251 -3.65 37.09 11.18
N ARG A 252 -4.30 36.22 10.41
N ARG A 252 -4.28 36.22 10.39
CA ARG A 252 -4.22 34.78 10.65
CA ARG A 252 -4.21 34.78 10.64
C ARG A 252 -3.74 34.06 9.39
C ARG A 252 -3.74 34.06 9.39
N GLU A 253 -3.02 32.96 9.57
CA GLU A 253 -2.52 32.20 8.43
C GLU A 253 -3.60 31.36 7.73
N ALA A 254 -4.64 31.01 8.48
CA ALA A 254 -5.76 30.26 7.92
C ALA A 254 -7.03 31.02 8.27
N PRO A 255 -8.05 30.97 7.39
CA PRO A 255 -9.24 31.77 7.67
C PRO A 255 -10.04 31.23 8.86
N ARG A 256 -10.73 32.12 9.56
CA ARG A 256 -11.65 31.72 10.63
C ARG A 256 -12.88 32.60 10.51
N THR A 257 -14.02 32.10 11.00
CA THR A 257 -15.27 32.86 10.92
C THR A 257 -15.17 34.13 11.75
N VAL A 258 -15.43 35.28 11.13
CA VAL A 258 -15.31 36.56 11.83
C VAL A 258 -16.61 37.35 11.81
N ALA A 259 -17.55 36.91 10.97
CA ALA A 259 -18.82 37.60 10.86
C ALA A 259 -19.93 36.63 10.55
N GLU A 260 -21.08 36.84 11.18
CA GLU A 260 -22.28 36.06 10.87
C GLU A 260 -23.41 37.02 10.61
N LEU A 261 -23.98 36.96 9.41
CA LEU A 261 -25.06 37.85 9.02
C LEU A 261 -26.29 36.98 8.78
N TYR A 262 -27.46 37.48 9.20
CA TYR A 262 -28.67 36.67 9.13
C TYR A 262 -29.90 37.52 8.83
N ASP A 263 -30.73 37.04 7.90
CA ASP A 263 -32.04 37.66 7.65
C ASP A 263 -33.17 36.80 8.22
N PRO A 264 -33.81 37.27 9.31
CA PRO A 264 -34.89 36.48 9.90
C PRO A 264 -36.04 36.17 8.95
N ARG A 265 -36.28 37.04 7.96
CA ARG A 265 -37.45 36.88 7.12
C ARG A 265 -37.33 35.66 6.20
N SER A 266 -36.22 35.57 5.49
CA SER A 266 -35.99 34.52 4.49
C SER A 266 -35.32 33.33 5.14
N GLY A 267 -34.65 33.59 6.26
CA GLY A 267 -33.86 32.57 6.92
C GLY A 267 -32.47 32.36 6.38
N ARG A 268 -32.05 33.15 5.38
CA ARG A 268 -30.71 32.99 4.82
C ARG A 268 -29.64 33.48 5.80
N ALA A 269 -28.55 32.72 5.90
CA ALA A 269 -27.46 33.06 6.80
C ALA A 269 -26.14 33.04 6.05
N LEU A 270 -25.25 33.94 6.44
CA LEU A 270 -23.89 33.98 5.90
C LEU A 270 -22.90 33.92 7.05
N ALA A 271 -21.92 33.03 6.90
CA ALA A 271 -20.75 33.02 7.79
C ALA A 271 -19.56 33.42 6.94
N LEU A 272 -18.90 34.50 7.35
CA LEU A 272 -17.78 35.05 6.59
C LEU A 272 -16.49 34.72 7.33
N ALA A 273 -15.59 34.01 6.67
CA ALA A 273 -14.31 33.63 7.27
C ALA A 273 -13.17 34.29 6.50
N THR A 274 -12.12 34.69 7.21
CA THR A 274 -11.03 35.40 6.55
C THR A 274 -9.71 35.27 7.28
N THR A 275 -8.62 35.51 6.54
CA THR A 275 -7.28 35.60 7.10
C THR A 275 -6.99 37.04 7.54
N GLU A 276 -7.80 37.97 7.07
CA GLU A 276 -7.54 39.42 7.28
C GLU A 276 -7.74 39.86 8.72
N PRO A 277 -7.05 40.96 9.11
CA PRO A 277 -7.19 41.51 10.47
C PRO A 277 -8.33 42.52 10.61
N GLY A 278 -8.89 42.94 9.50
CA GLY A 278 -9.90 43.99 9.55
C GLY A 278 -11.12 43.70 8.70
N LEU A 279 -12.19 44.40 8.99
CA LEU A 279 -13.41 44.29 8.22
C LEU A 279 -14.06 45.65 8.12
N GLN A 280 -14.30 46.12 6.90
CA GLN A 280 -15.04 47.35 6.71
C GLN A 280 -16.52 47.01 6.62
N LEU A 281 -17.33 47.62 7.46
CA LEU A 281 -18.78 47.45 7.38
C LEU A 281 -19.31 48.71 6.72
N TYR A 282 -19.97 48.57 5.58
CA TYR A 282 -20.51 49.75 4.90
C TYR A 282 -21.95 49.51 4.54
N THR A 283 -22.82 50.41 4.97
CA THR A 283 -24.26 50.20 4.80
C THR A 283 -24.86 50.92 3.60
N ALA A 284 -24.04 51.27 2.61
CA ALA A 284 -24.54 51.76 1.31
C ALA A 284 -25.42 52.99 1.41
N ASP A 285 -25.01 53.95 2.23
CA ASP A 285 -25.86 55.11 2.43
C ASP A 285 -25.85 56.10 1.26
N HIS A 286 -24.91 55.94 0.34
CA HIS A 286 -24.86 56.83 -0.82
C HIS A 286 -25.95 56.53 -1.84
N LEU A 287 -26.52 55.32 -1.76
CA LEU A 287 -27.57 54.92 -2.70
C LEU A 287 -28.83 55.80 -2.54
N ASP A 288 -29.41 56.23 -3.65
CA ASP A 288 -30.44 57.26 -3.60
C ASP A 288 -31.69 56.96 -4.44
N GLY A 289 -31.85 55.71 -4.83
CA GLY A 289 -33.04 55.30 -5.56
C GLY A 289 -33.02 55.59 -7.06
N THR A 290 -31.86 55.92 -7.60
CA THR A 290 -31.74 56.24 -9.02
C THR A 290 -31.23 55.10 -9.89
N LEU A 291 -30.56 54.13 -9.28
CA LEU A 291 -29.99 53.00 -10.01
C LEU A 291 -30.88 51.78 -9.87
N THR A 292 -31.22 51.15 -10.99
CA THR A 292 -32.06 49.94 -10.96
C THR A 292 -31.18 48.70 -10.99
N GLY A 293 -31.30 47.88 -9.95
CA GLY A 293 -30.44 46.72 -9.79
C GLY A 293 -30.90 45.49 -10.57
N THR A 294 -30.20 44.37 -10.39
CA THR A 294 -30.46 43.21 -11.23
C THR A 294 -31.87 42.67 -11.08
N SER A 295 -32.43 42.77 -9.89
CA SER A 295 -33.80 42.29 -9.69
C SER A 295 -34.86 43.31 -10.11
N GLY A 296 -34.43 44.38 -10.77
CA GLY A 296 -35.36 45.35 -11.35
C GLY A 296 -35.94 46.38 -10.39
N VAL A 297 -35.34 46.49 -9.21
CA VAL A 297 -35.81 47.41 -8.18
C VAL A 297 -34.72 48.45 -7.96
N PRO A 298 -35.11 49.74 -7.91
CA PRO A 298 -34.12 50.77 -7.60
C PRO A 298 -33.56 50.64 -6.19
N TYR A 299 -32.25 50.84 -6.03
CA TYR A 299 -31.59 50.66 -4.75
C TYR A 299 -31.65 51.93 -3.90
N GLY A 300 -32.25 51.85 -2.72
CA GLY A 300 -32.25 52.96 -1.77
C GLY A 300 -31.11 52.78 -0.76
N PRO A 301 -30.95 53.74 0.16
CA PRO A 301 -29.90 53.60 1.17
C PRO A 301 -30.07 52.30 1.96
N ALA A 302 -28.97 51.63 2.25
CA ALA A 302 -28.96 50.35 2.97
C ALA A 302 -29.62 49.19 2.22
N ALA A 303 -29.66 49.28 0.89
CA ALA A 303 -30.25 48.20 0.09
C ALA A 303 -29.47 46.91 0.26
N GLY A 304 -28.18 47.04 0.58
CA GLY A 304 -27.33 45.91 0.85
C GLY A 304 -26.20 46.30 1.80
N LEU A 305 -25.46 45.32 2.31
CA LEU A 305 -24.40 45.58 3.27
C LEU A 305 -23.11 45.03 2.71
N ALA A 306 -22.05 45.85 2.73
CA ALA A 306 -20.75 45.34 2.31
C ALA A 306 -19.92 45.00 3.53
N LEU A 307 -19.39 43.78 3.56
CA LEU A 307 -18.47 43.35 4.60
C LEU A 307 -17.15 43.05 3.92
N GLU A 308 -16.25 44.02 3.92
CA GLU A 308 -15.01 43.91 3.16
C GLU A 308 -13.85 43.56 4.07
N THR A 309 -13.31 42.36 3.90
CA THR A 309 -12.18 41.94 4.72
C THR A 309 -10.93 42.60 4.17
N GLN A 310 -10.09 43.13 5.05
CA GLN A 310 -9.04 44.04 4.60
C GLN A 310 -8.02 44.30 5.70
N HIS A 311 -6.90 44.91 5.33
CA HIS A 311 -6.06 45.58 6.32
C HIS A 311 -6.66 46.98 6.59
N PHE A 312 -6.24 47.62 7.67
CA PHE A 312 -6.89 48.83 8.16
C PHE A 312 -6.72 50.01 7.21
N PRO A 313 -7.72 50.93 7.17
CA PRO A 313 -7.61 52.17 6.39
C PRO A 313 -6.34 52.93 6.74
N ASP A 314 -5.70 53.53 5.73
CA ASP A 314 -4.55 54.41 5.91
C ASP A 314 -3.31 53.71 6.46
N SER A 315 -3.24 52.39 6.32
CA SER A 315 -2.07 51.66 6.83
C SER A 315 -0.71 52.12 6.29
N PRO A 316 -0.64 52.54 5.01
CA PRO A 316 0.67 53.03 4.55
C PRO A 316 1.16 54.29 5.28
N ASN A 317 0.28 54.95 6.02
CA ASN A 317 0.68 56.10 6.82
C ASN A 317 0.63 55.82 8.32
N ARG A 318 0.37 54.56 8.67
CA ARG A 318 0.18 54.16 10.06
C ARG A 318 1.01 52.92 10.39
N PRO A 319 2.27 53.12 10.82
CA PRO A 319 3.14 51.97 11.07
C PRO A 319 2.68 51.14 12.28
N ASP A 320 1.76 51.67 13.08
CA ASP A 320 1.21 50.91 14.20
C ASP A 320 0.16 49.87 13.76
N PHE A 321 -0.32 49.98 12.52
CA PHE A 321 -1.29 49.03 11.98
C PHE A 321 -0.56 47.85 11.32
N PRO A 322 -1.20 46.66 11.27
CA PRO A 322 -0.60 45.51 10.55
C PRO A 322 -0.10 45.92 9.16
N SER A 323 1.14 45.54 8.84
CA SER A 323 1.82 46.04 7.64
C SER A 323 1.12 45.60 6.36
N THR A 324 0.98 46.53 5.42
CA THR A 324 0.51 46.18 4.08
C THR A 324 1.66 46.16 3.06
N VAL A 325 2.90 46.24 3.53
CA VAL A 325 4.05 46.27 2.61
C VAL A 325 4.30 44.88 2.02
N LEU A 326 4.61 44.82 0.73
CA LEU A 326 5.06 43.59 0.09
C LEU A 326 6.40 43.85 -0.59
N ARG A 327 7.36 42.94 -0.41
CA ARG A 327 8.70 43.10 -0.96
C ARG A 327 9.05 41.97 -1.91
N PRO A 328 10.02 42.20 -2.82
CA PRO A 328 10.41 41.12 -3.74
C PRO A 328 10.83 39.87 -2.99
N GLY A 329 10.44 38.70 -3.49
CA GLY A 329 10.78 37.46 -2.83
C GLY A 329 9.70 37.01 -1.86
N GLU A 330 8.79 37.91 -1.52
CA GLU A 330 7.69 37.58 -0.62
C GLU A 330 6.43 37.21 -1.39
N SER A 331 5.45 36.64 -0.70
CA SER A 331 4.20 36.22 -1.32
C SER A 331 3.02 36.75 -0.52
N TYR A 332 2.20 37.58 -1.14
CA TYR A 332 0.99 38.09 -0.51
C TYR A 332 -0.10 37.05 -0.71
N ARG A 333 -0.81 36.73 0.35
CA ARG A 333 -1.95 35.82 0.25
C ARG A 333 -3.06 36.24 1.18
N SER A 334 -4.27 36.34 0.64
CA SER A 334 -5.42 36.65 1.47
C SER A 334 -6.55 35.72 1.06
N GLU A 335 -7.35 35.27 2.03
CA GLU A 335 -8.40 34.32 1.71
C GLU A 335 -9.65 34.65 2.51
N THR A 336 -10.77 34.72 1.79
CA THR A 336 -12.05 35.00 2.41
C THR A 336 -13.07 33.98 1.88
N VAL A 337 -13.92 33.46 2.76
CA VAL A 337 -14.91 32.46 2.36
C VAL A 337 -16.29 32.95 2.77
N TYR A 338 -17.22 32.93 1.82
CA TYR A 338 -18.60 33.30 2.09
C TYR A 338 -19.40 32.00 2.15
N ALA A 339 -19.78 31.57 3.33
CA ALA A 339 -20.50 30.30 3.50
C ALA A 339 -21.97 30.55 3.78
N PHE A 340 -22.84 30.16 2.85
CA PHE A 340 -24.27 30.40 3.00
C PHE A 340 -24.98 29.17 3.55
N SER A 341 -26.01 29.40 4.36
CA SER A 341 -26.82 28.33 4.92
C SER A 341 -28.17 28.94 5.27
N VAL A 342 -28.98 28.20 6.03
CA VAL A 342 -30.26 28.74 6.48
C VAL A 342 -30.48 28.41 7.94
N ARG A 343 -31.35 29.18 8.59
CA ARG A 343 -31.81 28.90 9.94
C ARG A 343 -33.33 28.88 9.98
N ASN B 2 -38.45 -28.94 31.07
CA ASN B 2 -38.98 -30.13 30.40
C ASN B 2 -38.10 -30.57 29.23
N ALA B 3 -36.86 -30.11 29.23
CA ALA B 3 -35.90 -30.44 28.17
C ALA B 3 -35.81 -31.96 27.95
N ARG B 5 -34.55 -35.58 27.49
CA ARG B 5 -33.43 -36.29 28.10
C ARG B 5 -32.49 -36.85 27.02
N THR B 6 -31.19 -36.70 27.24
CA THR B 6 -30.20 -37.13 26.25
C THR B 6 -30.26 -38.63 25.96
N GLN B 7 -30.40 -38.98 24.69
CA GLN B 7 -30.43 -40.40 24.28
C GLN B 7 -29.02 -40.86 23.95
N VAL B 8 -28.59 -41.96 24.56
CA VAL B 8 -27.25 -42.46 24.35
C VAL B 8 -27.30 -43.87 23.76
N SER B 9 -26.58 -44.09 22.68
CA SER B 9 -26.53 -45.42 22.08
C SER B 9 -25.14 -45.72 21.56
N ARG B 10 -24.82 -47.00 21.42
CA ARG B 10 -23.51 -47.44 20.94
C ARG B 10 -23.71 -48.45 19.81
N GLU B 11 -22.89 -48.36 18.77
CA GLU B 11 -22.87 -49.34 17.69
C GLU B 11 -21.44 -49.56 17.20
N PRO B 12 -21.15 -50.74 16.62
CA PRO B 12 -19.79 -50.91 16.06
C PRO B 12 -19.53 -49.87 14.96
N PHE B 13 -18.29 -49.42 14.81
CA PHE B 13 -17.98 -48.44 13.78
C PHE B 13 -16.99 -48.99 12.77
N GLY B 14 -16.41 -50.15 13.09
CA GLY B 14 -15.51 -50.84 12.20
C GLY B 14 -14.38 -51.45 12.98
N THR B 15 -13.39 -51.98 12.27
CA THR B 15 -12.23 -52.55 12.92
C THR B 15 -10.98 -52.01 12.26
N LEU B 16 -9.95 -51.76 13.06
CA LEU B 16 -8.65 -51.38 12.50
C LEU B 16 -8.03 -52.57 11.80
N ASP B 17 -6.96 -52.32 11.04
CA ASP B 17 -6.32 -53.36 10.26
C ASP B 17 -5.78 -54.51 11.12
N ASP B 18 -5.40 -54.22 12.35
CA ASP B 18 -4.89 -55.26 13.24
C ASP B 18 -6.00 -56.00 13.99
N GLY B 19 -7.24 -55.70 13.65
CA GLY B 19 -8.39 -56.42 14.17
C GLY B 19 -9.06 -55.77 15.37
N THR B 20 -8.50 -54.67 15.86
CA THR B 20 -9.07 -53.97 17.00
C THR B 20 -10.41 -53.34 16.66
N ARG B 21 -11.45 -53.72 17.40
CA ARG B 21 -12.79 -53.18 17.15
C ARG B 21 -12.98 -51.77 17.72
N VAL B 22 -13.70 -50.94 16.97
CA VAL B 22 -13.95 -49.56 17.36
C VAL B 22 -15.46 -49.37 17.42
N ASP B 23 -15.95 -48.70 18.45
CA ASP B 23 -17.38 -48.39 18.57
C ASP B 23 -17.63 -46.92 18.33
N ARG B 24 -18.85 -46.59 17.90
CA ARG B 24 -19.27 -45.20 17.82
C ARG B 24 -20.42 -44.95 18.79
N TRP B 25 -20.26 -43.96 19.66
CA TRP B 25 -21.30 -43.59 20.61
C TRP B 25 -22.06 -42.38 20.13
N THR B 26 -23.39 -42.49 20.11
CA THR B 26 -24.22 -41.37 19.67
C THR B 26 -24.98 -40.74 20.84
N LEU B 27 -24.82 -39.42 20.96
CA LEU B 27 -25.49 -38.63 21.98
C LEU B 27 -26.45 -37.69 21.27
N GLU B 28 -27.73 -37.79 21.62
CA GLU B 28 -28.79 -37.08 20.91
C GLU B 28 -29.69 -36.38 21.92
N SER B 29 -29.81 -35.06 21.80
CA SER B 29 -30.65 -34.30 22.73
C SER B 29 -31.89 -33.69 22.07
N GLY B 30 -32.18 -34.10 20.84
CA GLY B 30 -33.40 -33.66 20.17
C GLY B 30 -33.20 -32.50 19.21
N PRO B 31 -34.26 -32.09 18.52
CA PRO B 31 -34.18 -31.08 17.47
C PRO B 31 -33.73 -29.71 17.99
N ALA B 32 -34.10 -29.41 19.23
CA ALA B 32 -33.67 -28.16 19.87
C ALA B 32 -32.19 -28.25 20.28
N GLY B 33 -31.69 -29.48 20.39
CA GLY B 33 -30.34 -29.71 20.89
C GLY B 33 -29.35 -30.14 19.82
N LEU B 34 -28.53 -31.14 20.18
CA LEU B 34 -27.44 -31.56 19.32
C LEU B 34 -27.52 -33.04 19.04
N ARG B 35 -26.79 -33.47 18.02
CA ARG B 35 -26.37 -34.85 17.94
C ARG B 35 -24.86 -34.81 17.90
N VAL B 36 -24.23 -35.60 18.76
CA VAL B 36 -22.78 -35.71 18.78
C VAL B 36 -22.40 -37.19 18.70
N ARG B 37 -21.41 -37.52 17.87
CA ARG B 37 -20.94 -38.91 17.77
C ARG B 37 -19.47 -38.97 18.16
N VAL B 38 -19.15 -39.93 19.03
CA VAL B 38 -17.80 -40.07 19.59
C VAL B 38 -17.29 -41.49 19.32
N LEU B 39 -16.04 -41.59 18.87
CA LEU B 39 -15.44 -42.89 18.57
C LEU B 39 -14.57 -43.35 19.72
N THR B 40 -14.49 -44.66 19.93
CA THR B 40 -13.54 -45.18 20.92
C THR B 40 -12.12 -45.12 20.36
N TYR B 41 -11.99 -44.94 19.05
CA TYR B 41 -10.66 -44.72 18.46
C TYR B 41 -10.26 -43.26 18.67
N GLY B 42 -9.22 -43.03 19.47
CA GLY B 42 -8.69 -41.69 19.67
C GLY B 42 -9.64 -40.69 20.32
N GLY B 43 -10.71 -41.20 20.93
CA GLY B 43 -11.72 -40.35 21.54
C GLY B 43 -12.28 -39.32 20.57
N ILE B 44 -12.36 -39.71 19.31
CA ILE B 44 -12.66 -38.75 18.26
C ILE B 44 -14.12 -38.30 18.27
N VAL B 45 -14.32 -36.99 18.28
CA VAL B 45 -15.64 -36.41 18.06
C VAL B 45 -15.84 -36.43 16.55
N GLN B 46 -16.62 -37.40 16.07
CA GLN B 46 -16.74 -37.65 14.64
C GLN B 46 -17.65 -36.61 14.01
N THR B 47 -18.79 -36.37 14.63
CA THR B 47 -19.72 -35.38 14.13
C THR B 47 -20.36 -34.56 15.24
N VAL B 48 -20.71 -33.32 14.91
CA VAL B 48 -21.43 -32.41 15.78
C VAL B 48 -22.50 -31.79 14.89
N GLU B 49 -23.77 -32.03 15.21
CA GLU B 49 -24.87 -31.46 14.44
C GLU B 49 -25.72 -30.54 15.30
N ALA B 50 -26.01 -29.34 14.78
CA ALA B 50 -26.74 -28.30 15.51
C ALA B 50 -27.61 -27.54 14.52
N PRO B 51 -28.70 -26.94 15.00
CA PRO B 51 -29.60 -26.20 14.09
C PRO B 51 -29.09 -24.80 13.73
N ASP B 52 -29.43 -24.34 12.52
CA ASP B 52 -29.19 -22.95 12.15
C ASP B 52 -30.39 -22.07 12.53
N ARG B 53 -30.40 -20.81 12.10
CA ARG B 53 -31.47 -19.90 12.53
C ARG B 53 -32.82 -20.27 11.96
N ASP B 54 -32.84 -21.17 10.99
CA ASP B 54 -34.09 -21.66 10.41
C ASP B 54 -34.46 -23.04 10.97
N GLY B 55 -33.69 -23.50 11.96
CA GLY B 55 -33.93 -24.81 12.57
C GLY B 55 -33.39 -25.98 11.78
N ARG B 57 -30.80 -28.65 10.80
CA ARG B 57 -29.66 -29.35 11.39
C ARG B 57 -28.53 -29.43 10.36
N GLY B 58 -27.30 -29.14 10.79
CA GLY B 58 -26.16 -29.22 9.88
C GLY B 58 -24.95 -29.78 10.61
N GLN B 59 -24.13 -30.53 9.90
CA GLN B 59 -22.93 -31.13 10.49
C GLN B 59 -21.76 -30.13 10.44
N LEU B 60 -21.15 -29.87 11.59
CA LEU B 60 -20.24 -28.74 11.72
C LEU B 60 -18.77 -29.13 11.88
N ALA B 61 -18.52 -30.38 12.26
CA ALA B 61 -17.15 -30.78 12.58
C ALA B 61 -16.42 -31.32 11.36
N LEU B 62 -15.15 -30.93 11.19
CA LEU B 62 -14.32 -31.55 10.17
C LEU B 62 -14.05 -32.99 10.58
N GLY B 63 -14.15 -33.90 9.62
CA GLY B 63 -13.96 -35.31 9.93
C GLY B 63 -14.25 -36.17 8.72
N PHE B 64 -14.41 -37.46 8.96
CA PHE B 64 -14.67 -38.39 7.87
C PHE B 64 -15.87 -39.27 8.21
N ALA B 65 -16.45 -39.87 7.17
CA ALA B 65 -17.59 -40.76 7.35
C ALA B 65 -17.15 -42.13 7.85
N ASP B 66 -15.90 -42.50 7.58
CA ASP B 66 -15.47 -43.87 7.83
C ASP B 66 -14.21 -43.99 8.68
N LEU B 67 -14.09 -45.12 9.37
CA LEU B 67 -12.97 -45.35 10.27
C LEU B 67 -11.63 -45.37 9.54
N ALA B 68 -11.60 -46.01 8.38
CA ALA B 68 -10.36 -46.17 7.62
C ALA B 68 -9.72 -44.81 7.29
N SER B 69 -10.56 -43.83 6.98
CA SER B 69 -10.07 -42.48 6.69
C SER B 69 -9.37 -41.85 7.89
N TYR B 70 -9.94 -42.01 9.08
CA TYR B 70 -9.24 -41.50 10.27
C TYR B 70 -7.91 -42.21 10.47
N ALA B 71 -7.88 -43.52 10.23
CA ALA B 71 -6.65 -44.28 10.42
C ALA B 71 -5.56 -43.88 9.42
N ALA B 72 -5.99 -43.48 8.22
CA ALA B 72 -5.09 -43.10 7.14
C ALA B 72 -4.67 -41.63 7.22
N HIS B 73 -5.53 -40.80 7.80
CA HIS B 73 -5.27 -39.36 7.84
C HIS B 73 -5.29 -38.76 9.25
N GLY B 74 -4.52 -39.36 10.15
CA GLY B 74 -4.48 -38.92 11.54
C GLY B 74 -3.71 -37.63 11.73
N GLY B 75 -2.94 -37.23 10.72
CA GLY B 75 -2.11 -36.03 10.80
C GLY B 75 -2.86 -34.72 11.00
N SER B 76 -4.14 -34.70 10.62
CA SER B 76 -4.98 -33.52 10.84
C SER B 76 -5.51 -33.44 12.26
N TYR B 77 -5.54 -34.58 12.95
CA TYR B 77 -6.09 -34.68 14.30
C TYR B 77 -7.55 -34.27 14.40
N PHE B 78 -8.33 -34.54 13.34
CA PHE B 78 -9.75 -34.21 13.33
C PHE B 78 -10.45 -34.81 14.54
N GLY B 79 -11.11 -33.94 15.31
CA GLY B 79 -11.96 -34.33 16.44
C GLY B 79 -11.27 -35.04 17.59
N ALA B 80 -9.94 -35.08 17.58
CA ALA B 80 -9.20 -36.03 18.39
C ALA B 80 -9.02 -35.64 19.86
N LEU B 81 -9.09 -36.64 20.74
CA LEU B 81 -8.59 -36.51 22.11
C LEU B 81 -7.07 -36.53 22.00
N VAL B 82 -6.42 -35.44 22.40
CA VAL B 82 -4.95 -35.36 22.27
C VAL B 82 -4.23 -35.53 23.61
N GLY B 83 -3.19 -36.36 23.63
CA GLY B 83 -2.39 -36.65 24.82
C GLY B 83 -1.21 -37.52 24.42
N ARG B 84 -0.23 -37.73 25.30
CA ARG B 84 -0.27 -37.30 26.70
C ARG B 84 -0.06 -35.79 26.85
N TYR B 85 0.60 -35.18 25.87
CA TYR B 85 0.86 -33.75 25.93
C TYR B 85 0.43 -33.08 24.64
N ALA B 86 -0.56 -32.18 24.75
CA ALA B 86 -1.07 -31.48 23.58
C ALA B 86 -0.13 -30.36 23.18
N ASN B 87 0.02 -30.18 21.87
CA ASN B 87 0.96 -29.22 21.27
C ASN B 87 2.42 -29.66 21.40
N ARG B 88 3.34 -28.70 21.41
CA ARG B 88 4.74 -29.04 21.15
C ARG B 88 5.65 -29.05 22.37
N ILE B 89 6.60 -29.96 22.37
CA ILE B 89 7.69 -29.92 23.34
C ILE B 89 8.99 -29.76 22.56
N ALA B 90 9.68 -28.65 22.79
CA ALA B 90 10.89 -28.31 22.03
C ALA B 90 11.97 -29.38 22.09
N GLY B 91 12.50 -29.76 20.92
CA GLY B 91 13.61 -30.69 20.83
C GLY B 91 13.23 -32.10 21.21
N ALA B 92 11.94 -32.35 21.35
CA ALA B 92 11.44 -33.67 21.75
C ALA B 92 12.12 -34.17 23.02
N SER B 93 12.33 -33.27 23.97
CA SER B 93 12.99 -33.63 25.22
C SER B 93 12.63 -32.62 26.30
N PHE B 94 12.65 -33.07 27.55
CA PHE B 94 12.46 -32.18 28.70
C PHE B 94 13.02 -32.84 29.95
N VAL B 95 13.30 -32.03 30.96
CA VAL B 95 13.81 -32.55 32.22
C VAL B 95 12.73 -32.54 33.29
N LEU B 96 12.61 -33.66 34.00
CA LEU B 96 11.67 -33.74 35.11
C LEU B 96 12.38 -34.41 36.27
N ASP B 97 12.41 -33.71 37.40
CA ASP B 97 13.09 -34.20 38.59
C ASP B 97 14.51 -34.67 38.30
N GLY B 98 15.22 -33.89 37.48
CA GLY B 98 16.64 -34.12 37.27
C GLY B 98 16.98 -35.08 36.15
N ARG B 99 15.98 -35.74 35.59
N ARG B 99 15.94 -35.65 35.55
CA ARG B 99 16.29 -36.67 34.50
CA ARG B 99 16.09 -36.68 34.52
C ARG B 99 15.73 -36.23 33.17
C ARG B 99 15.68 -36.18 33.13
N THR B 100 16.52 -36.45 32.13
CA THR B 100 16.16 -36.06 30.76
C THR B 100 15.27 -37.13 30.16
N ASP B 101 14.11 -36.70 29.68
CA ASP B 101 13.18 -37.62 29.03
C ASP B 101 13.21 -37.39 27.52
N ALA B 102 13.55 -38.43 26.77
CA ALA B 102 13.61 -38.36 25.31
C ALA B 102 12.29 -38.79 24.70
N LEU B 103 11.70 -37.91 23.90
CA LEU B 103 10.47 -38.22 23.17
C LEU B 103 10.79 -38.46 21.70
N THR B 104 9.81 -38.91 20.94
CA THR B 104 10.01 -39.13 19.51
C THR B 104 9.87 -37.81 18.77
N PRO B 105 10.90 -37.43 18.00
CA PRO B 105 10.75 -36.20 17.22
C PRO B 105 9.83 -36.45 16.02
N ASN B 106 8.55 -36.10 16.17
CA ASN B 106 7.61 -36.34 15.07
C ASN B 106 7.17 -35.07 14.36
N ASN B 107 7.81 -33.95 14.72
CA ASN B 107 7.47 -32.66 14.13
C ASN B 107 8.75 -31.87 13.95
N GLY B 108 9.54 -32.24 12.95
CA GLY B 108 10.88 -31.73 12.82
C GLY B 108 11.69 -32.27 14.00
N ARG B 109 12.36 -31.37 14.71
CA ARG B 109 13.14 -31.78 15.88
C ARG B 109 12.27 -31.86 17.14
N HIS B 110 11.00 -31.49 17.02
CA HIS B 110 10.11 -31.37 18.18
C HIS B 110 9.16 -32.54 18.35
N SER B 111 8.59 -32.64 19.55
CA SER B 111 7.51 -33.59 19.83
C SER B 111 6.18 -32.87 19.76
N LEU B 112 5.25 -33.41 18.98
CA LEU B 112 3.91 -32.82 18.85
C LEU B 112 2.81 -33.79 19.25
N HIS B 113 1.89 -33.32 20.09
CA HIS B 113 0.64 -34.04 20.37
C HIS B 113 0.85 -35.45 20.90
N GLY B 114 1.88 -35.66 21.72
CA GLY B 114 2.03 -36.95 22.35
C GLY B 114 2.77 -38.01 21.55
N GLY B 115 3.18 -37.69 20.32
CA GLY B 115 3.99 -38.60 19.53
C GLY B 115 3.20 -39.41 18.50
N PRO B 116 3.88 -40.22 17.69
CA PRO B 116 3.21 -41.04 16.68
C PRO B 116 2.12 -41.93 17.29
N GLY B 117 2.41 -42.52 18.45
CA GLY B 117 1.42 -43.34 19.15
C GLY B 117 0.67 -42.60 20.26
N GLY B 118 0.41 -41.31 20.05
CA GLY B 118 -0.36 -40.50 20.99
C GLY B 118 -1.80 -40.97 21.23
N PHE B 119 -2.47 -40.31 22.17
CA PHE B 119 -3.82 -40.71 22.59
C PHE B 119 -4.82 -40.70 21.42
N SER B 120 -4.59 -39.85 20.43
N SER B 120 -4.57 -39.84 20.45
CA SER B 120 -5.52 -39.74 19.30
CA SER B 120 -5.44 -39.69 19.27
C SER B 120 -5.42 -40.92 18.33
C SER B 120 -5.41 -40.90 18.34
N ARG B 121 -4.47 -41.81 18.58
CA ARG B 121 -4.23 -42.95 17.70
C ARG B 121 -4.37 -44.31 18.39
N VAL B 122 -4.96 -44.33 19.58
CA VAL B 122 -5.16 -45.60 20.30
C VAL B 122 -6.64 -45.77 20.61
N VAL B 123 -7.03 -47.00 20.93
CA VAL B 123 -8.43 -47.30 21.21
C VAL B 123 -8.71 -47.28 22.71
N TRP B 124 -9.80 -46.62 23.10
CA TRP B 124 -10.15 -46.45 24.51
C TRP B 124 -11.30 -47.37 24.93
N ASP B 125 -11.32 -47.76 26.20
CA ASP B 125 -12.47 -48.48 26.74
C ASP B 125 -13.59 -47.49 27.02
N ALA B 126 -14.84 -47.93 26.95
CA ALA B 126 -15.95 -46.99 27.05
C ALA B 126 -17.07 -47.56 27.88
N ARG B 127 -17.74 -46.69 28.65
CA ARG B 127 -18.96 -47.11 29.32
C ARG B 127 -19.96 -45.96 29.34
N GLU B 128 -21.23 -46.30 29.36
CA GLU B 128 -22.28 -45.31 29.38
C GLU B 128 -22.34 -44.64 30.76
N VAL B 129 -22.49 -43.33 30.75
CA VAL B 129 -22.81 -42.59 31.97
C VAL B 129 -24.05 -41.76 31.67
N ASP B 130 -24.63 -41.15 32.69
CA ASP B 130 -25.79 -40.30 32.48
C ASP B 130 -25.39 -39.16 31.57
N GLY B 131 -26.11 -39.00 30.46
CA GLY B 131 -25.83 -37.91 29.55
C GLY B 131 -24.77 -38.19 28.49
N GLY B 132 -24.13 -39.35 28.56
CA GLY B 132 -23.11 -39.64 27.55
C GLY B 132 -22.25 -40.86 27.80
N VAL B 133 -20.96 -40.71 27.53
CA VAL B 133 -20.04 -41.85 27.51
C VAL B 133 -18.72 -41.47 28.18
N GLN B 134 -18.17 -42.41 28.94
CA GLN B 134 -16.88 -42.18 29.57
C GLN B 134 -15.83 -43.08 28.94
N LEU B 135 -14.74 -42.48 28.45
CA LEU B 135 -13.63 -43.25 27.89
C LEU B 135 -12.56 -43.42 28.95
N HIS B 136 -11.92 -44.59 28.96
CA HIS B 136 -10.91 -44.88 29.97
C HIS B 136 -9.77 -45.67 29.37
N ARG B 137 -8.53 -45.24 29.66
CA ARG B 137 -7.35 -46.00 29.24
C ARG B 137 -6.13 -45.63 30.07
N VAL B 138 -5.34 -46.64 30.43
CA VAL B 138 -4.09 -46.39 31.12
C VAL B 138 -2.93 -46.30 30.12
N SER B 139 -2.25 -45.17 30.14
CA SER B 139 -1.04 -44.98 29.34
C SER B 139 0.12 -45.43 30.20
N PRO B 140 0.75 -46.55 29.83
CA PRO B 140 1.77 -47.13 30.72
C PRO B 140 3.04 -46.29 30.80
N ASP B 141 3.81 -46.51 31.86
CA ASP B 141 5.11 -45.88 32.05
C ASP B 141 5.96 -46.05 30.80
N GLY B 142 6.49 -44.93 30.29
CA GLY B 142 7.38 -44.98 29.14
C GLY B 142 6.69 -44.91 27.80
N GLU B 143 5.36 -44.87 27.79
CA GLU B 143 4.61 -44.75 26.53
C GLU B 143 4.97 -43.45 25.82
N GLU B 144 5.51 -43.57 24.61
CA GLU B 144 6.00 -42.42 23.85
C GLU B 144 7.05 -41.62 24.63
N GLY B 145 7.71 -42.29 25.58
CA GLY B 145 8.80 -41.68 26.31
C GLY B 145 8.38 -40.96 27.59
N PHE B 146 7.08 -40.81 27.81
CA PHE B 146 6.62 -40.15 29.04
C PHE B 146 6.70 -41.09 30.24
N PRO B 147 7.25 -40.61 31.37
CA PRO B 147 7.39 -41.48 32.53
C PRO B 147 6.06 -41.62 33.28
N GLY B 148 5.89 -42.72 34.01
CA GLY B 148 4.71 -42.91 34.82
C GLY B 148 3.50 -43.50 34.10
N ALA B 149 2.82 -44.44 34.74
CA ALA B 149 1.55 -44.93 34.20
C ALA B 149 0.45 -43.92 34.52
N LEU B 150 -0.21 -43.41 33.49
CA LEU B 150 -1.23 -42.39 33.67
C LEU B 150 -2.62 -43.00 33.47
N ASP B 151 -3.44 -42.96 34.53
CA ASP B 151 -4.79 -43.52 34.49
C ASP B 151 -5.77 -42.43 34.06
N VAL B 152 -6.27 -42.51 32.83
CA VAL B 152 -7.00 -41.39 32.23
C VAL B 152 -8.46 -41.71 31.97
N ARG B 153 -9.35 -40.80 32.37
N ARG B 153 -9.35 -40.79 32.36
CA ARG B 153 -10.76 -40.89 31.98
CA ARG B 153 -10.76 -40.88 31.99
C ARG B 153 -11.20 -39.58 31.33
C ARG B 153 -11.20 -39.59 31.34
N VAL B 154 -11.89 -39.70 30.20
CA VAL B 154 -12.41 -38.53 29.51
C VAL B 154 -13.90 -38.76 29.28
N THR B 155 -14.72 -37.89 29.85
CA THR B 155 -16.17 -38.06 29.84
C THR B 155 -16.85 -37.03 28.96
N TYR B 156 -17.59 -37.51 27.96
CA TYR B 156 -18.32 -36.67 27.02
C TYR B 156 -19.80 -36.76 27.37
N THR B 157 -20.40 -35.64 27.78
CA THR B 157 -21.83 -35.62 28.09
C THR B 157 -22.52 -34.51 27.32
N LEU B 158 -23.82 -34.70 27.09
CA LEU B 158 -24.61 -33.74 26.33
C LEU B 158 -25.84 -33.32 27.13
N SER B 159 -26.05 -32.01 27.23
CA SER B 159 -27.24 -31.47 27.86
C SER B 159 -27.76 -30.35 26.98
N ALA B 160 -28.94 -30.56 26.41
CA ALA B 160 -29.51 -29.62 25.45
C ALA B 160 -28.49 -29.30 24.35
N GLY B 161 -28.07 -28.04 24.24
CA GLY B 161 -27.17 -27.63 23.18
C GLY B 161 -25.69 -27.57 23.56
N ALA B 162 -25.34 -28.17 24.69
CA ALA B 162 -23.97 -28.11 25.21
C ALA B 162 -23.30 -29.47 25.35
N LEU B 163 -22.15 -29.63 24.70
CA LEU B 163 -21.29 -30.80 24.86
C LEU B 163 -20.23 -30.48 25.91
N ARG B 164 -20.21 -31.29 26.96
N ARG B 164 -20.22 -31.27 26.97
CA ARG B 164 -19.25 -31.13 28.04
CA ARG B 164 -19.24 -31.11 28.03
C ARG B 164 -18.19 -32.23 27.95
C ARG B 164 -18.20 -32.22 27.95
N ILE B 165 -16.93 -31.85 28.03
CA ILE B 165 -15.84 -32.82 28.06
C ILE B 165 -15.00 -32.63 29.32
N VAL B 166 -15.01 -33.63 30.19
CA VAL B 166 -14.25 -33.56 31.44
C VAL B 166 -13.13 -34.59 31.38
N SER B 167 -11.90 -34.14 31.53
CA SER B 167 -10.75 -35.04 31.49
C SER B 167 -10.13 -35.15 32.87
N CYS B 168 -9.85 -36.38 33.29
CA CYS B 168 -9.33 -36.66 34.64
C CYS B 168 -8.18 -37.64 34.52
N ALA B 169 -7.17 -37.48 35.38
CA ALA B 169 -6.05 -38.42 35.39
C ALA B 169 -5.35 -38.46 36.74
N THR B 170 -4.79 -39.63 37.04
CA THR B 170 -3.83 -39.78 38.13
C THR B 170 -2.63 -40.53 37.57
N THR B 171 -1.49 -40.41 38.23
CA THR B 171 -0.24 -41.05 37.78
C THR B 171 0.47 -41.77 38.91
N ASP B 172 1.23 -42.82 38.58
CA ASP B 172 2.00 -43.51 39.62
C ASP B 172 3.44 -43.00 39.73
N ALA B 173 3.80 -42.03 38.89
CA ALA B 173 5.12 -41.40 38.96
C ALA B 173 5.05 -40.02 38.32
N PRO B 174 5.91 -39.08 38.78
CA PRO B 174 5.87 -37.71 38.24
C PRO B 174 5.89 -37.70 36.71
N THR B 175 4.99 -36.93 36.11
CA THR B 175 4.90 -36.88 34.66
C THR B 175 4.38 -35.50 34.25
N VAL B 176 4.26 -35.28 32.95
CA VAL B 176 3.57 -34.09 32.46
C VAL B 176 2.31 -34.54 31.75
N VAL B 177 1.26 -33.74 31.87
CA VAL B 177 -0.01 -34.08 31.22
C VAL B 177 -0.70 -32.80 30.75
N ASN B 178 -1.24 -32.85 29.54
CA ASN B 178 -1.92 -31.70 28.93
C ASN B 178 -2.86 -32.24 27.89
N LEU B 179 -4.09 -32.52 28.29
CA LEU B 179 -5.07 -33.13 27.39
C LEU B 179 -5.97 -32.07 26.75
N THR B 180 -6.40 -32.31 25.52
CA THR B 180 -7.32 -31.40 24.85
C THR B 180 -8.12 -32.13 23.80
N ASN B 181 -9.18 -31.50 23.30
CA ASN B 181 -9.87 -32.02 22.14
C ASN B 181 -9.59 -31.13 20.94
N HIS B 182 -9.25 -31.75 19.81
CA HIS B 182 -8.74 -31.02 18.64
C HIS B 182 -9.84 -30.91 17.59
N THR B 183 -11.08 -30.75 18.03
CA THR B 183 -12.20 -30.56 17.10
C THR B 183 -12.01 -29.28 16.27
N TYR B 184 -12.22 -29.38 14.95
CA TYR B 184 -12.27 -28.17 14.12
C TYR B 184 -13.73 -27.95 13.76
N LEU B 185 -14.18 -26.70 13.78
CA LEU B 185 -15.59 -26.42 13.50
C LEU B 185 -15.73 -25.42 12.37
N ASN B 186 -16.75 -25.65 11.54
CA ASN B 186 -17.25 -24.63 10.63
C ASN B 186 -18.72 -24.52 10.96
N LEU B 187 -19.11 -23.41 11.57
CA LEU B 187 -20.48 -23.23 12.05
C LEU B 187 -21.47 -23.11 10.90
N GLY B 188 -20.97 -22.96 9.68
CA GLY B 188 -21.84 -22.96 8.50
C GLY B 188 -21.98 -24.33 7.89
N GLY B 189 -21.31 -25.32 8.47
CA GLY B 189 -21.30 -26.67 7.92
C GLY B 189 -19.91 -27.02 7.42
N ASP B 190 -19.48 -28.27 7.61
CA ASP B 190 -18.08 -28.62 7.33
C ASP B 190 -17.76 -28.51 5.86
N GLY B 191 -18.78 -28.63 5.00
CA GLY B 191 -18.57 -28.51 3.57
C GLY B 191 -18.92 -27.14 2.98
N SER B 192 -19.05 -26.12 3.82
CA SER B 192 -19.54 -24.82 3.35
C SER B 192 -18.41 -23.89 2.88
N GLY B 193 -17.19 -24.42 2.85
CA GLY B 193 -16.05 -23.61 2.45
C GLY B 193 -15.26 -23.02 3.59
N SER B 194 -14.69 -21.84 3.38
CA SER B 194 -13.82 -21.23 4.39
C SER B 194 -14.56 -20.77 5.63
N ALA B 195 -13.92 -20.94 6.79
CA ALA B 195 -14.46 -20.43 8.03
C ALA B 195 -13.84 -19.07 8.41
N ALA B 196 -13.10 -18.46 7.48
CA ALA B 196 -12.39 -17.21 7.80
C ALA B 196 -13.33 -16.03 8.03
N GLY B 197 -14.60 -16.19 7.62
CA GLY B 197 -15.60 -15.17 7.83
C GLY B 197 -16.32 -15.24 9.17
N HIS B 198 -16.05 -16.31 9.92
CA HIS B 198 -16.59 -16.43 11.27
C HIS B 198 -16.06 -15.31 12.12
N GLU B 199 -16.93 -14.78 12.99
CA GLU B 199 -16.50 -13.78 13.96
C GLU B 199 -16.06 -14.46 15.24
N LEU B 200 -14.90 -14.08 15.76
CA LEU B 200 -14.39 -14.65 17.00
C LEU B 200 -14.16 -13.57 18.04
N ARG B 201 -14.50 -13.87 19.29
CA ARG B 201 -14.09 -13.02 20.42
C ARG B 201 -13.38 -13.93 21.41
N LEU B 202 -12.20 -13.52 21.88
CA LEU B 202 -11.46 -14.30 22.87
C LEU B 202 -11.25 -13.49 24.13
N ALA B 203 -11.41 -14.13 25.28
CA ALA B 203 -11.14 -13.45 26.55
C ALA B 203 -9.66 -13.59 26.87
N ALA B 204 -8.82 -12.96 26.04
CA ALA B 204 -7.36 -13.06 26.17
C ALA B 204 -6.72 -11.73 25.78
N SER B 205 -5.92 -11.17 26.68
N SER B 205 -5.91 -11.17 26.67
CA SER B 205 -5.23 -9.91 26.44
CA SER B 205 -5.24 -9.90 26.39
C SER B 205 -3.78 -10.12 25.99
C SER B 205 -3.77 -10.09 25.99
N ARG B 206 -3.32 -11.37 26.08
N ARG B 206 -3.31 -11.34 26.06
CA ARG B 206 -1.95 -11.72 25.71
CA ARG B 206 -1.94 -11.70 25.71
C ARG B 206 -1.93 -13.01 24.89
C ARG B 206 -1.93 -12.99 24.88
N TYR B 207 -0.83 -13.22 24.16
CA TYR B 207 -0.66 -14.46 23.39
C TYR B 207 0.80 -14.91 23.46
N THR B 208 1.09 -16.07 22.91
CA THR B 208 2.43 -16.64 23.01
C THR B 208 3.16 -16.58 21.65
N PRO B 209 4.02 -15.56 21.46
CA PRO B 209 4.75 -15.52 20.18
C PRO B 209 5.74 -16.68 20.05
N VAL B 210 5.82 -17.24 18.83
CA VAL B 210 6.59 -18.46 18.57
C VAL B 210 7.58 -18.26 17.41
N ASP B 211 8.60 -19.09 17.34
CA ASP B 211 9.50 -19.09 16.18
C ASP B 211 8.86 -19.80 14.99
N GLY B 212 9.63 -20.00 13.92
CA GLY B 212 9.10 -20.61 12.71
C GLY B 212 8.62 -22.04 12.87
N THR B 213 9.06 -22.71 13.93
CA THR B 213 8.67 -24.10 14.16
C THR B 213 7.62 -24.28 15.27
N GLY B 214 7.09 -23.15 15.77
CA GLY B 214 6.00 -23.21 16.73
C GLY B 214 6.43 -23.32 18.19
N ILE B 215 7.70 -23.02 18.47
CA ILE B 215 8.19 -22.99 19.85
C ILE B 215 8.16 -21.56 20.37
N PRO B 216 7.54 -21.35 21.53
CA PRO B 216 7.47 -20.02 22.16
C PRO B 216 8.85 -19.38 22.30
N VAL B 217 8.99 -18.13 21.86
CA VAL B 217 10.25 -17.42 22.05
C VAL B 217 10.40 -17.06 23.53
N PRO B 218 11.64 -16.83 23.99
CA PRO B 218 11.83 -16.44 25.40
C PRO B 218 10.99 -15.22 25.78
N GLY B 219 10.52 -15.17 27.03
CA GLY B 219 9.77 -14.04 27.51
C GLY B 219 8.33 -14.30 27.89
N ALA B 220 7.76 -13.35 28.64
CA ALA B 220 6.36 -13.42 29.07
C ALA B 220 5.44 -13.34 27.86
N PRO B 221 4.20 -13.81 28.01
CA PRO B 221 3.21 -13.67 26.93
C PRO B 221 3.09 -12.20 26.51
N ALA B 222 3.01 -11.95 25.21
CA ALA B 222 3.00 -10.58 24.69
C ALA B 222 1.57 -10.03 24.59
N GLU B 223 1.42 -8.72 24.81
CA GLU B 223 0.11 -8.07 24.67
C GLU B 223 -0.42 -8.14 23.25
N VAL B 224 -1.73 -8.34 23.12
CA VAL B 224 -2.35 -8.42 21.79
C VAL B 224 -2.71 -7.05 21.21
N THR B 225 -2.74 -6.01 22.05
CA THR B 225 -3.17 -4.70 21.59
C THR B 225 -2.29 -4.18 20.44
N GLY B 226 -2.94 -3.66 19.39
CA GLY B 226 -2.24 -3.13 18.24
C GLY B 226 -1.73 -4.20 17.26
N THR B 227 -2.01 -5.47 17.57
CA THR B 227 -1.57 -6.56 16.70
C THR B 227 -2.73 -7.30 16.02
N ARG B 228 -2.40 -8.15 15.05
CA ARG B 228 -3.41 -8.99 14.38
C ARG B 228 -3.98 -10.04 15.35
N PHE B 229 -3.43 -10.13 16.55
CA PHE B 229 -3.87 -11.13 17.51
C PHE B 229 -4.93 -10.62 18.48
N ASP B 230 -5.37 -9.38 18.31
CA ASP B 230 -6.36 -8.82 19.21
C ASP B 230 -7.77 -9.30 18.83
N PHE B 231 -8.31 -10.21 19.64
CA PHE B 231 -9.69 -10.67 19.45
C PHE B 231 -10.54 -10.29 20.66
N ARG B 232 -10.14 -9.25 21.38
CA ARG B 232 -10.87 -8.86 22.59
C ARG B 232 -12.27 -8.34 22.24
N ALA B 233 -12.42 -7.80 21.03
CA ALA B 233 -13.73 -7.47 20.50
C ALA B 233 -14.01 -8.39 19.32
N ALA B 234 -15.23 -8.89 19.22
CA ALA B 234 -15.60 -9.84 18.16
C ALA B 234 -15.30 -9.31 16.76
N ARG B 235 -14.66 -10.13 15.95
CA ARG B 235 -14.22 -9.71 14.62
C ARG B 235 -13.99 -10.93 13.75
N ALA B 236 -14.05 -10.74 12.44
CA ALA B 236 -13.76 -11.84 11.51
C ALA B 236 -12.37 -12.42 11.78
N VAL B 237 -12.24 -13.73 11.70
CA VAL B 237 -10.95 -14.37 11.86
C VAL B 237 -9.98 -13.90 10.78
N ALA B 238 -10.42 -14.03 9.52
CA ALA B 238 -9.81 -13.33 8.38
C ALA B 238 -8.45 -13.82 7.92
N GLY B 239 -7.53 -14.03 8.86
CA GLY B 239 -6.19 -14.43 8.50
C GLY B 239 -5.82 -15.81 9.02
N ALA B 240 -4.57 -16.21 8.80
CA ALA B 240 -4.06 -17.51 9.26
C ALA B 240 -3.54 -17.40 10.68
N TYR B 241 -3.84 -18.40 11.49
CA TYR B 241 -3.37 -18.43 12.87
C TYR B 241 -2.92 -19.84 13.24
N ASP B 242 -1.92 -19.92 14.11
CA ASP B 242 -1.53 -21.17 14.75
C ASP B 242 -0.79 -20.79 16.02
N HIS B 243 -1.57 -20.29 16.97
CA HIS B 243 -1.02 -19.55 18.09
C HIS B 243 -1.77 -19.84 19.39
N ASN B 244 -1.03 -19.89 20.49
CA ASN B 244 -1.63 -19.99 21.81
C ASN B 244 -1.97 -18.62 22.40
N PHE B 245 -3.17 -18.50 22.94
CA PHE B 245 -3.58 -17.29 23.65
C PHE B 245 -3.57 -17.53 25.15
N ALA B 246 -3.07 -16.55 25.89
CA ALA B 246 -3.07 -16.62 27.35
C ALA B 246 -4.40 -16.07 27.84
N LEU B 247 -5.30 -16.97 28.23
CA LEU B 247 -6.65 -16.57 28.64
C LEU B 247 -6.60 -15.81 29.95
N ASP B 248 -7.33 -14.70 30.01
CA ASP B 248 -7.36 -13.89 31.21
C ASP B 248 -7.87 -14.72 32.39
N GLY B 249 -7.18 -14.65 33.52
CA GLY B 249 -7.55 -15.42 34.70
C GLY B 249 -6.74 -16.69 34.90
N GLY B 250 -6.06 -17.14 33.85
CA GLY B 250 -5.24 -18.35 33.95
C GLY B 250 -6.07 -19.59 34.24
N VAL B 251 -5.56 -20.49 35.08
CA VAL B 251 -6.31 -21.69 35.43
C VAL B 251 -7.44 -21.30 36.38
N ARG B 252 -8.65 -21.78 36.08
CA ARG B 252 -9.81 -21.48 36.93
C ARG B 252 -10.44 -22.75 37.49
N GLU B 253 -11.00 -22.68 38.69
CA GLU B 253 -11.68 -23.83 39.29
C GLU B 253 -12.98 -24.16 38.55
N ALA B 254 -13.72 -23.12 38.16
CA ALA B 254 -14.98 -23.31 37.43
C ALA B 254 -14.79 -22.88 35.99
N PRO B 255 -15.36 -23.64 35.05
CA PRO B 255 -15.23 -23.28 33.64
C PRO B 255 -15.94 -21.95 33.35
N ARG B 256 -15.32 -21.09 32.55
CA ARG B 256 -15.93 -19.83 32.15
C ARG B 256 -15.78 -19.64 30.64
N THR B 257 -16.68 -18.89 30.03
CA THR B 257 -16.60 -18.65 28.59
C THR B 257 -15.35 -17.87 28.23
N VAL B 258 -14.55 -18.41 27.31
CA VAL B 258 -13.31 -17.75 26.90
C VAL B 258 -13.28 -17.47 25.40
N ALA B 259 -14.20 -18.08 24.66
CA ALA B 259 -14.26 -17.89 23.22
C ALA B 259 -15.71 -17.88 22.75
N GLU B 260 -16.02 -16.96 21.83
CA GLU B 260 -17.34 -16.90 21.23
C GLU B 260 -17.15 -16.84 19.74
N LEU B 261 -17.67 -17.85 19.05
CA LEU B 261 -17.50 -17.96 17.61
C LEU B 261 -18.89 -17.88 16.97
N TYR B 262 -18.97 -17.21 15.82
CA TYR B 262 -20.27 -16.98 15.21
C TYR B 262 -20.18 -16.93 13.69
N ASP B 263 -21.11 -17.61 13.03
CA ASP B 263 -21.22 -17.54 11.58
C ASP B 263 -22.47 -16.76 11.19
N PRO B 264 -22.28 -15.53 10.68
CA PRO B 264 -23.43 -14.68 10.34
C PRO B 264 -24.33 -15.31 9.28
N ARG B 265 -23.77 -16.14 8.40
CA ARG B 265 -24.54 -16.73 7.31
C ARG B 265 -25.63 -17.67 7.81
N SER B 266 -25.28 -18.53 8.75
CA SER B 266 -26.19 -19.56 9.25
C SER B 266 -26.85 -19.12 10.55
N GLY B 267 -26.21 -18.18 11.25
CA GLY B 267 -26.68 -17.79 12.56
C GLY B 267 -26.21 -18.69 13.70
N ARG B 268 -25.46 -19.74 13.39
CA ARG B 268 -24.95 -20.62 14.44
C ARG B 268 -23.86 -19.96 15.26
N ALA B 269 -23.92 -20.16 16.57
CA ALA B 269 -22.96 -19.55 17.50
C ALA B 269 -22.47 -20.62 18.46
N LEU B 270 -21.21 -20.48 18.87
CA LEU B 270 -20.58 -21.37 19.84
C LEU B 270 -19.99 -20.52 20.96
N ALA B 271 -20.26 -20.91 22.22
CA ALA B 271 -19.58 -20.32 23.37
C ALA B 271 -18.75 -21.43 23.97
N LEU B 272 -17.44 -21.25 23.99
CA LEU B 272 -16.52 -22.25 24.48
C LEU B 272 -16.09 -21.86 25.90
N ALA B 273 -16.44 -22.69 26.88
CA ALA B 273 -16.06 -22.46 28.27
C ALA B 273 -14.98 -23.44 28.69
N THR B 274 -14.07 -23.01 29.56
CA THR B 274 -13.02 -23.92 30.00
C THR B 274 -12.41 -23.53 31.35
N THR B 275 -11.71 -24.50 31.96
CA THR B 275 -10.91 -24.25 33.16
C THR B 275 -9.44 -23.96 32.80
N GLU B 276 -9.10 -24.23 31.54
CA GLU B 276 -7.71 -24.12 31.04
C GLU B 276 -7.20 -22.68 30.98
N PRO B 277 -5.86 -22.49 31.03
CA PRO B 277 -5.28 -21.15 30.98
C PRO B 277 -4.92 -20.69 29.57
N GLY B 278 -4.99 -21.60 28.61
CA GLY B 278 -4.57 -21.28 27.25
C GLY B 278 -5.54 -21.78 26.20
N LEU B 279 -5.46 -21.20 25.01
CA LEU B 279 -6.27 -21.66 23.89
C LEU B 279 -5.46 -21.58 22.60
N GLN B 280 -5.33 -22.71 21.90
CA GLN B 280 -4.67 -22.72 20.60
C GLN B 280 -5.71 -22.39 19.55
N LEU B 281 -5.47 -21.31 18.80
CA LEU B 281 -6.31 -21.00 17.65
C LEU B 281 -5.58 -21.44 16.41
N TYR B 282 -6.15 -22.41 15.69
CA TYR B 282 -5.51 -22.93 14.48
C TYR B 282 -6.50 -22.91 13.31
N THR B 283 -6.11 -22.26 12.22
CA THR B 283 -7.00 -22.08 11.08
C THR B 283 -6.83 -23.10 9.97
N ALA B 284 -6.23 -24.26 10.27
CA ALA B 284 -6.24 -25.40 9.34
C ALA B 284 -5.62 -25.11 7.98
N ASP B 285 -4.49 -24.41 7.98
CA ASP B 285 -3.90 -23.98 6.72
C ASP B 285 -3.19 -25.10 5.98
N HIS B 286 -3.01 -26.24 6.65
CA HIS B 286 -2.38 -27.40 6.02
C HIS B 286 -3.32 -28.10 5.04
N LEU B 287 -4.62 -27.85 5.17
CA LEU B 287 -5.59 -28.51 4.27
C LEU B 287 -5.43 -28.00 2.84
N ASP B 288 -5.47 -28.92 1.87
CA ASP B 288 -5.11 -28.60 0.49
C ASP B 288 -6.10 -29.12 -0.53
N GLY B 289 -7.31 -29.43 -0.07
CA GLY B 289 -8.38 -29.84 -0.97
C GLY B 289 -8.30 -31.29 -1.43
N THR B 290 -7.48 -32.10 -0.76
CA THR B 290 -7.31 -33.50 -1.18
C THR B 290 -8.13 -34.47 -0.35
N LEU B 291 -8.57 -34.02 0.83
CA LEU B 291 -9.37 -34.86 1.72
C LEU B 291 -10.85 -34.54 1.59
N THR B 292 -11.64 -35.54 1.23
CA THR B 292 -13.09 -35.37 1.16
C THR B 292 -13.69 -35.69 2.53
N GLY B 293 -14.38 -34.72 3.11
CA GLY B 293 -14.86 -34.86 4.47
C GLY B 293 -16.23 -35.49 4.58
N THR B 294 -16.75 -35.47 5.81
CA THR B 294 -18.03 -36.06 6.18
C THR B 294 -19.19 -35.66 5.25
N SER B 295 -19.29 -34.38 4.96
CA SER B 295 -20.40 -33.91 4.12
C SER B 295 -20.16 -34.11 2.63
N GLY B 296 -19.06 -34.77 2.28
CA GLY B 296 -18.79 -35.12 0.89
C GLY B 296 -18.11 -34.02 0.07
N VAL B 297 -17.49 -33.08 0.77
CA VAL B 297 -16.85 -31.93 0.14
C VAL B 297 -15.38 -31.89 0.58
N PRO B 298 -14.47 -31.72 -0.40
CA PRO B 298 -13.03 -31.64 -0.07
C PRO B 298 -12.74 -30.42 0.80
N TYR B 299 -11.86 -30.59 1.78
CA TYR B 299 -11.54 -29.53 2.71
C TYR B 299 -10.40 -28.68 2.16
N GLY B 300 -10.67 -27.41 1.89
CA GLY B 300 -9.63 -26.47 1.53
C GLY B 300 -9.04 -25.85 2.78
N PRO B 301 -8.05 -24.95 2.63
CA PRO B 301 -7.46 -24.27 3.79
C PRO B 301 -8.54 -23.50 4.57
N ALA B 302 -8.46 -23.51 5.89
CA ALA B 302 -9.44 -22.85 6.76
C ALA B 302 -10.86 -23.37 6.59
N ALA B 303 -11.00 -24.63 6.19
CA ALA B 303 -12.31 -25.26 6.06
C ALA B 303 -13.02 -25.26 7.40
N GLY B 304 -12.24 -25.29 8.48
CA GLY B 304 -12.75 -25.25 9.83
C GLY B 304 -11.72 -24.65 10.77
N LEU B 305 -12.16 -24.28 11.97
CA LEU B 305 -11.29 -23.64 12.96
C LEU B 305 -11.16 -24.53 14.18
N ALA B 306 -9.93 -24.76 14.61
CA ALA B 306 -9.69 -25.50 15.85
C ALA B 306 -9.42 -24.53 16.99
N LEU B 307 -10.17 -24.67 18.07
CA LEU B 307 -9.99 -23.89 19.29
C LEU B 307 -9.69 -24.88 20.41
N GLU B 308 -8.41 -25.09 20.69
CA GLU B 308 -8.01 -26.13 21.63
C GLU B 308 -7.67 -25.54 22.99
N THR B 309 -8.45 -25.90 24.00
CA THR B 309 -8.17 -25.43 25.36
C THR B 309 -7.02 -26.27 25.92
N GLN B 310 -6.03 -25.61 26.53
CA GLN B 310 -4.77 -26.30 26.82
C GLN B 310 -3.90 -25.51 27.77
N HIS B 311 -2.84 -26.14 28.27
CA HIS B 311 -1.75 -25.40 28.89
C HIS B 311 -0.81 -24.98 27.76
N PHE B 312 0.10 -24.05 28.03
CA PHE B 312 0.87 -23.39 26.96
C PHE B 312 1.81 -24.36 26.25
N PRO B 313 2.10 -24.11 24.96
CA PRO B 313 3.12 -24.90 24.25
C PRO B 313 4.46 -24.89 24.97
N ASP B 314 5.17 -26.02 24.93
CA ASP B 314 6.52 -26.15 25.50
C ASP B 314 6.59 -25.96 27.02
N SER B 315 5.48 -26.12 27.72
CA SER B 315 5.50 -25.93 29.17
C SER B 315 6.51 -26.81 29.93
N PRO B 316 6.71 -28.08 29.50
CA PRO B 316 7.74 -28.87 30.19
C PRO B 316 9.16 -28.28 30.11
N ASN B 317 9.40 -27.32 29.22
CA ASN B 317 10.69 -26.65 29.17
C ASN B 317 10.63 -25.19 29.62
N ARG B 318 9.45 -24.79 30.09
CA ARG B 318 9.19 -23.40 30.45
C ARG B 318 8.55 -23.30 31.83
N PRO B 319 9.37 -23.33 32.88
CA PRO B 319 8.85 -23.31 34.25
C PRO B 319 8.14 -22.00 34.58
N ASP B 320 8.28 -20.99 33.73
CA ASP B 320 7.54 -19.74 33.90
C ASP B 320 6.07 -19.85 33.47
N PHE B 321 5.72 -20.92 32.76
CA PHE B 321 4.34 -21.15 32.33
C PHE B 321 3.60 -21.98 33.39
N PRO B 322 2.25 -21.90 33.40
CA PRO B 322 1.45 -22.72 34.35
C PRO B 322 1.83 -24.20 34.27
N SER B 323 2.10 -24.80 35.42
CA SER B 323 2.69 -26.13 35.46
C SER B 323 1.82 -27.23 34.85
N THR B 324 2.44 -28.15 34.12
CA THR B 324 1.74 -29.30 33.56
C THR B 324 2.17 -30.59 34.24
N VAL B 325 2.90 -30.46 35.34
CA VAL B 325 3.36 -31.62 36.09
C VAL B 325 2.23 -32.25 36.90
N LEU B 326 2.21 -33.58 36.95
CA LEU B 326 1.30 -34.31 37.82
C LEU B 326 2.12 -35.30 38.61
N ARG B 327 1.85 -35.38 39.91
CA ARG B 327 2.61 -36.24 40.80
C ARG B 327 1.66 -37.21 41.49
N PRO B 328 2.17 -38.36 41.94
CA PRO B 328 1.35 -39.36 42.63
C PRO B 328 0.56 -38.75 43.79
N GLY B 329 -0.72 -39.09 43.90
CA GLY B 329 -1.55 -38.55 44.96
C GLY B 329 -2.33 -37.31 44.56
N GLU B 330 -1.93 -36.69 43.45
CA GLU B 330 -2.63 -35.53 42.93
C GLU B 330 -3.66 -35.95 41.89
N SER B 331 -4.60 -35.07 41.59
CA SER B 331 -5.60 -35.37 40.57
C SER B 331 -5.57 -34.28 39.52
N TYR B 332 -5.47 -34.70 38.26
CA TYR B 332 -5.57 -33.80 37.12
C TYR B 332 -7.03 -33.74 36.71
N ARG B 333 -7.56 -32.53 36.52
CA ARG B 333 -8.92 -32.38 36.03
C ARG B 333 -9.04 -31.16 35.16
N SER B 334 -9.61 -31.35 33.98
CA SER B 334 -9.84 -30.23 33.07
C SER B 334 -11.26 -30.34 32.55
N GLU B 335 -11.91 -29.20 32.37
CA GLU B 335 -13.28 -29.20 31.86
C GLU B 335 -13.45 -28.18 30.75
N THR B 336 -14.02 -28.60 29.63
CA THR B 336 -14.29 -27.70 28.52
C THR B 336 -15.72 -27.95 28.05
N VAL B 337 -16.46 -26.87 27.80
CA VAL B 337 -17.84 -26.98 27.37
C VAL B 337 -18.03 -26.27 26.04
N TYR B 338 -18.63 -26.97 25.08
CA TYR B 338 -18.98 -26.39 23.79
C TYR B 338 -20.47 -26.15 23.75
N ALA B 339 -20.88 -24.91 23.99
CA ALA B 339 -22.31 -24.57 24.01
C ALA B 339 -22.76 -23.93 22.71
N PHE B 340 -23.68 -24.60 22.02
CA PHE B 340 -24.17 -24.08 20.73
C PHE B 340 -25.49 -23.35 20.89
N SER B 341 -25.70 -22.37 20.03
CA SER B 341 -26.95 -21.63 20.02
C SER B 341 -27.10 -20.97 18.67
N VAL B 342 -28.09 -20.11 18.57
CA VAL B 342 -28.35 -19.33 17.36
C VAL B 342 -28.54 -17.86 17.73
N ARG B 343 -28.06 -16.95 16.89
CA ARG B 343 -28.33 -15.51 17.07
C ARG B 343 -29.28 -15.02 15.99
N ALA C 3 -4.40 26.84 12.32
CA ALA C 3 -3.63 26.20 11.26
C ALA C 3 -2.56 27.17 10.72
N ARG C 5 -0.11 28.39 7.39
CA ARG C 5 -0.19 28.44 5.93
C ARG C 5 0.73 27.35 5.37
N THR C 6 0.27 26.62 4.37
CA THR C 6 1.11 25.57 3.77
C THR C 6 2.31 26.18 3.08
N GLN C 7 3.51 25.68 3.41
CA GLN C 7 4.76 26.11 2.78
C GLN C 7 5.10 25.12 1.67
N VAL C 8 5.40 25.63 0.48
CA VAL C 8 5.71 24.77 -0.66
C VAL C 8 7.10 25.09 -1.18
N SER C 9 7.93 24.07 -1.38
CA SER C 9 9.29 24.26 -1.87
C SER C 9 9.66 23.16 -2.86
N ARG C 10 10.66 23.43 -3.70
CA ARG C 10 11.07 22.49 -4.74
C ARG C 10 12.59 22.39 -4.75
N GLU C 11 13.12 21.17 -4.86
CA GLU C 11 14.56 20.96 -5.02
C GLU C 11 14.78 19.89 -6.07
N PRO C 12 15.95 19.90 -6.71
CA PRO C 12 16.29 18.80 -7.61
C PRO C 12 16.34 17.48 -6.83
N PHE C 13 16.00 16.37 -7.47
CA PHE C 13 15.95 15.08 -6.79
C PHE C 13 16.83 14.04 -7.48
N GLY C 14 17.31 14.36 -8.67
CA GLY C 14 18.19 13.48 -9.42
C GLY C 14 17.85 13.48 -10.89
N THR C 15 18.46 12.58 -11.65
CA THR C 15 18.21 12.49 -13.08
C THR C 15 18.06 11.04 -13.48
N LEU C 16 17.15 10.77 -14.41
CA LEU C 16 17.03 9.42 -14.99
C LEU C 16 18.13 9.21 -16.04
N ASP C 17 18.34 7.96 -16.42
CA ASP C 17 19.36 7.61 -17.41
C ASP C 17 19.15 8.27 -18.77
N ASP C 18 17.90 8.53 -19.14
CA ASP C 18 17.63 9.15 -20.44
C ASP C 18 17.91 10.66 -20.39
N GLY C 19 18.38 11.13 -19.25
CA GLY C 19 18.74 12.53 -19.06
C GLY C 19 17.67 13.39 -18.42
N THR C 20 16.48 12.83 -18.20
CA THR C 20 15.38 13.61 -17.66
C THR C 20 15.56 13.96 -16.18
N ARG C 21 15.54 15.24 -15.86
CA ARG C 21 15.68 15.67 -14.47
C ARG C 21 14.38 15.49 -13.71
N VAL C 22 14.51 15.15 -12.42
CA VAL C 22 13.37 14.93 -11.53
C VAL C 22 13.51 15.90 -10.35
N ASP C 23 12.40 16.48 -9.92
CA ASP C 23 12.37 17.40 -8.78
C ASP C 23 11.57 16.78 -7.65
N ARG C 24 11.83 17.24 -6.43
CA ARG C 24 11.02 16.88 -5.26
C ARG C 24 10.35 18.13 -4.68
N TRP C 25 9.03 18.07 -4.57
CA TRP C 25 8.27 19.16 -4.00
C TRP C 25 7.91 18.83 -2.56
N THR C 26 8.14 19.77 -1.65
CA THR C 26 7.80 19.54 -0.25
C THR C 26 6.64 20.43 0.15
N LEU C 27 5.63 19.81 0.76
CA LEU C 27 4.43 20.49 1.24
C LEU C 27 4.43 20.35 2.75
N GLU C 28 4.40 21.48 3.46
CA GLU C 28 4.58 21.45 4.92
C GLU C 28 3.53 22.35 5.59
N SER C 29 2.72 21.78 6.46
CA SER C 29 1.71 22.57 7.18
C SER C 29 1.97 22.71 8.68
N GLY C 30 3.17 22.34 9.11
CA GLY C 30 3.58 22.61 10.48
C GLY C 30 3.51 21.39 11.39
N PRO C 31 4.09 21.51 12.60
CA PRO C 31 4.17 20.40 13.57
C PRO C 31 2.80 19.78 13.88
N ALA C 32 1.73 20.57 13.81
CA ALA C 32 0.39 20.04 14.06
C ALA C 32 -0.21 19.48 12.77
N GLY C 33 0.44 19.76 11.65
CA GLY C 33 -0.03 19.36 10.34
C GLY C 33 0.77 18.20 9.76
N LEU C 34 0.97 18.23 8.44
CA LEU C 34 1.70 17.17 7.75
C LEU C 34 2.93 17.71 7.08
N ARG C 35 3.87 16.82 6.77
CA ARG C 35 4.84 17.11 5.72
C ARG C 35 4.67 16.03 4.67
N VAL C 36 4.51 16.44 3.41
CA VAL C 36 4.34 15.50 2.32
C VAL C 36 5.35 15.84 1.24
N ARG C 37 6.05 14.84 0.68
CA ARG C 37 6.96 15.10 -0.41
CA ARG C 37 6.98 15.10 -0.41
C ARG C 37 6.52 14.39 -1.67
N VAL C 38 6.52 15.11 -2.79
CA VAL C 38 6.02 14.59 -4.06
C VAL C 38 7.10 14.70 -5.13
N LEU C 39 7.32 13.60 -5.87
CA LEU C 39 8.30 13.59 -6.94
C LEU C 39 7.65 13.88 -8.29
N THR C 40 8.37 14.52 -9.19
CA THR C 40 7.82 14.72 -10.54
C THR C 40 7.90 13.42 -11.32
N TYR C 41 8.73 12.49 -10.86
CA TYR C 41 8.78 11.15 -11.46
C TYR C 41 7.60 10.38 -10.93
N GLY C 42 6.69 10.00 -11.82
CA GLY C 42 5.59 9.13 -11.45
C GLY C 42 4.60 9.71 -10.45
N GLY C 43 4.64 11.03 -10.26
CA GLY C 43 3.76 11.66 -9.29
C GLY C 43 3.87 11.05 -7.91
N ILE C 44 5.05 10.52 -7.61
CA ILE C 44 5.23 9.67 -6.43
C ILE C 44 5.18 10.45 -5.13
N VAL C 45 4.30 10.02 -4.22
CA VAL C 45 4.33 10.53 -2.86
C VAL C 45 5.43 9.79 -2.15
N GLN C 46 6.57 10.44 -1.98
CA GLN C 46 7.76 9.82 -1.41
C GLN C 46 7.64 9.61 0.09
N THR C 47 7.15 10.62 0.80
CA THR C 47 6.99 10.52 2.25
C THR C 47 5.72 11.23 2.71
N VAL C 48 5.13 10.74 3.80
CA VAL C 48 4.02 11.40 4.49
C VAL C 48 4.33 11.37 5.99
N GLU C 49 4.37 12.54 6.63
CA GLU C 49 4.68 12.63 8.06
C GLU C 49 3.54 13.28 8.81
N ALA C 50 3.15 12.69 9.94
CA ALA C 50 2.00 13.16 10.72
C ALA C 50 2.26 12.86 12.19
N PRO C 51 1.63 13.62 13.10
CA PRO C 51 1.92 13.39 14.52
C PRO C 51 1.17 12.21 15.13
N ASP C 52 1.77 11.57 16.13
CA ASP C 52 1.08 10.56 16.93
C ASP C 52 0.26 11.25 18.01
N ARG C 53 -0.36 10.47 18.90
CA ARG C 53 -1.21 11.08 19.93
C ARG C 53 -0.43 11.92 20.93
N ASP C 54 0.91 11.82 20.91
CA ASP C 54 1.74 12.63 21.81
C ASP C 54 2.32 13.85 21.11
N GLY C 55 1.96 14.02 19.83
CA GLY C 55 2.42 15.15 19.05
C GLY C 55 3.69 14.91 18.25
N ARG C 57 6.04 13.77 15.37
CA ARG C 57 5.99 13.52 13.93
C ARG C 57 6.68 12.20 13.58
N GLY C 58 6.09 11.43 12.67
CA GLY C 58 6.67 10.18 12.21
C GLY C 58 6.35 9.97 10.75
N GLN C 59 7.26 9.34 10.01
CA GLN C 59 7.08 9.10 8.57
C GLN C 59 6.34 7.78 8.35
N LEU C 60 5.29 7.80 7.53
CA LEU C 60 4.32 6.71 7.51
C LEU C 60 4.26 5.95 6.19
N ALA C 61 4.77 6.53 5.13
CA ALA C 61 4.57 5.95 3.79
C ALA C 61 5.71 5.02 3.42
N LEU C 62 5.41 3.95 2.71
CA LEU C 62 6.47 3.08 2.18
C LEU C 62 7.11 3.81 1.01
N GLY C 63 8.43 3.87 1.01
CA GLY C 63 9.13 4.58 -0.05
C GLY C 63 10.63 4.42 0.06
N PHE C 64 11.37 5.12 -0.79
CA PHE C 64 12.82 5.00 -0.86
C PHE C 64 13.44 6.38 -0.72
N ALA C 65 14.69 6.41 -0.27
CA ALA C 65 15.41 7.66 -0.08
C ALA C 65 15.83 8.29 -1.41
N ASP C 66 16.08 7.47 -2.43
CA ASP C 66 16.56 8.06 -3.68
C ASP C 66 15.94 7.56 -4.98
N LEU C 67 16.11 8.35 -6.03
CA LEU C 67 15.45 8.14 -7.31
C LEU C 67 15.80 6.79 -7.93
N ALA C 68 17.07 6.40 -7.84
CA ALA C 68 17.51 5.15 -8.46
C ALA C 68 16.76 3.93 -7.93
N SER C 69 16.38 3.96 -6.66
CA SER C 69 15.61 2.87 -6.07
C SER C 69 14.22 2.79 -6.68
N TYR C 70 13.58 3.95 -6.87
CA TYR C 70 12.26 3.95 -7.50
C TYR C 70 12.33 3.46 -8.94
N ALA C 71 13.39 3.85 -9.64
CA ALA C 71 13.57 3.41 -11.02
C ALA C 71 13.79 1.90 -11.10
N ALA C 72 14.53 1.36 -10.13
CA ALA C 72 14.87 -0.07 -10.11
C ALA C 72 13.74 -0.95 -9.59
N HIS C 73 12.85 -0.38 -8.78
CA HIS C 73 11.83 -1.18 -8.08
C HIS C 73 10.43 -0.61 -8.23
N GLY C 74 10.06 -0.26 -9.46
CA GLY C 74 8.78 0.35 -9.73
C GLY C 74 7.62 -0.63 -9.59
N GLY C 75 7.97 -1.92 -9.53
CA GLY C 75 6.99 -2.98 -9.44
C GLY C 75 6.16 -2.95 -8.16
N SER C 76 6.67 -2.27 -7.14
CA SER C 76 5.90 -2.14 -5.90
C SER C 76 4.93 -0.97 -5.97
N TYR C 77 5.16 -0.08 -6.93
CA TYR C 77 4.32 1.10 -7.12
C TYR C 77 4.23 1.97 -5.86
N PHE C 78 5.29 2.01 -5.06
CA PHE C 78 5.32 2.87 -3.88
C PHE C 78 4.93 4.30 -4.23
N GLY C 79 3.95 4.85 -3.51
CA GLY C 79 3.52 6.23 -3.63
C GLY C 79 2.99 6.72 -4.97
N ALA C 80 2.78 5.80 -5.91
CA ALA C 80 2.69 6.18 -7.32
C ALA C 80 1.35 6.75 -7.79
N LEU C 81 1.43 7.77 -8.64
CA LEU C 81 0.28 8.17 -9.47
C LEU C 81 0.16 7.10 -10.56
N VAL C 82 -0.98 6.41 -10.58
CA VAL C 82 -1.16 5.26 -11.48
C VAL C 82 -2.14 5.59 -12.60
N GLY C 83 -1.76 5.29 -13.83
CA GLY C 83 -2.58 5.55 -15.01
C GLY C 83 -1.88 4.93 -16.20
N ARG C 84 -2.49 4.91 -17.38
CA ARG C 84 -3.79 5.53 -17.66
C ARG C 84 -4.97 4.79 -17.03
N TYR C 85 -4.77 3.51 -16.75
CA TYR C 85 -5.82 2.71 -16.15
C TYR C 85 -5.29 1.96 -14.93
N ALA C 86 -5.82 2.28 -13.76
CA ALA C 86 -5.38 1.62 -12.53
C ALA C 86 -5.97 0.21 -12.39
N ASN C 87 -5.14 -0.71 -11.89
CA ASN C 87 -5.48 -2.12 -11.73
C ASN C 87 -5.51 -2.85 -13.08
N ARG C 88 -6.26 -3.95 -13.16
CA ARG C 88 -6.12 -4.90 -14.27
C ARG C 88 -7.14 -4.78 -15.39
N ILE C 89 -6.66 -4.97 -16.62
CA ILE C 89 -7.53 -5.20 -17.78
C ILE C 89 -7.26 -6.61 -18.30
N ALA C 90 -8.31 -7.45 -18.30
CA ALA C 90 -8.17 -8.86 -18.61
C ALA C 90 -7.62 -9.09 -20.02
N GLY C 91 -6.62 -9.99 -20.12
CA GLY C 91 -6.04 -10.36 -21.40
C GLY C 91 -5.29 -9.25 -22.10
N ALA C 92 -5.04 -8.15 -21.40
CA ALA C 92 -4.35 -6.98 -21.95
C ALA C 92 -5.01 -6.52 -23.25
N SER C 93 -6.34 -6.51 -23.24
CA SER C 93 -7.11 -6.14 -24.42
C SER C 93 -8.52 -5.73 -24.00
N PHE C 94 -9.10 -4.76 -24.72
CA PHE C 94 -10.50 -4.40 -24.52
C PHE C 94 -11.04 -3.83 -25.83
N VAL C 95 -12.36 -3.77 -25.95
CA VAL C 95 -12.98 -3.22 -27.15
C VAL C 95 -13.63 -1.89 -26.79
N LEU C 96 -13.40 -0.87 -27.64
CA LEU C 96 -14.05 0.42 -27.46
C LEU C 96 -14.53 0.92 -28.82
N ASP C 97 -15.81 1.24 -28.92
CA ASP C 97 -16.40 1.68 -30.18
C ASP C 97 -16.02 0.77 -31.34
N GLY C 98 -16.11 -0.55 -31.13
CA GLY C 98 -15.95 -1.51 -32.20
C GLY C 98 -14.52 -1.91 -32.51
N ARG C 99 -13.57 -1.19 -31.90
CA ARG C 99 -12.16 -1.41 -32.15
C ARG C 99 -11.51 -2.21 -31.03
N THR C 100 -10.67 -3.18 -31.37
CA THR C 100 -9.92 -3.90 -30.34
C THR C 100 -8.61 -3.17 -30.04
N ASP C 101 -8.39 -2.86 -28.77
CA ASP C 101 -7.16 -2.20 -28.36
C ASP C 101 -6.26 -3.22 -27.66
N ALA C 102 -5.10 -3.49 -28.25
CA ALA C 102 -4.12 -4.39 -27.65
C ALA C 102 -3.18 -3.60 -26.76
N LEU C 103 -3.04 -4.04 -25.51
CA LEU C 103 -2.13 -3.41 -24.55
C LEU C 103 -0.96 -4.35 -24.29
N THR C 104 0.04 -3.87 -23.58
CA THR C 104 1.15 -4.73 -23.18
C THR C 104 0.74 -5.64 -22.03
N PRO C 105 0.89 -6.96 -22.20
CA PRO C 105 0.64 -7.83 -21.05
C PRO C 105 1.84 -7.81 -20.12
N ASN C 106 1.76 -7.00 -19.07
CA ASN C 106 2.85 -6.86 -18.11
C ASN C 106 2.56 -7.58 -16.79
N ASN C 107 1.42 -8.25 -16.73
CA ASN C 107 1.03 -9.01 -15.54
C ASN C 107 0.44 -10.37 -15.92
N GLY C 108 1.31 -11.30 -16.29
CA GLY C 108 0.84 -12.54 -16.90
C GLY C 108 0.15 -12.21 -18.21
N ARG C 109 -1.07 -12.70 -18.39
N ARG C 109 -1.07 -12.70 -18.39
CA ARG C 109 -1.84 -12.39 -19.60
CA ARG C 109 -1.86 -12.39 -19.59
C ARG C 109 -2.47 -10.99 -19.57
C ARG C 109 -2.45 -10.99 -19.58
N HIS C 110 -2.43 -10.35 -18.41
CA HIS C 110 -3.20 -9.11 -18.20
C HIS C 110 -2.39 -7.82 -18.28
N SER C 111 -3.10 -6.71 -18.45
CA SER C 111 -2.49 -5.38 -18.36
C SER C 111 -2.69 -4.88 -16.94
N LEU C 112 -1.61 -4.40 -16.32
CA LEU C 112 -1.70 -3.89 -14.95
C LEU C 112 -1.19 -2.44 -14.87
N HIS C 113 -1.98 -1.58 -14.24
CA HIS C 113 -1.56 -0.23 -13.89
C HIS C 113 -1.03 0.59 -15.07
N GLY C 114 -1.64 0.40 -16.24
CA GLY C 114 -1.36 1.29 -17.36
C GLY C 114 -0.17 0.87 -18.18
N GLY C 115 0.45 -0.26 -17.84
CA GLY C 115 1.53 -0.83 -18.64
C GLY C 115 2.91 -0.47 -18.12
N PRO C 116 3.96 -1.07 -18.71
CA PRO C 116 5.33 -0.82 -18.26
C PRO C 116 5.70 0.66 -18.27
N GLY C 117 5.25 1.40 -19.28
CA GLY C 117 5.49 2.84 -19.33
C GLY C 117 4.29 3.65 -18.87
N GLY C 118 3.60 3.15 -17.85
CA GLY C 118 2.45 3.84 -17.30
C GLY C 118 2.83 5.12 -16.57
N PHE C 119 1.82 5.82 -16.08
CA PHE C 119 1.99 7.17 -15.51
C PHE C 119 2.97 7.16 -14.33
N SER C 120 3.09 6.04 -13.64
N SER C 120 3.07 6.02 -13.65
CA SER C 120 3.97 5.96 -12.46
CA SER C 120 3.95 5.86 -12.49
C SER C 120 5.44 5.87 -12.86
C SER C 120 5.42 5.91 -12.86
N ARG C 121 5.71 5.80 -14.16
CA ARG C 121 7.08 5.61 -14.64
C ARG C 121 7.52 6.68 -15.62
N VAL C 122 6.80 7.80 -15.67
CA VAL C 122 7.18 8.89 -16.56
C VAL C 122 7.29 10.17 -15.75
N VAL C 123 7.96 11.17 -16.31
CA VAL C 123 8.17 12.42 -15.58
C VAL C 123 7.11 13.46 -15.95
N TRP C 124 6.54 14.09 -14.94
CA TRP C 124 5.45 15.06 -15.09
C TRP C 124 5.96 16.48 -14.98
N ASP C 125 5.35 17.40 -15.74
CA ASP C 125 5.66 18.82 -15.59
C ASP C 125 5.02 19.25 -14.28
N ALA C 126 5.63 20.19 -13.57
CA ALA C 126 5.08 20.63 -12.29
C ALA C 126 5.09 22.14 -12.16
N ARG C 127 4.07 22.67 -11.50
CA ARG C 127 4.13 24.07 -11.10
C ARG C 127 3.48 24.25 -9.74
N GLU C 128 3.89 25.29 -9.03
CA GLU C 128 3.33 25.56 -7.73
C GLU C 128 1.92 26.12 -7.87
N VAL C 129 1.02 25.69 -6.99
CA VAL C 129 -0.30 26.31 -6.86
C VAL C 129 -0.53 26.64 -5.38
N ASP C 130 -1.63 27.33 -5.08
CA ASP C 130 -1.98 27.61 -3.69
C ASP C 130 -2.07 26.31 -2.90
N GLY C 131 -1.21 26.15 -1.91
CA GLY C 131 -1.28 24.98 -1.05
C GLY C 131 -0.62 23.72 -1.58
N GLY C 132 -0.01 23.78 -2.75
CA GLY C 132 0.63 22.59 -3.27
C GLY C 132 1.30 22.67 -4.62
N VAL C 133 1.26 21.54 -5.33
CA VAL C 133 1.90 21.43 -6.62
C VAL C 133 0.93 20.77 -7.59
N GLN C 134 0.91 21.24 -8.83
CA GLN C 134 0.10 20.63 -9.86
C GLN C 134 1.00 19.97 -10.89
N LEU C 135 0.79 18.68 -11.12
CA LEU C 135 1.51 17.94 -12.15
C LEU C 135 0.70 17.91 -13.43
N HIS C 136 1.38 18.04 -14.57
CA HIS C 136 0.68 18.03 -15.85
C HIS C 136 1.46 17.25 -16.90
N ARG C 137 0.74 16.42 -17.65
CA ARG C 137 1.37 15.70 -18.74
C ARG C 137 0.31 15.21 -19.72
N VAL C 138 0.57 15.36 -21.00
CA VAL C 138 -0.26 14.75 -22.02
C VAL C 138 0.26 13.35 -22.34
N SER C 139 -0.60 12.36 -22.19
CA SER C 139 -0.34 10.98 -22.62
C SER C 139 -0.81 10.87 -24.07
N PRO C 140 0.12 10.72 -25.02
CA PRO C 140 -0.19 10.77 -26.45
C PRO C 140 -1.10 9.62 -26.89
N ASP C 141 -1.79 9.81 -28.01
CA ASP C 141 -2.61 8.75 -28.60
C ASP C 141 -1.70 7.55 -28.84
N GLY C 142 -2.16 6.38 -28.41
CA GLY C 142 -1.38 5.16 -28.61
C GLY C 142 -0.39 4.84 -27.50
N GLU C 143 -0.22 5.74 -26.53
CA GLU C 143 0.73 5.46 -25.45
C GLU C 143 0.29 4.23 -24.66
N GLU C 144 1.16 3.23 -24.61
CA GLU C 144 0.84 1.93 -23.99
C GLU C 144 -0.42 1.29 -24.58
N GLY C 145 -0.69 1.60 -25.84
CA GLY C 145 -1.80 1.01 -26.55
C GLY C 145 -3.16 1.67 -26.35
N PHE C 146 -3.22 2.64 -25.45
CA PHE C 146 -4.49 3.33 -25.19
C PHE C 146 -4.75 4.41 -26.24
N PRO C 147 -5.99 4.49 -26.74
CA PRO C 147 -6.30 5.48 -27.79
C PRO C 147 -6.55 6.89 -27.24
N GLY C 148 -6.20 7.90 -28.03
CA GLY C 148 -6.53 9.28 -27.71
C GLY C 148 -5.44 9.96 -26.90
N ALA C 149 -5.15 11.23 -27.23
CA ALA C 149 -4.24 12.00 -26.39
C ALA C 149 -5.00 12.44 -25.14
N LEU C 150 -4.49 12.05 -23.97
CA LEU C 150 -5.15 12.37 -22.71
C LEU C 150 -4.36 13.46 -21.98
N ASP C 151 -4.99 14.62 -21.82
CA ASP C 151 -4.37 15.78 -21.18
C ASP C 151 -4.69 15.72 -19.69
N VAL C 152 -3.70 15.38 -18.87
CA VAL C 152 -3.93 15.07 -17.46
C VAL C 152 -3.30 16.06 -16.48
N ARG C 153 -4.08 16.49 -15.51
N ARG C 153 -4.09 16.50 -15.51
CA ARG C 153 -3.57 17.30 -14.40
CA ARG C 153 -3.56 17.31 -14.40
C ARG C 153 -3.88 16.65 -13.05
C ARG C 153 -3.88 16.66 -13.06
N VAL C 154 -2.87 16.52 -12.22
CA VAL C 154 -3.06 15.96 -10.88
C VAL C 154 -2.54 16.97 -9.87
N THR C 155 -3.43 17.45 -9.01
CA THR C 155 -3.08 18.53 -8.08
C THR C 155 -3.04 18.03 -6.64
N TYR C 156 -1.90 18.20 -5.98
CA TYR C 156 -1.69 17.75 -4.62
C TYR C 156 -1.67 18.99 -3.75
N THR C 157 -2.63 19.12 -2.83
CA THR C 157 -2.61 20.25 -1.92
C THR C 157 -2.74 19.78 -0.50
N LEU C 158 -2.20 20.59 0.40
CA LEU C 158 -2.19 20.29 1.80
C LEU C 158 -2.86 21.41 2.58
N SER C 159 -3.78 21.04 3.45
CA SER C 159 -4.40 21.99 4.35
C SER C 159 -4.46 21.38 5.74
N ALA C 160 -3.76 21.99 6.69
CA ALA C 160 -3.58 21.41 8.02
C ALA C 160 -3.21 19.92 7.95
N GLY C 161 -4.05 19.07 8.52
CA GLY C 161 -3.77 17.64 8.53
C GLY C 161 -4.31 16.83 7.36
N ALA C 162 -4.74 17.50 6.30
CA ALA C 162 -5.36 16.78 5.18
C ALA C 162 -4.65 16.98 3.84
N LEU C 163 -4.28 15.87 3.23
CA LEU C 163 -3.74 15.85 1.87
C LEU C 163 -4.83 15.58 0.85
N ARG C 164 -4.99 16.51 -0.08
N ARG C 164 -5.01 16.52 -0.07
CA ARG C 164 -6.00 16.39 -1.12
CA ARG C 164 -6.02 16.41 -1.11
C ARG C 164 -5.36 16.17 -2.48
C ARG C 164 -5.36 16.17 -2.48
N ILE C 165 -5.86 15.19 -3.22
CA ILE C 165 -5.38 14.92 -4.57
C ILE C 165 -6.55 14.94 -5.54
N VAL C 166 -6.52 15.89 -6.47
CA VAL C 166 -7.56 15.99 -7.49
C VAL C 166 -6.96 15.67 -8.84
N SER C 167 -7.54 14.69 -9.53
CA SER C 167 -7.09 14.30 -10.87
C SER C 167 -8.13 14.72 -11.90
N CYS C 168 -7.68 15.43 -12.93
CA CYS C 168 -8.56 15.96 -13.97
C CYS C 168 -8.02 15.53 -15.34
N ALA C 169 -8.91 15.24 -16.29
CA ALA C 169 -8.42 14.89 -17.62
C ALA C 169 -9.44 15.20 -18.71
N THR C 170 -8.93 15.50 -19.90
CA THR C 170 -9.75 15.56 -21.11
C THR C 170 -9.03 14.75 -22.18
N THR C 171 -9.76 14.31 -23.21
CA THR C 171 -9.17 13.49 -24.26
C THR C 171 -9.61 13.98 -25.63
N ASP C 172 -8.80 13.72 -26.64
CA ASP C 172 -9.18 14.12 -27.99
C ASP C 172 -9.83 12.98 -28.80
N ALA C 173 -9.94 11.80 -28.19
CA ALA C 173 -10.60 10.64 -28.79
C ALA C 173 -11.10 9.72 -27.68
N PRO C 174 -12.19 8.96 -27.91
CA PRO C 174 -12.69 8.08 -26.85
C PRO C 174 -11.61 7.18 -26.27
N THR C 175 -11.59 7.03 -24.95
CA THR C 175 -10.55 6.26 -24.28
C THR C 175 -11.09 5.75 -22.95
N VAL C 176 -10.29 5.00 -22.20
CA VAL C 176 -10.66 4.67 -20.83
C VAL C 176 -9.66 5.35 -19.89
N VAL C 177 -10.11 5.73 -18.70
CA VAL C 177 -9.27 6.45 -17.73
CA VAL C 177 -9.25 6.41 -17.75
C VAL C 177 -9.66 6.02 -16.33
N ASN C 178 -8.69 5.73 -15.50
CA ASN C 178 -8.94 5.32 -14.12
C ASN C 178 -7.68 5.60 -13.33
N LEU C 179 -7.59 6.80 -12.75
CA LEU C 179 -6.36 7.24 -12.08
C LEU C 179 -6.44 7.05 -10.58
N THR C 180 -5.32 6.71 -9.94
CA THR C 180 -5.33 6.55 -8.49
C THR C 180 -3.95 6.82 -7.93
N ASN C 181 -3.88 6.93 -6.60
CA ASN C 181 -2.58 6.99 -5.96
C ASN C 181 -2.36 5.72 -5.16
N HIS C 182 -1.18 5.13 -5.30
CA HIS C 182 -0.88 3.79 -4.80
C HIS C 182 -0.05 3.88 -3.54
N THR C 183 -0.22 4.95 -2.76
CA THR C 183 0.47 5.11 -1.48
C THR C 183 0.19 3.93 -0.55
N TYR C 184 1.25 3.38 0.07
CA TYR C 184 1.07 2.43 1.17
C TYR C 184 1.37 3.15 2.47
N LEU C 185 0.54 2.91 3.49
CA LEU C 185 0.76 3.54 4.79
C LEU C 185 0.89 2.55 5.92
N ASN C 186 1.79 2.87 6.86
CA ASN C 186 1.81 2.20 8.15
C ASN C 186 1.70 3.35 9.16
N LEU C 187 0.56 3.45 9.80
CA LEU C 187 0.30 4.59 10.68
C LEU C 187 1.16 4.57 11.95
N GLY C 188 1.86 3.46 12.19
CA GLY C 188 2.79 3.38 13.30
C GLY C 188 4.22 3.73 12.87
N GLY C 189 4.39 4.06 11.60
CA GLY C 189 5.72 4.35 11.05
C GLY C 189 6.12 3.30 10.04
N ASP C 190 6.72 3.71 8.93
CA ASP C 190 7.03 2.75 7.85
C ASP C 190 8.02 1.66 8.29
N GLY C 191 8.82 1.94 9.30
CA GLY C 191 9.78 0.94 9.80
C GLY C 191 9.31 0.20 11.04
N SER C 192 8.01 0.28 11.34
CA SER C 192 7.50 -0.26 12.62
C SER C 192 7.07 -1.74 12.54
N GLY C 193 7.19 -2.33 11.36
CA GLY C 193 6.84 -3.73 11.20
C GLY C 193 5.51 -3.90 10.48
N SER C 194 4.77 -4.94 10.84
CA SER C 194 3.51 -5.22 10.14
C SER C 194 2.43 -4.20 10.47
N ALA C 195 1.60 -3.92 9.47
CA ALA C 195 0.45 -3.04 9.62
C ALA C 195 -0.84 -3.84 9.79
N ALA C 196 -0.69 -5.16 9.95
CA ALA C 196 -1.85 -6.04 10.01
C ALA C 196 -2.67 -5.86 11.29
N GLY C 197 -2.06 -5.19 12.28
CA GLY C 197 -2.76 -4.85 13.53
C GLY C 197 -3.59 -3.57 13.43
N HIS C 198 -3.48 -2.85 12.32
CA HIS C 198 -4.30 -1.66 12.12
C HIS C 198 -5.76 -2.05 12.07
N GLU C 199 -6.60 -1.21 12.67
CA GLU C 199 -8.05 -1.39 12.54
C GLU C 199 -8.57 -0.63 11.31
N LEU C 200 -9.44 -1.29 10.56
CA LEU C 200 -10.00 -0.69 9.34
C LEU C 200 -11.51 -0.80 9.33
N ARG C 201 -12.17 0.30 9.00
CA ARG C 201 -13.60 0.28 8.72
C ARG C 201 -13.80 0.77 7.30
N LEU C 202 -14.59 0.03 6.52
CA LEU C 202 -14.88 0.42 5.15
C LEU C 202 -16.38 0.60 5.02
N ALA C 203 -16.79 1.69 4.37
CA ALA C 203 -18.21 1.85 4.05
C ALA C 203 -18.51 1.08 2.76
N ALA C 204 -18.44 -0.25 2.85
CA ALA C 204 -18.62 -1.11 1.68
C ALA C 204 -19.33 -2.39 2.10
N SER C 205 -20.52 -2.61 1.57
CA SER C 205 -21.31 -3.80 1.89
CA SER C 205 -21.26 -3.81 1.93
C SER C 205 -21.05 -4.90 0.88
N ARG C 206 -20.33 -4.57 -0.18
CA ARG C 206 -20.07 -5.50 -1.27
CA ARG C 206 -20.06 -5.51 -1.25
C ARG C 206 -18.62 -5.41 -1.75
N TYR C 207 -18.16 -6.47 -2.41
CA TYR C 207 -16.80 -6.53 -2.95
C TYR C 207 -16.79 -7.27 -4.28
N THR C 208 -15.65 -7.27 -4.96
CA THR C 208 -15.53 -7.87 -6.28
C THR C 208 -14.73 -9.14 -6.18
N PRO C 209 -15.40 -10.31 -6.11
CA PRO C 209 -14.55 -11.50 -6.06
C PRO C 209 -13.82 -11.73 -7.39
N VAL C 210 -12.61 -12.27 -7.31
CA VAL C 210 -11.73 -12.39 -8.48
C VAL C 210 -11.22 -13.82 -8.64
N ASP C 211 -10.72 -14.15 -9.84
CA ASP C 211 -10.04 -15.42 -10.02
C ASP C 211 -8.63 -15.32 -9.45
N GLY C 212 -7.83 -16.36 -9.68
CA GLY C 212 -6.49 -16.40 -9.09
C GLY C 212 -5.53 -15.37 -9.66
N THR C 213 -5.91 -14.75 -10.77
CA THR C 213 -5.04 -13.72 -11.36
C THR C 213 -5.58 -12.30 -11.20
N GLY C 214 -6.62 -12.15 -10.40
CA GLY C 214 -7.14 -10.82 -10.08
C GLY C 214 -8.17 -10.25 -11.03
N ILE C 215 -8.76 -11.09 -11.86
CA ILE C 215 -9.82 -10.64 -12.76
C ILE C 215 -11.17 -10.98 -12.12
N PRO C 216 -12.06 -9.98 -12.00
CA PRO C 216 -13.38 -10.24 -11.44
C PRO C 216 -14.11 -11.37 -12.14
N VAL C 217 -14.67 -12.29 -11.35
CA VAL C 217 -15.51 -13.35 -11.90
C VAL C 217 -16.85 -12.77 -12.38
N PRO C 218 -17.55 -13.48 -13.27
CA PRO C 218 -18.84 -12.95 -13.72
C PRO C 218 -19.78 -12.72 -12.55
N GLY C 219 -20.65 -11.74 -12.63
CA GLY C 219 -21.62 -11.49 -11.58
C GLY C 219 -21.52 -10.10 -10.96
N ALA C 220 -22.62 -9.65 -10.37
CA ALA C 220 -22.64 -8.39 -9.64
C ALA C 220 -21.75 -8.47 -8.40
N PRO C 221 -21.30 -7.33 -7.86
CA PRO C 221 -20.50 -7.38 -6.62
C PRO C 221 -21.20 -8.19 -5.52
N ALA C 222 -20.43 -9.01 -4.81
CA ALA C 222 -20.96 -9.96 -3.84
C ALA C 222 -21.03 -9.34 -2.45
N GLU C 223 -22.02 -9.76 -1.64
CA GLU C 223 -22.12 -9.23 -0.28
C GLU C 223 -20.89 -9.59 0.56
N VAL C 224 -20.47 -8.69 1.44
CA VAL C 224 -19.34 -9.00 2.32
C VAL C 224 -19.77 -9.75 3.58
N THR C 225 -21.06 -9.69 3.92
CA THR C 225 -21.52 -10.30 5.18
C THR C 225 -21.19 -11.79 5.24
N GLY C 226 -20.67 -12.24 6.38
CA GLY C 226 -20.35 -13.65 6.55
C GLY C 226 -18.99 -14.03 5.99
N THR C 227 -18.30 -13.08 5.36
CA THR C 227 -17.00 -13.35 4.75
C THR C 227 -15.87 -12.60 5.44
N ARG C 228 -14.64 -12.91 5.06
CA ARG C 228 -13.46 -12.25 5.59
CA ARG C 228 -13.49 -12.22 5.65
C ARG C 228 -13.33 -10.82 5.06
N PHE C 229 -14.21 -10.46 4.14
CA PHE C 229 -14.14 -9.13 3.52
C PHE C 229 -15.04 -8.11 4.20
N ASP C 230 -15.69 -8.53 5.29
CA ASP C 230 -16.57 -7.63 6.01
C ASP C 230 -15.76 -6.68 6.92
N PHE C 231 -15.68 -5.44 6.48
CA PHE C 231 -15.02 -4.37 7.24
C PHE C 231 -16.02 -3.29 7.63
N ARG C 232 -17.31 -3.65 7.69
CA ARG C 232 -18.35 -2.64 7.97
C ARG C 232 -18.25 -2.12 9.39
N ALA C 233 -17.75 -2.95 10.29
CA ALA C 233 -17.41 -2.51 11.63
C ALA C 233 -15.88 -2.58 11.76
N ALA C 234 -15.29 -1.56 12.39
CA ALA C 234 -13.84 -1.47 12.49
C ALA C 234 -13.24 -2.72 13.13
N ARG C 235 -12.16 -3.23 12.53
CA ARG C 235 -11.54 -4.47 12.98
C ARG C 235 -10.12 -4.54 12.45
N ALA C 236 -9.27 -5.33 13.11
CA ALA C 236 -7.91 -5.59 12.63
C ALA C 236 -7.95 -6.10 11.20
N VAL C 237 -7.05 -5.59 10.36
CA VAL C 237 -6.94 -6.09 8.99
C VAL C 237 -6.61 -7.58 9.03
N ALA C 238 -5.52 -7.90 9.73
CA ALA C 238 -5.19 -9.25 10.17
C ALA C 238 -4.76 -10.26 9.11
N GLY C 239 -5.45 -10.28 7.98
CA GLY C 239 -5.14 -11.23 6.92
C GLY C 239 -4.62 -10.54 5.67
N ALA C 240 -4.37 -11.33 4.62
CA ALA C 240 -3.90 -10.81 3.34
C ALA C 240 -5.07 -10.45 2.43
N TYR C 241 -4.97 -9.30 1.77
CA TYR C 241 -5.99 -8.85 0.83
C TYR C 241 -5.36 -8.28 -0.42
N ASP C 242 -6.07 -8.43 -1.52
CA ASP C 242 -5.75 -7.76 -2.78
C ASP C 242 -7.05 -7.72 -3.55
N HIS C 243 -7.98 -6.93 -3.02
CA HIS C 243 -9.38 -7.00 -3.46
C HIS C 243 -10.01 -5.63 -3.57
N ASN C 244 -10.89 -5.49 -4.56
CA ASN C 244 -11.67 -4.27 -4.74
C ASN C 244 -12.98 -4.31 -3.95
N PHE C 245 -13.27 -3.23 -3.23
CA PHE C 245 -14.54 -3.10 -2.54
C PHE C 245 -15.47 -2.15 -3.28
N ALA C 246 -16.75 -2.51 -3.34
CA ALA C 246 -17.76 -1.67 -3.95
C ALA C 246 -18.30 -0.74 -2.87
N LEU C 247 -17.82 0.49 -2.86
CA LEU C 247 -18.20 1.46 -1.84
C LEU C 247 -19.69 1.80 -1.93
N ASP C 248 -20.34 1.86 -0.77
CA ASP C 248 -21.74 2.22 -0.72
C ASP C 248 -21.95 3.62 -1.32
N GLY C 249 -22.95 3.74 -2.17
CA GLY C 249 -23.22 5.00 -2.86
C GLY C 249 -22.59 5.11 -4.23
N GLY C 250 -21.62 4.25 -4.53
CA GLY C 250 -21.01 4.22 -5.85
C GLY C 250 -20.27 5.48 -6.20
N VAL C 251 -20.38 5.94 -7.45
CA VAL C 251 -19.71 7.17 -7.85
C VAL C 251 -20.42 8.38 -7.24
N ARG C 252 -19.67 9.28 -6.62
CA ARG C 252 -20.25 10.49 -6.03
C ARG C 252 -19.62 11.74 -6.65
N GLU C 253 -20.35 12.85 -6.66
CA GLU C 253 -19.83 14.08 -7.28
C GLU C 253 -18.95 14.86 -6.31
N ALA C 254 -19.14 14.62 -5.02
CA ALA C 254 -18.31 15.20 -3.97
C ALA C 254 -17.76 14.08 -3.10
N PRO C 255 -16.54 14.26 -2.57
CA PRO C 255 -15.92 13.18 -1.79
C PRO C 255 -16.70 12.94 -0.51
N ARG C 256 -16.66 11.71 -0.01
CA ARG C 256 -17.21 11.40 1.31
C ARG C 256 -16.30 10.35 1.94
N THR C 257 -16.25 10.32 3.26
CA THR C 257 -15.41 9.34 3.95
C THR C 257 -15.87 7.93 3.66
N VAL C 258 -14.95 7.09 3.17
CA VAL C 258 -15.27 5.69 2.84
C VAL C 258 -14.40 4.66 3.61
N ALA C 259 -13.30 5.12 4.18
CA ALA C 259 -12.40 4.26 4.95
C ALA C 259 -11.86 4.98 6.16
N GLU C 260 -11.76 4.28 7.29
CA GLU C 260 -11.10 4.82 8.47
C GLU C 260 -10.09 3.79 8.93
N LEU C 261 -8.82 4.21 9.00
CA LEU C 261 -7.72 3.33 9.36
C LEU C 261 -7.13 3.89 10.66
N TYR C 262 -6.78 3.00 11.59
CA TYR C 262 -6.31 3.45 12.90
C TYR C 262 -5.24 2.53 13.48
N ASP C 263 -4.16 3.09 13.99
CA ASP C 263 -3.16 2.33 14.72
C ASP C 263 -3.28 2.58 16.23
N PRO C 264 -3.70 1.57 16.99
CA PRO C 264 -3.85 1.76 18.45
C PRO C 264 -2.54 2.11 19.16
N ARG C 265 -1.41 1.64 18.64
CA ARG C 265 -0.12 1.88 19.30
C ARG C 265 0.25 3.36 19.33
N SER C 266 0.23 3.99 18.16
CA SER C 266 0.66 5.38 18.04
C SER C 266 -0.50 6.33 18.23
N GLY C 267 -1.71 5.83 18.01
CA GLY C 267 -2.89 6.68 18.04
C GLY C 267 -3.19 7.40 16.74
N ARG C 268 -2.35 7.24 15.73
CA ARG C 268 -2.62 7.87 14.44
C ARG C 268 -3.83 7.29 13.70
N ALA C 269 -4.61 8.18 13.11
CA ALA C 269 -5.84 7.79 12.42
C ALA C 269 -5.90 8.46 11.05
N LEU C 270 -6.45 7.73 10.09
CA LEU C 270 -6.67 8.26 8.76
C LEU C 270 -8.14 8.12 8.41
N ALA C 271 -8.73 9.18 7.89
CA ALA C 271 -10.06 9.11 7.27
C ALA C 271 -9.86 9.36 5.79
N LEU C 272 -10.24 8.39 4.96
CA LEU C 272 -10.04 8.49 3.52
C LEU C 272 -11.37 8.83 2.87
N ALA C 273 -11.43 9.98 2.19
CA ALA C 273 -12.66 10.38 1.50
C ALA C 273 -12.43 10.36 0.00
N THR C 274 -13.46 10.02 -0.76
CA THR C 274 -13.26 9.96 -2.20
C THR C 274 -14.58 10.09 -2.95
N THR C 275 -14.45 10.44 -4.22
CA THR C 275 -15.56 10.44 -5.16
C THR C 275 -15.73 9.07 -5.82
N GLU C 276 -14.70 8.24 -5.71
CA GLU C 276 -14.65 6.97 -6.44
C GLU C 276 -15.63 5.93 -5.91
N PRO C 277 -16.03 4.98 -6.76
CA PRO C 277 -16.98 3.94 -6.36
C PRO C 277 -16.30 2.68 -5.82
N GLY C 278 -14.99 2.59 -5.97
CA GLY C 278 -14.30 1.39 -5.56
C GLY C 278 -13.07 1.70 -4.73
N LEU C 279 -12.60 0.69 -4.00
CA LEU C 279 -11.39 0.84 -3.21
C LEU C 279 -10.64 -0.48 -3.24
N GLN C 280 -9.40 -0.46 -3.73
CA GLN C 280 -8.58 -1.67 -3.72
C GLN C 280 -7.84 -1.71 -2.39
N LEU C 281 -8.01 -2.79 -1.64
CA LEU C 281 -7.23 -2.98 -0.40
C LEU C 281 -6.14 -3.98 -0.70
N TYR C 282 -4.88 -3.56 -0.53
CA TYR C 282 -3.76 -4.44 -0.82
C TYR C 282 -2.81 -4.43 0.36
N THR C 283 -2.51 -5.63 0.86
CA THR C 283 -1.71 -5.73 2.09
C THR C 283 -0.22 -6.02 1.85
N ALA C 284 0.27 -5.72 0.65
CA ALA C 284 1.72 -5.71 0.38
C ALA C 284 2.41 -7.06 0.62
N ASP C 285 1.76 -8.13 0.20
CA ASP C 285 2.27 -9.45 0.51
C ASP C 285 3.48 -9.85 -0.34
N HIS C 286 3.73 -9.10 -1.41
CA HIS C 286 4.88 -9.37 -2.27
C HIS C 286 6.20 -8.93 -1.62
N LEU C 287 6.13 -8.05 -0.63
CA LEU C 287 7.33 -7.58 0.07
C LEU C 287 8.00 -8.72 0.81
N ASP C 288 9.32 -8.83 0.67
CA ASP C 288 10.04 -10.01 1.18
C ASP C 288 11.29 -9.66 1.98
N GLY C 289 11.37 -8.43 2.46
CA GLY C 289 12.46 -7.99 3.33
C GLY C 289 13.77 -7.70 2.65
N THR C 290 13.72 -7.43 1.34
CA THR C 290 14.96 -7.15 0.60
C THR C 290 15.11 -5.67 0.25
N LEU C 291 14.02 -4.92 0.36
CA LEU C 291 14.02 -3.50 0.03
C LEU C 291 14.07 -2.65 1.30
N THR C 292 15.11 -1.82 1.43
CA THR C 292 15.24 -0.93 2.58
C THR C 292 14.59 0.40 2.27
N GLY C 293 13.63 0.81 3.11
CA GLY C 293 12.87 2.03 2.86
C GLY C 293 13.51 3.26 3.46
N THR C 294 12.77 4.37 3.45
CA THR C 294 13.30 5.66 3.87
C THR C 294 13.71 5.69 5.34
N SER C 295 13.07 4.85 6.15
CA SER C 295 13.45 4.83 7.57
C SER C 295 14.62 3.90 7.84
N GLY C 296 15.14 3.26 6.79
CA GLY C 296 16.31 2.42 6.93
C GLY C 296 15.99 1.03 7.45
N VAL C 297 14.74 0.62 7.27
CA VAL C 297 14.29 -0.70 7.71
C VAL C 297 13.77 -1.47 6.50
N PRO C 298 14.28 -2.69 6.29
CA PRO C 298 13.76 -3.51 5.19
C PRO C 298 12.26 -3.80 5.35
N TYR C 299 11.52 -3.74 4.26
CA TYR C 299 10.07 -3.90 4.32
C TYR C 299 9.68 -5.36 4.19
N GLY C 300 9.03 -5.90 5.22
CA GLY C 300 8.52 -7.26 5.13
C GLY C 300 7.10 -7.25 4.59
N PRO C 301 6.51 -8.45 4.42
CA PRO C 301 5.11 -8.49 3.97
C PRO C 301 4.20 -7.68 4.92
N ALA C 302 3.26 -6.95 4.35
CA ALA C 302 2.31 -6.13 5.11
C ALA C 302 2.98 -4.99 5.88
N ALA C 303 4.13 -4.54 5.39
CA ALA C 303 4.84 -3.41 6.01
C ALA C 303 3.98 -2.15 5.96
N GLY C 304 3.10 -2.09 4.97
CA GLY C 304 2.16 -0.99 4.86
C GLY C 304 0.93 -1.45 4.10
N LEU C 305 -0.13 -0.65 4.14
CA LEU C 305 -1.39 -1.01 3.49
C LEU C 305 -1.69 0.01 2.41
N ALA C 306 -2.06 -0.49 1.23
CA ALA C 306 -2.46 0.40 0.14
C ALA C 306 -3.98 0.41 0.04
N LEU C 307 -4.56 1.61 0.12
CA LEU C 307 -5.99 1.80 -0.06
C LEU C 307 -6.15 2.67 -1.29
N GLU C 308 -6.41 2.06 -2.44
CA GLU C 308 -6.44 2.79 -3.70
C GLU C 308 -7.88 3.05 -4.13
N THR C 309 -8.27 4.31 -4.15
CA THR C 309 -9.63 4.66 -4.61
C THR C 309 -9.64 4.56 -6.13
N GLN C 310 -10.68 3.97 -6.70
CA GLN C 310 -10.61 3.63 -8.12
C GLN C 310 -11.97 3.19 -8.66
N HIS C 311 -12.06 3.09 -9.99
CA HIS C 311 -13.14 2.33 -10.58
C HIS C 311 -12.77 0.83 -10.56
N PHE C 312 -13.74 -0.04 -10.77
CA PHE C 312 -13.54 -1.49 -10.55
C PHE C 312 -12.54 -2.12 -11.53
N PRO C 313 -11.81 -3.14 -11.07
CA PRO C 313 -10.90 -3.90 -11.95
C PRO C 313 -11.62 -4.41 -13.19
N ASP C 314 -10.94 -4.34 -14.34
CA ASP C 314 -11.45 -4.88 -15.61
C ASP C 314 -12.70 -4.17 -16.15
N SER C 315 -12.97 -2.95 -15.69
CA SER C 315 -14.13 -2.21 -16.20
C SER C 315 -14.23 -2.10 -17.74
N PRO C 316 -13.09 -1.90 -18.45
CA PRO C 316 -13.21 -1.81 -19.92
C PRO C 316 -13.74 -3.10 -20.58
N ASN C 317 -13.75 -4.21 -19.84
CA ASN C 317 -14.33 -5.46 -20.32
C ASN C 317 -15.62 -5.81 -19.59
N ARG C 318 -16.06 -4.92 -18.70
CA ARG C 318 -17.23 -5.18 -17.87
C ARG C 318 -18.22 -4.02 -17.93
N PRO C 319 -19.13 -4.06 -18.92
CA PRO C 319 -20.10 -2.98 -19.12
C PRO C 319 -21.06 -2.81 -17.96
N ASP C 320 -21.17 -3.82 -17.10
CA ASP C 320 -22.02 -3.71 -15.91
C ASP C 320 -21.39 -2.88 -14.78
N PHE C 321 -20.09 -2.62 -14.87
CA PHE C 321 -19.40 -1.80 -13.88
C PHE C 321 -19.50 -0.32 -14.25
N PRO C 322 -19.41 0.58 -13.24
CA PRO C 322 -19.42 2.02 -13.53
C PRO C 322 -18.40 2.38 -14.61
N SER C 323 -18.82 3.14 -15.61
CA SER C 323 -18.02 3.34 -16.81
C SER C 323 -16.73 4.11 -16.55
N THR C 324 -15.67 3.70 -17.22
CA THR C 324 -14.40 4.41 -17.19
C THR C 324 -14.13 5.05 -18.55
N VAL C 325 -15.13 5.05 -19.42
CA VAL C 325 -14.93 5.69 -20.74
C VAL C 325 -14.91 7.21 -20.63
N LEU C 326 -14.03 7.86 -21.40
CA LEU C 326 -14.02 9.32 -21.49
C LEU C 326 -14.04 9.69 -22.95
N ARG C 327 -14.93 10.61 -23.33
CA ARG C 327 -15.04 11.03 -24.72
C ARG C 327 -14.69 12.51 -24.89
N PRO C 328 -14.36 12.95 -26.12
CA PRO C 328 -14.08 14.38 -26.33
C PRO C 328 -15.24 15.25 -25.86
N GLY C 329 -14.92 16.38 -25.25
CA GLY C 329 -15.95 17.29 -24.77
C GLY C 329 -16.33 17.02 -23.32
N GLU C 330 -15.92 15.87 -22.80
CA GLU C 330 -16.21 15.51 -21.41
C GLU C 330 -15.04 15.86 -20.50
N SER C 331 -15.30 15.88 -19.20
CA SER C 331 -14.26 16.18 -18.24
C SER C 331 -14.18 15.08 -17.18
N TYR C 332 -13.03 14.42 -17.09
CA TYR C 332 -12.83 13.42 -16.04
C TYR C 332 -12.35 14.14 -14.78
N ARG C 333 -12.97 13.83 -13.65
CA ARG C 333 -12.50 14.38 -12.38
C ARG C 333 -12.61 13.34 -11.29
N SER C 334 -11.55 13.19 -10.50
CA SER C 334 -11.62 12.31 -9.34
C SER C 334 -10.95 13.04 -8.18
N GLU C 335 -11.46 12.82 -6.97
CA GLU C 335 -10.90 13.53 -5.81
C GLU C 335 -10.81 12.60 -4.60
N THR C 336 -9.63 12.55 -4.00
CA THR C 336 -9.43 11.70 -2.84
C THR C 336 -8.73 12.53 -1.78
N VAL C 337 -9.17 12.41 -0.53
CA VAL C 337 -8.56 13.18 0.56
C VAL C 337 -8.10 12.27 1.68
N TYR C 338 -6.85 12.47 2.11
CA TYR C 338 -6.29 11.71 3.22
C TYR C 338 -6.28 12.63 4.42
N ALA C 339 -7.24 12.46 5.33
CA ALA C 339 -7.33 13.32 6.51
C ALA C 339 -6.75 12.62 7.74
N PHE C 340 -5.64 13.16 8.24
CA PHE C 340 -4.96 12.54 9.39
C PHE C 340 -5.38 13.21 10.70
N SER C 341 -5.46 12.40 11.75
CA SER C 341 -5.80 12.88 13.09
C SER C 341 -5.28 11.87 14.11
N VAL C 342 -5.68 12.00 15.37
CA VAL C 342 -5.32 11.01 16.39
C VAL C 342 -6.50 10.63 17.27
N ARG C 343 -6.38 9.48 17.94
CA ARG C 343 -7.36 9.08 18.95
C ARG C 343 -6.61 8.72 20.22
N ARG D 5 1.29 -22.11 -8.23
CA ARG D 5 2.66 -22.47 -7.85
C ARG D 5 3.53 -22.81 -9.06
N THR D 6 4.81 -23.05 -8.81
CA THR D 6 5.72 -23.48 -9.86
C THR D 6 5.58 -24.98 -10.08
N GLN D 7 5.37 -25.40 -11.32
CA GLN D 7 5.31 -26.83 -11.64
C GLN D 7 6.70 -27.37 -11.92
N VAL D 8 7.06 -28.46 -11.24
CA VAL D 8 8.36 -29.08 -11.40
C VAL D 8 8.19 -30.50 -11.92
N SER D 9 9.01 -30.88 -12.90
CA SER D 9 8.93 -32.25 -13.43
C SER D 9 10.28 -32.65 -13.98
N ARG D 10 10.51 -33.94 -14.13
CA ARG D 10 11.79 -34.40 -14.64
C ARG D 10 11.63 -35.57 -15.60
N GLU D 11 12.58 -35.67 -16.53
CA GLU D 11 12.54 -36.73 -17.54
C GLU D 11 13.97 -37.03 -17.92
N PRO D 12 14.24 -38.28 -18.34
CA PRO D 12 15.55 -38.63 -18.88
C PRO D 12 15.96 -37.66 -20.00
N PHE D 13 17.24 -37.35 -20.11
CA PHE D 13 17.71 -36.45 -21.16
C PHE D 13 18.77 -37.11 -22.03
N GLY D 14 19.24 -38.28 -21.59
CA GLY D 14 20.17 -39.08 -22.37
C GLY D 14 21.26 -39.66 -21.49
N THR D 15 22.30 -40.17 -22.11
N THR D 15 22.27 -40.26 -22.09
CA THR D 15 23.38 -40.84 -21.41
CA THR D 15 23.39 -40.82 -21.35
C THR D 15 24.74 -40.36 -21.94
C THR D 15 24.73 -40.34 -21.92
N LEU D 16 25.69 -40.14 -21.04
CA LEU D 16 27.05 -39.77 -21.46
C LEU D 16 27.78 -41.00 -22.02
N ASP D 17 28.86 -40.77 -22.76
CA ASP D 17 29.65 -41.85 -23.34
C ASP D 17 30.13 -42.87 -22.29
N ASP D 18 30.30 -42.42 -21.05
CA ASP D 18 30.77 -43.30 -19.99
C ASP D 18 29.62 -44.10 -19.35
N GLY D 19 28.40 -43.86 -19.83
CA GLY D 19 27.26 -44.59 -19.32
C GLY D 19 26.42 -43.84 -18.30
N THR D 20 26.90 -42.70 -17.84
CA THR D 20 26.16 -41.96 -16.80
C THR D 20 24.87 -41.38 -17.37
N ARG D 21 23.75 -41.61 -16.68
CA ARG D 21 22.47 -41.07 -17.13
C ARG D 21 22.27 -39.64 -16.67
N VAL D 22 21.65 -38.84 -17.52
CA VAL D 22 21.42 -37.42 -17.26
C VAL D 22 19.92 -37.15 -17.32
N ASP D 23 19.42 -36.33 -16.41
CA ASP D 23 18.00 -35.95 -16.41
C ASP D 23 17.85 -34.48 -16.74
N ARG D 24 16.66 -34.12 -17.22
CA ARG D 24 16.35 -32.72 -17.46
C ARG D 24 15.18 -32.34 -16.59
N TRP D 25 15.33 -31.28 -15.82
CA TRP D 25 14.26 -30.81 -14.94
C TRP D 25 13.60 -29.58 -15.53
N THR D 26 12.28 -29.59 -15.60
CA THR D 26 11.53 -28.47 -16.14
C THR D 26 10.82 -27.74 -15.01
N LEU D 27 11.10 -26.43 -14.91
CA LEU D 27 10.44 -25.54 -13.96
C LEU D 27 9.53 -24.59 -14.74
N GLU D 28 8.25 -24.57 -14.40
CA GLU D 28 7.25 -23.82 -15.15
C GLU D 28 6.35 -23.01 -14.22
N SER D 29 6.23 -21.70 -14.47
CA SER D 29 5.31 -20.88 -13.68
C SER D 29 4.07 -20.47 -14.48
N GLY D 30 3.75 -21.21 -15.53
CA GLY D 30 2.58 -20.93 -16.34
C GLY D 30 2.96 -20.46 -17.74
N PRO D 31 2.06 -20.65 -18.72
CA PRO D 31 2.30 -20.27 -20.12
C PRO D 31 2.54 -18.76 -20.29
N ALA D 32 1.99 -17.95 -19.38
CA ALA D 32 2.27 -16.51 -19.42
C ALA D 32 3.50 -16.13 -18.59
N GLY D 33 4.14 -17.12 -17.96
CA GLY D 33 5.30 -16.88 -17.11
C GLY D 33 6.59 -17.47 -17.64
N LEU D 34 7.55 -17.69 -16.74
CA LEU D 34 8.84 -18.28 -17.10
C LEU D 34 8.77 -19.79 -17.20
N ARG D 35 9.56 -20.35 -18.12
CA ARG D 35 9.87 -21.77 -18.08
C ARG D 35 11.38 -21.90 -18.19
N VAL D 36 11.97 -22.72 -17.32
CA VAL D 36 13.40 -22.94 -17.33
C VAL D 36 13.67 -24.44 -17.24
N ARG D 37 14.63 -24.93 -18.02
CA ARG D 37 15.00 -26.33 -17.95
C ARG D 37 16.47 -26.46 -17.50
N VAL D 38 16.72 -27.39 -16.59
CA VAL D 38 18.05 -27.56 -15.98
C VAL D 38 18.50 -29.01 -16.14
N LEU D 39 19.74 -29.22 -16.55
CA LEU D 39 20.25 -30.58 -16.70
C LEU D 39 21.05 -31.02 -15.46
N THR D 40 21.04 -32.30 -15.16
CA THR D 40 21.88 -32.79 -14.06
C THR D 40 23.33 -32.83 -14.52
N TYR D 41 23.55 -32.79 -15.84
CA TYR D 41 24.90 -32.69 -16.37
C TYR D 41 25.33 -31.23 -16.26
N GLY D 42 26.38 -30.98 -15.48
CA GLY D 42 26.95 -29.64 -15.38
C GLY D 42 26.01 -28.57 -14.85
N GLY D 43 24.92 -28.98 -14.21
CA GLY D 43 23.92 -28.04 -13.72
C GLY D 43 23.47 -27.07 -14.79
N ILE D 44 23.49 -27.54 -16.04
CA ILE D 44 23.31 -26.66 -17.18
C ILE D 44 21.88 -26.15 -17.32
N VAL D 45 21.77 -24.82 -17.40
CA VAL D 45 20.48 -24.20 -17.73
C VAL D 45 20.34 -24.31 -19.23
N GLN D 46 19.54 -25.27 -19.66
CA GLN D 46 19.44 -25.58 -21.08
C GLN D 46 18.61 -24.53 -21.81
N THR D 47 17.49 -24.13 -21.21
CA THR D 47 16.59 -23.17 -21.87
C THR D 47 15.97 -22.23 -20.87
N VAL D 48 15.71 -21.01 -21.31
CA VAL D 48 15.03 -20.00 -20.50
C VAL D 48 14.00 -19.37 -21.42
N GLU D 49 12.73 -19.43 -21.02
CA GLU D 49 11.66 -18.91 -21.86
C GLU D 49 10.85 -17.85 -21.11
N ALA D 50 10.62 -16.72 -21.76
CA ALA D 50 9.93 -15.58 -21.14
C ALA D 50 9.17 -14.82 -22.22
N PRO D 51 8.12 -14.10 -21.84
CA PRO D 51 7.31 -13.40 -22.84
C PRO D 51 7.91 -12.08 -23.30
N ASP D 52 7.64 -11.69 -24.54
CA ASP D 52 8.00 -10.37 -25.04
C ASP D 52 6.88 -9.37 -24.73
N ARG D 53 6.99 -8.15 -25.24
CA ARG D 53 6.02 -7.13 -24.88
C ARG D 53 4.63 -7.37 -25.49
N ASP D 54 4.52 -8.40 -26.33
CA ASP D 54 3.22 -8.81 -26.89
C ASP D 54 2.70 -10.06 -26.20
N GLY D 55 3.44 -10.53 -25.19
CA GLY D 55 3.05 -11.71 -24.44
C GLY D 55 3.52 -13.02 -25.04
N ARG D 57 5.89 -16.06 -25.80
CA ARG D 57 7.01 -16.76 -25.21
C ARG D 57 8.13 -16.97 -26.24
N GLY D 58 9.37 -16.80 -25.79
CA GLY D 58 10.52 -17.04 -26.64
C GLY D 58 11.66 -17.62 -25.84
N GLN D 59 12.47 -18.46 -26.48
CA GLN D 59 13.62 -19.09 -25.83
C GLN D 59 14.83 -18.17 -25.99
N LEU D 60 15.49 -17.87 -24.87
CA LEU D 60 16.45 -16.79 -24.79
C LEU D 60 17.89 -17.21 -24.54
N ALA D 61 18.09 -18.45 -24.10
CA ALA D 61 19.42 -18.88 -23.68
C ALA D 61 20.16 -19.55 -24.83
N LEU D 62 21.47 -19.31 -24.94
CA LEU D 62 22.28 -20.06 -25.89
C LEU D 62 22.41 -21.49 -25.36
N GLY D 63 22.20 -22.47 -26.22
CA GLY D 63 22.29 -23.86 -25.79
C GLY D 63 22.05 -24.81 -26.94
N PHE D 64 21.88 -26.09 -26.63
CA PHE D 64 21.69 -27.12 -27.65
C PHE D 64 20.47 -27.96 -27.32
N ALA D 65 19.90 -28.60 -28.35
CA ALA D 65 18.74 -29.45 -28.17
C ALA D 65 19.08 -30.75 -27.46
N ASP D 66 20.31 -31.20 -27.58
CA ASP D 66 20.63 -32.52 -27.06
C ASP D 66 21.97 -32.66 -26.34
N LEU D 67 22.05 -33.72 -25.54
CA LEU D 67 23.15 -33.89 -24.60
C LEU D 67 24.48 -34.03 -25.31
N ALA D 68 24.50 -34.77 -26.41
CA ALA D 68 25.75 -35.02 -27.13
C ALA D 68 26.46 -33.71 -27.48
N SER D 69 25.69 -32.71 -27.89
CA SER D 69 26.27 -31.42 -28.26
C SER D 69 26.98 -30.74 -27.09
N TYR D 70 26.35 -30.75 -25.91
CA TYR D 70 26.99 -30.20 -24.72
C TYR D 70 28.27 -30.96 -24.37
N ALA D 71 28.21 -32.28 -24.48
CA ALA D 71 29.39 -33.09 -24.21
C ALA D 71 30.52 -32.78 -25.19
N ALA D 72 30.16 -32.48 -26.43
CA ALA D 72 31.15 -32.24 -27.48
C ALA D 72 31.63 -30.78 -27.55
N HIS D 73 30.88 -29.86 -26.96
CA HIS D 73 31.24 -28.44 -27.05
C HIS D 73 31.20 -27.75 -25.69
N GLY D 74 31.80 -28.39 -24.69
CA GLY D 74 31.83 -27.83 -23.35
C GLY D 74 32.66 -26.57 -23.24
N GLY D 75 33.47 -26.28 -24.26
CA GLY D 75 34.35 -25.11 -24.24
C GLY D 75 33.60 -23.79 -24.28
N SER D 76 32.32 -23.82 -24.63
CA SER D 76 31.51 -22.60 -24.65
C SER D 76 30.88 -22.34 -23.28
N TYR D 77 30.79 -23.38 -22.47
CA TYR D 77 30.17 -23.32 -21.14
C TYR D 77 28.72 -22.87 -21.17
N PHE D 78 28.00 -23.18 -22.24
CA PHE D 78 26.59 -22.79 -22.32
C PHE D 78 25.83 -23.25 -21.09
N GLY D 79 25.15 -22.30 -20.43
CA GLY D 79 24.25 -22.57 -19.30
C GLY D 79 24.88 -23.13 -18.03
N ALA D 80 26.19 -23.20 -18.00
CA ALA D 80 26.89 -24.07 -17.06
C ALA D 80 26.99 -23.58 -15.61
N LEU D 81 26.80 -24.52 -14.68
CA LEU D 81 27.20 -24.33 -13.29
C LEU D 81 28.71 -24.47 -13.31
N VAL D 82 29.42 -23.38 -12.98
CA VAL D 82 30.88 -23.37 -13.08
C VAL D 82 31.55 -23.46 -11.70
N GLY D 83 32.55 -24.35 -11.58
CA GLY D 83 33.31 -24.54 -10.35
C GLY D 83 34.44 -25.52 -10.62
N ARG D 84 35.36 -25.71 -9.68
CA ARG D 84 35.30 -25.16 -8.32
C ARG D 84 35.61 -23.67 -8.29
N TYR D 85 36.32 -23.20 -9.31
CA TYR D 85 36.71 -21.80 -9.36
C TYR D 85 36.34 -21.19 -10.69
N ALA D 86 35.39 -20.27 -10.68
CA ALA D 86 34.97 -19.58 -11.91
C ALA D 86 36.03 -18.59 -12.38
N ASN D 87 36.25 -18.57 -13.68
CA ASN D 87 37.24 -17.71 -14.33
C ASN D 87 38.67 -18.21 -14.13
N ARG D 88 39.64 -17.30 -14.23
CA ARG D 88 41.04 -17.69 -14.40
C ARG D 88 41.89 -17.68 -13.14
N ILE D 89 42.76 -18.66 -13.05
CA ILE D 89 43.87 -18.65 -12.08
C ILE D 89 45.15 -18.66 -12.87
N ALA D 90 45.94 -17.58 -12.71
CA ALA D 90 47.16 -17.38 -13.48
C ALA D 90 48.13 -18.54 -13.37
N GLY D 91 48.66 -18.98 -14.52
CA GLY D 91 49.68 -20.01 -14.56
C GLY D 91 49.21 -21.35 -14.05
N ALA D 92 47.91 -21.49 -13.83
CA ALA D 92 47.33 -22.74 -13.32
C ALA D 92 47.96 -23.18 -12.01
N SER D 93 48.17 -22.24 -11.10
CA SER D 93 48.64 -22.59 -9.75
C SER D 93 48.40 -21.42 -8.81
N PHE D 94 48.31 -21.73 -7.52
CA PHE D 94 48.19 -20.70 -6.50
C PHE D 94 48.72 -21.25 -5.20
N VAL D 95 49.01 -20.38 -4.25
CA VAL D 95 49.52 -20.82 -2.96
C VAL D 95 48.43 -20.66 -1.90
N LEU D 96 48.22 -21.70 -1.09
CA LEU D 96 47.29 -21.59 0.03
C LEU D 96 47.94 -22.20 1.27
N ASP D 97 48.01 -21.43 2.35
CA ASP D 97 48.64 -21.91 3.59
C ASP D 97 50.03 -22.50 3.36
N GLY D 98 50.86 -21.80 2.61
CA GLY D 98 52.26 -22.18 2.47
C GLY D 98 52.54 -23.25 1.43
N ARG D 99 51.48 -23.81 0.86
CA ARG D 99 51.61 -24.91 -0.09
C ARG D 99 51.17 -24.49 -1.49
N THR D 100 51.87 -24.95 -2.52
CA THR D 100 51.43 -24.69 -3.90
C THR D 100 50.46 -25.73 -4.40
N ASP D 101 49.34 -25.27 -4.94
CA ASP D 101 48.37 -26.13 -5.60
C ASP D 101 48.53 -26.00 -7.11
N ALA D 102 49.02 -27.06 -7.76
CA ALA D 102 49.18 -27.05 -9.21
C ALA D 102 47.92 -27.55 -9.90
N LEU D 103 47.42 -26.77 -10.85
CA LEU D 103 46.20 -27.11 -11.57
C LEU D 103 46.53 -27.49 -13.01
N THR D 104 45.52 -27.86 -13.78
CA THR D 104 45.70 -28.15 -15.20
C THR D 104 45.50 -26.88 -16.02
N PRO D 105 46.49 -26.52 -16.84
CA PRO D 105 46.31 -25.37 -17.73
C PRO D 105 45.39 -25.75 -18.88
N ASN D 106 44.16 -25.26 -18.85
CA ASN D 106 43.21 -25.58 -19.92
C ASN D 106 42.83 -24.36 -20.75
N ASN D 107 43.44 -23.22 -20.43
CA ASN D 107 43.22 -22.00 -21.17
C ASN D 107 44.55 -21.30 -21.36
N GLY D 108 45.28 -21.70 -22.39
CA GLY D 108 46.66 -21.27 -22.55
C GLY D 108 47.45 -21.73 -21.35
N ARG D 109 48.17 -20.80 -20.72
CA ARG D 109 48.95 -21.13 -19.53
C ARG D 109 48.10 -21.20 -18.26
N HIS D 110 46.82 -20.86 -18.36
CA HIS D 110 46.02 -20.63 -17.16
C HIS D 110 44.98 -21.71 -16.90
N SER D 111 44.52 -21.78 -15.66
CA SER D 111 43.36 -22.60 -15.30
C SER D 111 42.10 -21.78 -15.48
N LEU D 112 41.12 -22.34 -16.17
CA LEU D 112 39.85 -21.64 -16.38
C LEU D 112 38.67 -22.50 -15.91
N HIS D 113 37.77 -21.90 -15.12
CA HIS D 113 36.49 -22.53 -14.78
C HIS D 113 36.61 -23.93 -14.16
N GLY D 114 37.63 -24.11 -13.33
CA GLY D 114 37.74 -25.33 -12.55
C GLY D 114 38.46 -26.47 -13.24
N GLY D 115 38.95 -26.24 -14.46
CA GLY D 115 39.71 -27.27 -15.16
C GLY D 115 38.86 -28.13 -16.07
N PRO D 116 39.50 -29.05 -16.81
CA PRO D 116 38.81 -29.90 -17.79
C PRO D 116 37.68 -30.71 -17.17
N GLY D 117 37.88 -31.16 -15.94
CA GLY D 117 36.85 -31.91 -15.24
C GLY D 117 36.13 -31.07 -14.21
N GLY D 118 35.94 -29.79 -14.53
CA GLY D 118 35.24 -28.85 -13.68
C GLY D 118 33.77 -29.17 -13.50
N PHE D 119 33.11 -28.39 -12.64
CA PHE D 119 31.72 -28.67 -12.23
C PHE D 119 30.78 -28.72 -13.41
N SER D 120 31.11 -28.01 -14.47
CA SER D 120 30.23 -27.93 -15.63
C SER D 120 30.30 -29.18 -16.52
N ARG D 121 31.17 -30.12 -16.14
CA ARG D 121 31.35 -31.34 -16.92
C ARG D 121 31.19 -32.62 -16.11
N VAL D 122 30.48 -32.53 -14.99
CA VAL D 122 30.23 -33.71 -14.17
C VAL D 122 28.73 -33.78 -13.90
N VAL D 123 28.24 -34.93 -13.48
CA VAL D 123 26.80 -35.12 -13.24
C VAL D 123 26.46 -34.96 -11.75
N TRP D 124 25.39 -34.21 -11.48
CA TRP D 124 24.98 -33.84 -10.13
C TRP D 124 23.74 -34.63 -9.71
N ASP D 125 23.63 -34.89 -8.41
CA ASP D 125 22.43 -35.53 -7.84
C ASP D 125 21.33 -34.49 -7.73
N ALA D 126 20.13 -34.82 -8.18
CA ALA D 126 19.03 -33.84 -8.12
C ALA D 126 17.88 -34.33 -7.26
N ARG D 127 17.20 -33.39 -6.60
CA ARG D 127 15.93 -33.69 -5.93
C ARG D 127 15.04 -32.46 -5.99
N GLU D 128 13.73 -32.70 -5.98
CA GLU D 128 12.76 -31.62 -6.08
C GLU D 128 12.68 -30.88 -4.75
N VAL D 129 12.59 -29.56 -4.82
CA VAL D 129 12.28 -28.74 -3.65
C VAL D 129 11.12 -27.81 -4.00
N ASP D 130 10.59 -27.11 -3.00
CA ASP D 130 9.53 -26.15 -3.24
C ASP D 130 10.02 -25.09 -4.24
N GLY D 131 9.38 -25.00 -5.39
CA GLY D 131 9.74 -24.00 -6.37
C GLY D 131 10.80 -24.40 -7.39
N GLY D 132 11.40 -25.57 -7.22
CA GLY D 132 12.40 -25.99 -8.20
C GLY D 132 13.15 -27.27 -7.91
N VAL D 133 14.45 -27.23 -8.19
CA VAL D 133 15.30 -28.41 -8.06
C VAL D 133 16.62 -28.08 -7.37
N GLN D 134 17.06 -28.99 -6.50
CA GLN D 134 18.34 -28.83 -5.83
CA GLN D 134 18.33 -28.84 -5.81
C GLN D 134 19.35 -29.85 -6.34
N LEU D 135 20.51 -29.36 -6.78
CA LEU D 135 21.58 -30.24 -7.23
C LEU D 135 22.62 -30.38 -6.13
N HIS D 136 23.17 -31.58 -5.97
CA HIS D 136 24.12 -31.84 -4.90
C HIS D 136 25.27 -32.70 -5.39
N ARG D 137 26.50 -32.32 -5.06
CA ARG D 137 27.64 -33.16 -5.40
C ARG D 137 28.84 -32.83 -4.54
N VAL D 138 29.51 -33.87 -4.06
CA VAL D 138 30.77 -33.66 -3.34
C VAL D 138 31.93 -33.70 -4.32
N SER D 139 32.71 -32.61 -4.34
CA SER D 139 33.95 -32.54 -5.10
C SER D 139 35.07 -33.04 -4.20
N PRO D 140 35.64 -34.21 -4.54
CA PRO D 140 36.63 -34.87 -3.67
C PRO D 140 37.89 -34.04 -3.47
N ASP D 141 38.58 -34.28 -2.38
CA ASP D 141 39.89 -33.68 -2.13
C ASP D 141 40.80 -33.99 -3.31
N GLY D 142 41.38 -32.96 -3.90
CA GLY D 142 42.32 -33.13 -5.00
C GLY D 142 41.70 -33.09 -6.38
N GLU D 143 40.37 -32.98 -6.46
CA GLU D 143 39.71 -32.95 -7.76
C GLU D 143 40.18 -31.73 -8.54
N GLU D 144 40.71 -31.97 -9.74
CA GLU D 144 41.31 -30.92 -10.56
C GLU D 144 42.41 -30.15 -9.83
N GLY D 145 43.03 -30.80 -8.84
CA GLY D 145 44.12 -30.19 -8.10
C GLY D 145 43.70 -29.31 -6.93
N PHE D 146 42.41 -29.11 -6.73
CA PHE D 146 41.94 -28.27 -5.61
C PHE D 146 41.90 -29.09 -4.32
N PRO D 147 42.43 -28.54 -3.22
CA PRO D 147 42.50 -29.30 -1.97
C PRO D 147 41.16 -29.34 -1.24
N GLY D 148 40.89 -30.40 -0.51
CA GLY D 148 39.70 -30.47 0.33
C GLY D 148 38.46 -31.00 -0.35
N ALA D 149 37.70 -31.83 0.36
CA ALA D 149 36.41 -32.28 -0.17
C ALA D 149 35.38 -31.18 0.04
N LEU D 150 34.81 -30.72 -1.07
CA LEU D 150 33.84 -29.64 -1.04
C LEU D 150 32.44 -30.18 -1.30
N ASP D 151 31.57 -30.04 -0.30
CA ASP D 151 30.20 -30.53 -0.35
C ASP D 151 29.34 -29.38 -0.85
N VAL D 152 28.80 -29.52 -2.06
CA VAL D 152 28.17 -28.39 -2.76
C VAL D 152 26.70 -28.66 -3.05
N ARG D 153 25.86 -27.66 -2.77
CA ARG D 153 24.45 -27.69 -3.18
C ARG D 153 24.13 -26.45 -3.96
N VAL D 154 23.44 -26.62 -5.09
CA VAL D 154 23.04 -25.49 -5.91
C VAL D 154 21.56 -25.65 -6.18
N THR D 155 20.77 -24.67 -5.75
CA THR D 155 19.32 -24.76 -5.81
C THR D 155 18.74 -23.75 -6.78
N TYR D 156 17.97 -24.25 -7.75
CA TYR D 156 17.38 -23.43 -8.80
C TYR D 156 15.89 -23.38 -8.52
N THR D 157 15.35 -22.18 -8.30
CA THR D 157 13.93 -22.05 -8.05
C THR D 157 13.33 -20.95 -8.89
N LEU D 158 12.04 -21.08 -9.16
CA LEU D 158 11.36 -20.17 -10.06
C LEU D 158 10.20 -19.56 -9.27
N SER D 159 10.23 -18.24 -9.12
CA SER D 159 9.16 -17.51 -8.46
C SER D 159 8.56 -16.59 -9.49
N ALA D 160 7.49 -17.05 -10.14
CA ALA D 160 6.85 -16.32 -11.25
C ALA D 160 7.89 -15.88 -12.28
N GLY D 161 8.14 -14.57 -12.32
CA GLY D 161 9.04 -14.01 -13.31
C GLY D 161 10.51 -13.97 -12.94
N ALA D 162 10.91 -14.69 -11.90
CA ALA D 162 12.33 -14.70 -11.52
C ALA D 162 12.91 -16.11 -11.31
N LEU D 163 14.12 -16.32 -11.84
CA LEU D 163 14.90 -17.52 -11.58
C LEU D 163 15.92 -17.20 -10.50
N ARG D 164 15.89 -17.97 -9.43
CA ARG D 164 16.80 -17.79 -8.30
CA ARG D 164 16.82 -17.78 -8.32
C ARG D 164 17.80 -18.95 -8.26
N ILE D 165 19.08 -18.65 -8.14
CA ILE D 165 20.08 -19.70 -8.01
C ILE D 165 20.89 -19.46 -6.75
N VAL D 166 20.75 -20.36 -5.78
CA VAL D 166 21.50 -20.24 -4.52
C VAL D 166 22.55 -21.34 -4.44
N SER D 167 23.81 -20.95 -4.27
CA SER D 167 24.89 -21.93 -4.17
C SER D 167 25.44 -21.97 -2.75
N CYS D 168 25.54 -23.18 -2.19
CA CYS D 168 26.05 -23.35 -0.83
C CYS D 168 27.17 -24.39 -0.83
N ALA D 169 28.17 -24.21 0.02
CA ALA D 169 29.22 -25.23 0.12
C ALA D 169 29.90 -25.23 1.49
N THR D 170 30.39 -26.40 1.90
CA THR D 170 31.29 -26.50 3.04
C THR D 170 32.47 -27.36 2.62
N THR D 171 33.60 -27.17 3.28
CA THR D 171 34.80 -27.93 2.93
C THR D 171 35.41 -28.59 4.15
N ASP D 172 36.15 -29.68 3.95
CA ASP D 172 36.82 -30.34 5.07
C ASP D 172 38.28 -29.92 5.23
N ALA D 173 38.74 -29.05 4.33
CA ALA D 173 40.09 -28.48 4.39
C ALA D 173 40.14 -27.16 3.64
N PRO D 174 41.06 -26.26 4.04
CA PRO D 174 41.11 -24.95 3.38
C PRO D 174 41.20 -25.08 1.86
N THR D 175 40.38 -24.30 1.16
CA THR D 175 40.33 -24.38 -0.29
C THR D 175 39.90 -23.01 -0.85
N VAL D 176 39.81 -22.88 -2.17
CA VAL D 176 39.21 -21.69 -2.75
C VAL D 176 37.91 -22.11 -3.46
N VAL D 177 36.89 -21.25 -3.42
CA VAL D 177 35.60 -21.58 -4.02
C VAL D 177 35.02 -20.32 -4.66
N ASN D 178 34.54 -20.46 -5.89
CA ASN D 178 33.93 -19.33 -6.60
C ASN D 178 33.00 -19.92 -7.63
N LEU D 179 31.71 -20.03 -7.28
CA LEU D 179 30.74 -20.71 -8.13
C LEU D 179 29.89 -19.71 -8.88
N THR D 180 29.57 -20.01 -10.14
CA THR D 180 28.74 -19.09 -10.91
C THR D 180 27.95 -19.86 -11.94
N ASN D 181 26.99 -19.19 -12.56
CA ASN D 181 26.31 -19.76 -13.70
C ASN D 181 26.66 -19.01 -14.96
N HIS D 182 26.96 -19.75 -16.02
CA HIS D 182 27.53 -19.18 -17.23
C HIS D 182 26.47 -19.08 -18.33
N THR D 183 25.24 -18.82 -17.95
CA THR D 183 24.17 -18.63 -18.94
C THR D 183 24.47 -17.45 -19.87
N TYR D 184 24.29 -17.64 -21.18
CA TYR D 184 24.35 -16.53 -22.13
C TYR D 184 22.94 -16.23 -22.57
N LEU D 185 22.55 -14.96 -22.55
CA LEU D 185 21.20 -14.60 -22.93
C LEU D 185 21.14 -13.71 -24.17
N ASN D 186 20.17 -13.97 -25.03
CA ASN D 186 19.76 -13.00 -26.04
C ASN D 186 18.30 -12.76 -25.78
N LEU D 187 17.97 -11.58 -25.27
CA LEU D 187 16.61 -11.30 -24.84
C LEU D 187 15.66 -11.19 -26.05
N GLY D 188 16.23 -11.16 -27.25
CA GLY D 188 15.44 -11.14 -28.47
C GLY D 188 15.20 -12.54 -29.02
N GLY D 189 15.74 -13.54 -28.32
CA GLY D 189 15.67 -14.93 -28.76
C GLY D 189 17.04 -15.41 -29.18
N ASP D 190 17.38 -16.66 -28.86
CA ASP D 190 18.74 -17.16 -29.10
C ASP D 190 19.12 -17.21 -30.58
N GLY D 191 18.13 -17.28 -31.45
CA GLY D 191 18.38 -17.29 -32.88
C GLY D 191 18.19 -15.95 -33.56
N SER D 192 18.07 -14.87 -32.78
CA SER D 192 17.74 -13.57 -33.37
C SER D 192 18.94 -12.79 -33.91
N GLY D 193 20.13 -13.37 -33.80
CA GLY D 193 21.32 -12.68 -34.28
C GLY D 193 22.10 -12.07 -33.14
N SER D 194 22.74 -10.93 -33.40
CA SER D 194 23.62 -10.32 -32.41
C SER D 194 22.86 -9.74 -31.23
N ALA D 195 23.45 -9.84 -30.04
CA ALA D 195 22.88 -9.24 -28.86
C ALA D 195 23.54 -7.90 -28.56
N ALA D 196 24.43 -7.44 -29.45
CA ALA D 196 25.21 -6.24 -29.16
C ALA D 196 24.38 -4.95 -29.09
N GLY D 197 23.14 -5.02 -29.53
CA GLY D 197 22.24 -3.88 -29.45
C GLY D 197 21.48 -3.82 -28.14
N HIS D 198 21.62 -4.84 -27.29
CA HIS D 198 20.98 -4.80 -25.98
C HIS D 198 21.53 -3.64 -25.16
N GLU D 199 20.66 -3.00 -24.39
CA GLU D 199 21.10 -1.93 -23.50
C GLU D 199 21.45 -2.51 -22.13
N LEU D 200 22.60 -2.14 -21.60
CA LEU D 200 23.04 -2.67 -20.32
C LEU D 200 23.36 -1.55 -19.34
N ARG D 201 22.87 -1.68 -18.12
CA ARG D 201 23.35 -0.83 -17.02
C ARG D 201 23.99 -1.72 -15.97
N LEU D 202 25.16 -1.29 -15.48
CA LEU D 202 25.85 -1.99 -14.40
C LEU D 202 26.10 -1.03 -13.26
N ALA D 203 25.76 -1.44 -12.04
CA ALA D 203 26.08 -0.62 -10.87
C ALA D 203 27.52 -0.89 -10.48
N ALA D 204 28.45 -0.44 -11.32
CA ALA D 204 29.88 -0.71 -11.11
C ALA D 204 30.67 0.52 -11.53
N SER D 205 31.38 1.12 -10.58
CA SER D 205 32.15 2.33 -10.85
CA SER D 205 32.14 2.33 -10.87
C SER D 205 33.58 2.01 -11.26
N ARG D 206 33.95 0.74 -11.12
CA ARG D 206 35.31 0.29 -11.38
C ARG D 206 35.29 -1.05 -12.09
N TYR D 207 36.38 -1.37 -12.80
CA TYR D 207 36.51 -2.68 -13.43
C TYR D 207 37.93 -3.18 -13.26
N THR D 208 38.17 -4.42 -13.72
CA THR D 208 39.46 -5.06 -13.52
C THR D 208 40.19 -5.16 -14.85
N PRO D 209 41.10 -4.22 -15.13
CA PRO D 209 41.81 -4.32 -16.41
C PRO D 209 42.72 -5.55 -16.43
N VAL D 210 42.82 -6.20 -17.59
CA VAL D 210 43.57 -7.45 -17.71
C VAL D 210 44.62 -7.40 -18.83
N ASP D 211 45.56 -8.34 -18.80
CA ASP D 211 46.52 -8.46 -19.89
C ASP D 211 45.86 -9.15 -21.08
N GLY D 212 46.65 -9.51 -22.09
CA GLY D 212 46.09 -10.09 -23.30
C GLY D 212 45.45 -11.45 -23.08
N THR D 213 45.84 -12.14 -22.00
CA THR D 213 45.32 -13.48 -21.70
C THR D 213 44.29 -13.51 -20.56
N GLY D 214 43.82 -12.34 -20.16
CA GLY D 214 42.74 -12.28 -19.18
C GLY D 214 43.16 -12.33 -17.72
N ILE D 215 44.44 -12.11 -17.43
CA ILE D 215 44.90 -12.02 -16.04
C ILE D 215 44.96 -10.56 -15.62
N PRO D 216 44.31 -10.22 -14.49
CA PRO D 216 44.28 -8.82 -14.04
C PRO D 216 45.69 -8.27 -13.88
N VAL D 217 45.95 -7.08 -14.37
CA VAL D 217 47.25 -6.45 -14.19
C VAL D 217 47.37 -5.99 -12.74
N PRO D 218 48.61 -5.72 -12.27
CA PRO D 218 48.75 -5.26 -10.88
C PRO D 218 47.96 -3.98 -10.64
N GLY D 219 47.47 -3.80 -9.42
CA GLY D 219 46.79 -2.58 -9.06
C GLY D 219 45.32 -2.76 -8.73
N ALA D 220 44.77 -1.77 -8.04
CA ALA D 220 43.38 -1.78 -7.61
C ALA D 220 42.47 -1.66 -8.83
N PRO D 221 41.20 -2.07 -8.70
CA PRO D 221 40.24 -1.88 -9.79
C PRO D 221 40.26 -0.44 -10.30
N ALA D 222 40.17 -0.27 -11.61
CA ALA D 222 40.31 1.04 -12.25
C ALA D 222 38.96 1.69 -12.46
N GLU D 223 38.91 3.02 -12.39
CA GLU D 223 37.65 3.74 -12.65
C GLU D 223 37.14 3.52 -14.07
N VAL D 224 35.83 3.33 -14.22
CA VAL D 224 35.25 3.15 -15.54
C VAL D 224 35.05 4.50 -16.24
N THR D 225 35.06 5.59 -15.49
CA THR D 225 34.74 6.88 -16.09
C THR D 225 35.68 7.26 -17.24
N GLY D 226 35.10 7.73 -18.34
CA GLY D 226 35.88 8.11 -19.51
C GLY D 226 36.32 6.94 -20.38
N THR D 227 35.91 5.72 -20.00
CA THR D 227 36.32 4.53 -20.72
C THR D 227 35.15 3.81 -21.36
N ARG D 228 35.46 2.82 -22.18
CA ARG D 228 34.41 2.05 -22.83
CA ARG D 228 34.45 2.00 -22.84
C ARG D 228 33.76 1.09 -21.84
N PHE D 229 34.27 1.07 -20.61
CA PHE D 229 33.71 0.20 -19.57
C PHE D 229 32.67 0.86 -18.68
N ASP D 230 32.28 2.10 -19.02
CA ASP D 230 31.29 2.80 -18.22
C ASP D 230 29.88 2.38 -18.63
N PHE D 231 29.24 1.55 -17.80
CA PHE D 231 27.85 1.17 -18.01
C PHE D 231 26.97 1.71 -16.90
N ARG D 232 27.42 2.75 -16.20
CA ARG D 232 26.67 3.27 -15.05
C ARG D 232 25.28 3.81 -15.43
N ALA D 233 25.16 4.29 -16.65
CA ALA D 233 23.86 4.61 -17.25
C ALA D 233 23.62 3.66 -18.42
N ALA D 234 22.38 3.17 -18.56
CA ALA D 234 22.09 2.18 -19.59
C ALA D 234 22.55 2.63 -20.98
N ARG D 235 23.12 1.69 -21.73
CA ARG D 235 23.61 1.97 -23.07
C ARG D 235 23.82 0.66 -23.80
N ALA D 236 23.81 0.72 -25.12
CA ALA D 236 24.07 -0.46 -25.95
C ALA D 236 25.42 -1.06 -25.58
N VAL D 237 25.49 -2.38 -25.53
CA VAL D 237 26.75 -3.07 -25.23
C VAL D 237 27.76 -2.76 -26.32
N ALA D 238 27.34 -3.01 -27.57
CA ALA D 238 27.99 -2.49 -28.78
C ALA D 238 29.36 -3.05 -29.15
N GLY D 239 30.23 -3.22 -28.16
CA GLY D 239 31.56 -3.73 -28.41
C GLY D 239 31.80 -5.10 -27.80
N ALA D 240 33.04 -5.57 -27.92
CA ALA D 240 33.42 -6.86 -27.36
C ALA D 240 33.95 -6.70 -25.94
N TYR D 241 33.50 -7.56 -25.04
CA TYR D 241 33.97 -7.51 -23.66
C TYR D 241 34.29 -8.91 -23.16
N ASP D 242 35.27 -8.98 -22.27
CA ASP D 242 35.54 -10.19 -21.52
C ASP D 242 36.21 -9.71 -20.25
N HIS D 243 35.43 -9.03 -19.42
CA HIS D 243 35.99 -8.25 -18.34
C HIS D 243 35.17 -8.37 -17.08
N ASN D 244 35.86 -8.32 -15.94
CA ASN D 244 35.22 -8.25 -14.64
C ASN D 244 34.96 -6.81 -14.19
N PHE D 245 33.76 -6.58 -13.67
CA PHE D 245 33.39 -5.28 -13.10
C PHE D 245 33.32 -5.41 -11.59
N ALA D 246 33.83 -4.40 -10.88
CA ALA D 246 33.76 -4.40 -9.42
C ALA D 246 32.45 -3.73 -9.02
N LEU D 247 31.50 -4.54 -8.58
CA LEU D 247 30.16 -4.02 -8.29
C LEU D 247 30.22 -3.13 -7.06
N ASP D 248 29.54 -1.99 -7.14
CA ASP D 248 29.48 -1.07 -6.01
C ASP D 248 28.87 -1.77 -4.80
N GLY D 249 29.52 -1.66 -3.65
CA GLY D 249 29.05 -2.32 -2.44
C GLY D 249 29.79 -3.61 -2.11
N GLY D 250 30.52 -4.15 -3.08
CA GLY D 250 31.32 -5.35 -2.84
C GLY D 250 30.51 -6.57 -2.45
N VAL D 251 30.98 -7.35 -1.48
CA VAL D 251 30.22 -8.53 -1.06
C VAL D 251 29.07 -8.12 -0.18
N ARG D 252 27.88 -8.67 -0.43
CA ARG D 252 26.71 -8.40 0.40
C ARG D 252 26.11 -9.71 0.94
N GLU D 253 25.52 -9.68 2.12
CA GLU D 253 24.89 -10.90 2.63
C GLU D 253 23.54 -11.16 1.95
N ALA D 254 22.87 -10.09 1.52
CA ALA D 254 21.61 -10.20 0.80
C ALA D 254 21.77 -9.73 -0.64
N PRO D 255 21.07 -10.37 -1.58
CA PRO D 255 21.19 -9.94 -2.98
C PRO D 255 20.61 -8.53 -3.23
N ARG D 256 21.24 -7.78 -4.13
CA ARG D 256 20.69 -6.49 -4.55
C ARG D 256 20.87 -6.37 -6.04
N THR D 257 20.05 -5.54 -6.68
CA THR D 257 20.11 -5.37 -8.13
C THR D 257 21.43 -4.73 -8.55
N VAL D 258 22.14 -5.35 -9.48
CA VAL D 258 23.44 -4.82 -9.91
C VAL D 258 23.51 -4.62 -11.42
N ALA D 259 22.55 -5.20 -12.15
CA ALA D 259 22.56 -5.07 -13.61
C ALA D 259 21.17 -5.07 -14.19
N GLU D 260 20.96 -4.31 -15.26
CA GLU D 260 19.72 -4.36 -16.02
C GLU D 260 20.07 -4.50 -17.49
N LEU D 261 19.46 -5.48 -18.15
CA LEU D 261 19.71 -5.74 -19.57
C LEU D 261 18.38 -5.65 -20.31
N TYR D 262 18.37 -5.03 -21.49
CA TYR D 262 17.10 -4.78 -22.18
C TYR D 262 17.25 -4.89 -23.68
N ASP D 263 16.29 -5.56 -24.32
CA ASP D 263 16.26 -5.60 -25.77
C ASP D 263 15.12 -4.73 -26.27
N PRO D 264 15.44 -3.59 -26.90
CA PRO D 264 14.37 -2.70 -27.37
C PRO D 264 13.45 -3.36 -28.40
N ARG D 265 13.98 -4.30 -29.18
CA ARG D 265 13.18 -4.91 -30.25
C ARG D 265 12.01 -5.74 -29.72
N SER D 266 12.29 -6.66 -28.79
CA SER D 266 11.27 -7.55 -28.24
C SER D 266 10.61 -6.94 -27.01
N GLY D 267 11.33 -6.02 -26.37
CA GLY D 267 10.86 -5.43 -25.13
C GLY D 267 11.19 -6.25 -23.89
N ARG D 268 11.83 -7.40 -24.05
CA ARG D 268 12.20 -8.22 -22.90
C ARG D 268 13.28 -7.55 -22.05
N ALA D 269 13.13 -7.61 -20.73
CA ALA D 269 14.10 -7.01 -19.83
C ALA D 269 14.52 -7.99 -18.76
N LEU D 270 15.76 -7.84 -18.30
CA LEU D 270 16.30 -8.64 -17.23
C LEU D 270 16.87 -7.74 -16.15
N ALA D 271 16.51 -8.01 -14.90
CA ALA D 271 17.17 -7.38 -13.76
C ALA D 271 17.90 -8.47 -12.99
N LEU D 272 19.20 -8.27 -12.79
CA LEU D 272 20.05 -9.28 -12.17
C LEU D 272 20.44 -8.80 -10.77
N ALA D 273 20.17 -9.62 -9.76
CA ALA D 273 20.52 -9.28 -8.40
C ALA D 273 21.48 -10.31 -7.86
N THR D 274 22.39 -9.88 -6.99
CA THR D 274 23.40 -10.81 -6.48
C THR D 274 24.02 -10.35 -5.17
N THR D 275 24.61 -11.31 -4.48
CA THR D 275 25.39 -11.07 -3.26
C THR D 275 26.85 -10.85 -3.62
N GLU D 276 27.21 -11.20 -4.85
CA GLU D 276 28.61 -11.24 -5.28
C GLU D 276 29.21 -9.84 -5.47
N PRO D 277 30.54 -9.73 -5.37
CA PRO D 277 31.21 -8.44 -5.52
C PRO D 277 31.64 -8.13 -6.97
N GLY D 278 31.54 -9.12 -7.85
CA GLY D 278 32.03 -8.92 -9.20
C GLY D 278 31.05 -9.45 -10.23
N LEU D 279 31.20 -9.01 -11.47
CA LEU D 279 30.40 -9.50 -12.58
C LEU D 279 31.26 -9.57 -13.83
N GLN D 280 31.36 -10.77 -14.41
CA GLN D 280 32.08 -10.95 -15.68
C GLN D 280 31.11 -10.70 -16.83
N LEU D 281 31.41 -9.73 -17.67
CA LEU D 281 30.62 -9.49 -18.88
C LEU D 281 31.37 -10.13 -20.04
N TYR D 282 30.76 -11.10 -20.71
CA TYR D 282 31.41 -11.75 -21.84
C TYR D 282 30.49 -11.78 -23.05
N THR D 283 30.98 -11.25 -24.17
CA THR D 283 30.12 -11.07 -25.35
C THR D 283 30.27 -12.17 -26.40
N ALA D 284 30.78 -13.33 -26.00
CA ALA D 284 30.73 -14.55 -26.83
C ALA D 284 31.42 -14.39 -28.17
N ASP D 285 32.57 -13.73 -28.18
CA ASP D 285 33.24 -13.47 -29.45
C ASP D 285 33.89 -14.70 -30.06
N HIS D 286 34.00 -15.77 -29.28
CA HIS D 286 34.59 -17.00 -29.80
C HIS D 286 33.66 -17.72 -30.78
N LEU D 287 32.36 -17.42 -30.73
CA LEU D 287 31.39 -18.10 -31.59
C LEU D 287 31.61 -17.69 -33.06
N ASP D 288 31.49 -18.65 -33.96
CA ASP D 288 31.91 -18.45 -35.35
C ASP D 288 30.94 -19.04 -36.36
N GLY D 289 29.69 -19.19 -35.94
CA GLY D 289 28.64 -19.62 -36.84
C GLY D 289 28.63 -21.09 -37.22
N THR D 290 29.32 -21.91 -36.44
CA THR D 290 29.40 -23.34 -36.76
C THR D 290 28.55 -24.22 -35.83
N LEU D 291 28.12 -23.67 -34.70
CA LEU D 291 27.29 -24.39 -33.73
C LEU D 291 25.81 -24.04 -33.91
N THR D 292 24.99 -25.03 -34.23
CA THR D 292 23.54 -24.79 -34.35
C THR D 292 22.88 -24.96 -32.99
N GLY D 293 22.21 -23.91 -32.51
CA GLY D 293 21.61 -23.95 -31.20
C GLY D 293 20.18 -24.47 -31.12
N THR D 294 19.61 -24.30 -29.93
CA THR D 294 18.26 -24.73 -29.59
C THR D 294 17.21 -24.33 -30.63
N SER D 295 17.25 -23.08 -31.07
CA SER D 295 16.26 -22.57 -32.01
C SER D 295 16.52 -22.93 -33.47
N GLY D 296 17.62 -23.64 -33.73
CA GLY D 296 17.92 -24.11 -35.07
C GLY D 296 18.71 -23.14 -35.91
N VAL D 297 19.28 -22.13 -35.26
CA VAL D 297 20.05 -21.10 -35.93
C VAL D 297 21.51 -21.17 -35.45
N PRO D 298 22.48 -21.12 -36.38
CA PRO D 298 23.89 -21.15 -36.00
C PRO D 298 24.26 -19.91 -35.21
N TYR D 299 25.07 -20.04 -34.16
CA TYR D 299 25.40 -18.90 -33.32
C TYR D 299 26.61 -18.15 -33.85
N GLY D 300 26.40 -16.89 -34.23
CA GLY D 300 27.51 -16.03 -34.61
C GLY D 300 28.12 -15.35 -33.41
N PRO D 301 29.18 -14.55 -33.63
CA PRO D 301 29.78 -13.85 -32.50
C PRO D 301 28.76 -12.89 -31.85
N ALA D 302 28.80 -12.77 -30.53
CA ALA D 302 27.82 -12.00 -29.77
C ALA D 302 26.38 -12.47 -29.92
N ALA D 303 26.19 -13.75 -30.22
CA ALA D 303 24.84 -14.32 -30.29
C ALA D 303 24.08 -14.17 -28.97
N GLY D 304 24.82 -14.13 -27.87
CA GLY D 304 24.22 -13.89 -26.57
C GLY D 304 25.27 -13.30 -25.65
N LEU D 305 24.84 -12.84 -24.48
CA LEU D 305 25.72 -12.17 -23.53
C LEU D 305 25.72 -12.94 -22.23
N ALA D 306 26.90 -13.22 -21.69
CA ALA D 306 26.97 -13.84 -20.37
C ALA D 306 27.32 -12.79 -19.33
N LEU D 307 26.50 -12.71 -18.28
CA LEU D 307 26.75 -11.87 -17.12
C LEU D 307 26.95 -12.82 -15.95
N GLU D 308 28.19 -13.05 -15.55
CA GLU D 308 28.45 -14.06 -14.54
C GLU D 308 28.82 -13.41 -13.22
N THR D 309 27.99 -13.61 -12.20
CA THR D 309 28.27 -13.00 -10.91
C THR D 309 29.34 -13.85 -10.22
N GLN D 310 30.32 -13.19 -9.60
CA GLN D 310 31.51 -13.93 -9.20
C GLN D 310 32.40 -13.08 -8.30
N HIS D 311 33.37 -13.73 -7.67
CA HIS D 311 34.52 -13.01 -7.12
C HIS D 311 35.52 -12.77 -8.27
N PHE D 312 36.47 -11.86 -8.07
CA PHE D 312 37.30 -11.36 -9.18
C PHE D 312 38.23 -12.43 -9.75
N PRO D 313 38.59 -12.33 -11.04
CA PRO D 313 39.55 -13.25 -11.68
C PRO D 313 40.88 -13.28 -10.94
N ASP D 314 41.49 -14.46 -10.85
CA ASP D 314 42.80 -14.64 -10.22
C ASP D 314 42.85 -14.29 -8.73
N SER D 315 41.71 -14.30 -8.05
CA SER D 315 41.70 -14.03 -6.60
C SER D 315 42.66 -14.89 -5.76
N PRO D 316 42.79 -16.20 -6.06
CA PRO D 316 43.75 -16.99 -5.26
C PRO D 316 45.22 -16.52 -5.36
N ASN D 317 45.53 -15.66 -6.33
CA ASN D 317 46.89 -15.08 -6.44
C ASN D 317 46.90 -13.57 -6.16
N ARG D 318 45.76 -13.05 -5.72
CA ARG D 318 45.60 -11.62 -5.46
C ARG D 318 44.94 -11.38 -4.11
N PRO D 319 45.74 -11.31 -3.04
CA PRO D 319 45.17 -11.17 -1.70
C PRO D 319 44.51 -9.80 -1.49
N ASP D 320 44.68 -8.88 -2.43
CA ASP D 320 43.99 -7.60 -2.33
C ASP D 320 42.52 -7.68 -2.78
N PHE D 321 42.15 -8.77 -3.43
CA PHE D 321 40.77 -8.95 -3.91
C PHE D 321 39.95 -9.64 -2.80
N PRO D 322 38.62 -9.48 -2.84
CA PRO D 322 37.78 -10.17 -1.84
C PRO D 322 38.08 -11.67 -1.78
N SER D 323 38.32 -12.18 -0.58
CA SER D 323 38.83 -13.54 -0.42
C SER D 323 37.88 -14.59 -0.97
N THR D 324 38.45 -15.61 -1.62
CA THR D 324 37.67 -16.76 -2.09
C THR D 324 38.03 -18.00 -1.29
N VAL D 325 38.76 -17.81 -0.19
CA VAL D 325 39.14 -18.95 0.64
C VAL D 325 37.95 -19.44 1.49
N LEU D 326 37.80 -20.75 1.61
CA LEU D 326 36.81 -21.34 2.51
C LEU D 326 37.53 -22.32 3.41
N ARG D 327 37.21 -22.29 4.70
CA ARG D 327 37.89 -23.15 5.66
C ARG D 327 36.87 -24.02 6.42
N PRO D 328 37.35 -25.11 7.05
CA PRO D 328 36.42 -25.96 7.81
C PRO D 328 35.65 -25.17 8.85
N GLY D 329 34.36 -25.46 9.00
CA GLY D 329 33.52 -24.77 9.97
C GLY D 329 32.79 -23.58 9.38
N GLU D 330 33.25 -23.12 8.23
CA GLU D 330 32.64 -21.97 7.55
C GLU D 330 31.60 -22.40 6.52
N SER D 331 30.74 -21.47 6.13
CA SER D 331 29.74 -21.74 5.10
C SER D 331 29.92 -20.80 3.94
N TYR D 332 29.98 -21.36 2.73
CA TYR D 332 30.00 -20.54 1.53
C TYR D 332 28.56 -20.43 1.05
N ARG D 333 28.14 -19.21 0.73
CA ARG D 333 26.80 -19.02 0.19
C ARG D 333 26.82 -17.90 -0.83
N SER D 334 26.21 -18.14 -1.98
CA SER D 334 26.07 -17.10 -2.99
C SER D 334 24.67 -17.17 -3.56
N GLU D 335 24.11 -16.01 -3.92
CA GLU D 335 22.75 -15.99 -4.43
C GLU D 335 22.64 -14.99 -5.58
N THR D 336 22.08 -15.44 -6.69
CA THR D 336 21.88 -14.58 -7.85
C THR D 336 20.46 -14.75 -8.34
N VAL D 337 19.79 -13.65 -8.66
CA VAL D 337 18.39 -13.69 -9.08
C VAL D 337 18.26 -13.05 -10.45
N TYR D 338 17.63 -13.78 -11.38
CA TYR D 338 17.40 -13.30 -12.74
C TYR D 338 15.92 -12.98 -12.85
N ALA D 339 15.57 -11.69 -12.80
CA ALA D 339 14.16 -11.29 -12.83
C ALA D 339 13.78 -10.74 -14.20
N PHE D 340 12.82 -11.39 -14.85
CA PHE D 340 12.45 -11.02 -16.21
C PHE D 340 11.17 -10.21 -16.23
N SER D 341 11.07 -9.29 -17.18
CA SER D 341 9.88 -8.46 -17.31
C SER D 341 9.87 -7.89 -18.72
N VAL D 342 8.93 -7.00 -19.01
CA VAL D 342 8.91 -6.36 -20.32
C VAL D 342 8.80 -4.83 -20.20
N ARG D 343 9.21 -4.14 -21.25
CA ARG D 343 8.98 -2.70 -21.38
C ARG D 343 8.27 -2.44 -22.70
#